data_9VPU
#
_entry.id   9VPU
#
_cell.length_a   140.052
_cell.length_b   146.329
_cell.length_c   65.619
_cell.angle_alpha   90.00
_cell.angle_beta   90.00
_cell.angle_gamma   90.00
#
_symmetry.space_group_name_H-M   'P 21 21 2'
#
loop_
_entity.id
_entity.type
_entity.pdbx_description
1 polymer 'Dihydroorotate dehydrogenase (fumarate)'
2 non-polymer 1-DEOXY-1-(7,8-DIMETHYL-2,4-DIOXO-3,4-DIHYDRO-2H-BENZO[G]PTERIDIN-1-ID-10(5H)-YL)-5-O-PHOSPHONATO-D-RIBITOL
3 non-polymer '(4S)-2,6-DIOXOHEXAHYDROPYRIMIDINE-4-CARBOXYLIC ACID'
4 non-polymer 'MALONATE ION'
5 water water
#
_entity_poly.entity_id   1
_entity_poly.type   'polypeptide(L)'
_entity_poly.pdbx_seq_one_letter_code
;GPGSMSLKVNILGHEFSNPFMNAAGVLCTTEEDLRRMTESESGSLIGKSCTLAPRTGNPEPRYFGLPLGSINSMGLPNLG
VDFYLSYAAQTHDYSRKPLFLSMSGLSVEESVEMVKKLVPITKEKGTILELNLSAPNVPGKPQVGYDFDTTRTYLQKVSE
AYGLPFGVKMPPYFDIAHFDMAAAVLNDFPLVKFITCVNSIGNGLVIDPANETVVIKPKQGFGGLGGKYVLPTALANVNA
FFRRCPDKLVFGCGGVYSGEEAFLHILAGASMVQVGTALHDEGPIIFARLNKELQEIMTNKGYKTLDEFRGRVKTMD
;
_entity_poly.pdbx_strand_id   A,B,C,D
#
loop_
_chem_comp.id
_chem_comp.type
_chem_comp.name
_chem_comp.formula
DOR non-polymer '(4S)-2,6-DIOXOHEXAHYDROPYRIMIDINE-4-CARBOXYLIC ACID' 'C5 H6 N2 O4'
FNR non-polymer 1-DEOXY-1-(7,8-DIMETHYL-2,4-DIOXO-3,4-DIHYDRO-2H-BENZO[G]PTERIDIN-1-ID-10(5H)-YL)-5-O-PHOSPHONATO-D-RIBITOL 'C17 H23 N4 O9 P'
MLI non-polymer 'MALONATE ION' 'C3 H2 O4 -2'
#
# COMPACT_ATOMS: atom_id res chain seq x y z
N PRO A 2 -22.58 -0.06 30.87
CA PRO A 2 -22.18 0.95 29.84
C PRO A 2 -21.54 2.16 30.52
N GLY A 3 -20.54 2.75 29.86
CA GLY A 3 -19.78 3.85 30.42
C GLY A 3 -18.53 3.40 31.17
N SER A 4 -18.31 2.08 31.25
CA SER A 4 -17.18 1.50 31.98
C SER A 4 -16.45 0.48 31.11
N MET A 5 -15.12 0.36 31.29
CA MET A 5 -14.33 -0.56 30.49
C MET A 5 -14.71 -1.99 30.86
N SER A 6 -15.03 -2.80 29.83
CA SER A 6 -15.41 -4.20 30.04
C SER A 6 -14.98 -5.05 28.85
N LEU A 7 -14.60 -6.31 29.12
CA LEU A 7 -14.30 -7.29 28.10
C LEU A 7 -15.46 -8.29 27.93
N LYS A 8 -16.63 -7.94 28.48
CA LYS A 8 -17.77 -8.85 28.54
C LYS A 8 -18.35 -9.11 27.15
N VAL A 9 -18.92 -10.32 26.98
CA VAL A 9 -19.53 -10.78 25.74
C VAL A 9 -20.84 -11.48 26.10
N ASN A 10 -21.88 -11.32 25.27
CA ASN A 10 -23.16 -12.00 25.46
C ASN A 10 -23.46 -12.95 24.30
N ILE A 11 -23.91 -14.17 24.64
CA ILE A 11 -24.28 -15.17 23.64
C ILE A 11 -25.53 -15.90 24.11
N LEU A 12 -26.64 -15.71 23.38
CA LEU A 12 -27.95 -16.26 23.72
C LEU A 12 -28.19 -16.19 25.23
N GLY A 13 -28.15 -14.98 25.80
CA GLY A 13 -28.44 -14.79 27.21
C GLY A 13 -27.20 -14.85 28.10
N HIS A 14 -26.34 -15.88 27.93
CA HIS A 14 -25.16 -16.06 28.76
C HIS A 14 -24.26 -14.81 28.70
N GLU A 15 -23.70 -14.41 29.84
CA GLU A 15 -22.71 -13.32 29.89
C GLU A 15 -21.33 -13.91 30.16
N PHE A 16 -20.35 -13.57 29.32
CA PHE A 16 -18.97 -14.04 29.49
C PHE A 16 -18.12 -12.88 30.02
N SER A 17 -17.18 -13.18 30.92
CA SER A 17 -16.31 -12.18 31.54
C SER A 17 -15.36 -11.54 30.52
N ASN A 18 -14.94 -12.31 29.50
CA ASN A 18 -14.00 -11.84 28.49
C ASN A 18 -14.14 -12.73 27.26
N PRO A 19 -13.64 -12.34 26.06
CA PRO A 19 -13.83 -13.13 24.84
C PRO A 19 -12.99 -14.40 24.72
N PHE A 20 -12.08 -14.65 25.67
CA PHE A 20 -11.01 -15.62 25.45
C PHE A 20 -11.41 -17.01 25.96
N MET A 21 -10.97 -18.02 25.19
CA MET A 21 -11.11 -19.41 25.58
C MET A 21 -10.00 -20.20 24.89
N ASN A 22 -9.80 -21.46 25.29
CA ASN A 22 -8.90 -22.35 24.58
C ASN A 22 -9.53 -22.71 23.24
N ALA A 23 -8.69 -22.93 22.24
CA ALA A 23 -9.09 -23.63 21.01
C ALA A 23 -9.28 -25.10 21.36
N ALA A 24 -10.29 -25.76 20.77
CA ALA A 24 -10.52 -27.16 21.04
C ALA A 24 -9.25 -27.95 20.77
N GLY A 25 -8.97 -28.96 21.62
CA GLY A 25 -7.80 -29.81 21.46
C GLY A 25 -6.59 -29.37 22.29
N VAL A 26 -6.60 -28.12 22.79
CA VAL A 26 -5.50 -27.61 23.57
C VAL A 26 -5.96 -27.39 25.01
N LEU A 27 -5.28 -28.09 25.93
CA LEU A 27 -5.51 -28.03 27.36
C LEU A 27 -6.98 -28.30 27.69
N CYS A 28 -7.51 -29.46 27.27
CA CYS A 28 -8.93 -29.74 27.46
C CYS A 28 -9.28 -31.22 27.23
N THR A 29 -8.30 -32.13 27.34
CA THR A 29 -8.52 -33.55 27.08
C THR A 29 -8.88 -34.29 28.38
N THR A 30 -8.22 -33.97 29.49
CA THR A 30 -8.41 -34.69 30.75
C THR A 30 -9.13 -33.78 31.75
N GLU A 31 -9.61 -34.39 32.85
CA GLU A 31 -10.21 -33.65 33.94
C GLU A 31 -9.23 -32.57 34.43
N GLU A 32 -7.95 -32.92 34.57
CA GLU A 32 -6.94 -31.98 35.04
C GLU A 32 -6.81 -30.79 34.10
N ASP A 33 -6.80 -31.05 32.78
CA ASP A 33 -6.73 -29.99 31.78
C ASP A 33 -7.90 -29.02 31.95
N LEU A 34 -9.10 -29.59 32.05
CA LEU A 34 -10.34 -28.83 32.16
C LEU A 34 -10.39 -28.02 33.46
N ARG A 35 -9.87 -28.57 34.57
CA ARG A 35 -9.76 -27.84 35.82
C ARG A 35 -8.86 -26.63 35.64
N ARG A 36 -7.69 -26.80 35.00
CA ARG A 36 -6.75 -25.70 34.83
C ARG A 36 -7.36 -24.60 33.96
N MET A 37 -8.09 -24.99 32.89
CA MET A 37 -8.81 -24.02 32.08
C MET A 37 -9.86 -23.30 32.94
N THR A 38 -10.64 -24.05 33.75
CA THR A 38 -11.67 -23.46 34.61
C THR A 38 -11.04 -22.47 35.60
N GLU A 39 -9.86 -22.81 36.16
CA GLU A 39 -9.17 -21.97 37.13
C GLU A 39 -8.54 -20.72 36.50
N SER A 40 -8.29 -20.74 35.18
CA SER A 40 -7.65 -19.63 34.50
C SER A 40 -8.59 -18.42 34.43
N GLU A 41 -8.07 -17.30 33.91
CA GLU A 41 -8.83 -16.08 33.72
C GLU A 41 -9.67 -16.10 32.44
N SER A 42 -9.76 -17.25 31.76
CA SER A 42 -10.48 -17.37 30.51
C SER A 42 -11.98 -17.11 30.70
N GLY A 43 -12.61 -16.44 29.74
CA GLY A 43 -14.05 -16.25 29.75
C GLY A 43 -14.81 -17.57 29.60
N SER A 44 -14.24 -18.54 28.88
CA SER A 44 -14.83 -19.86 28.78
C SER A 44 -13.76 -20.90 28.45
N LEU A 45 -14.21 -22.12 28.14
CA LEU A 45 -13.34 -23.23 27.77
C LEU A 45 -14.16 -24.20 26.93
N ILE A 46 -13.48 -25.06 26.18
CA ILE A 46 -14.14 -26.06 25.37
C ILE A 46 -13.40 -27.38 25.53
N GLY A 47 -14.14 -28.49 25.61
CA GLY A 47 -13.57 -29.82 25.72
C GLY A 47 -12.96 -30.28 24.39
N LYS A 48 -12.02 -31.23 24.48
CA LYS A 48 -11.41 -31.89 23.32
C LYS A 48 -12.50 -32.48 22.42
N SER A 49 -12.34 -32.32 21.11
CA SER A 49 -13.21 -32.97 20.13
C SER A 49 -13.28 -34.47 20.45
N CYS A 50 -14.45 -34.97 20.83
CA CYS A 50 -14.60 -36.33 21.30
C CYS A 50 -15.29 -37.21 20.26
N THR A 51 -15.18 -38.53 20.48
CA THR A 51 -15.82 -39.55 19.66
C THR A 51 -16.62 -40.45 20.61
N LEU A 52 -17.49 -41.30 20.06
CA LEU A 52 -18.41 -42.10 20.85
C LEU A 52 -17.62 -42.99 21.82
N ALA A 53 -16.60 -43.69 21.29
CA ALA A 53 -15.66 -44.47 22.08
C ALA A 53 -14.36 -43.70 22.27
N PRO A 54 -13.57 -44.01 23.33
CA PRO A 54 -12.27 -43.39 23.54
C PRO A 54 -11.30 -43.62 22.38
N ARG A 55 -10.33 -42.72 22.22
CA ARG A 55 -9.25 -42.89 21.27
C ARG A 55 -7.94 -42.48 21.93
N THR A 56 -6.84 -43.18 21.59
CA THR A 56 -5.51 -42.80 22.05
C THR A 56 -4.79 -41.93 21.00
N GLY A 57 -5.29 -41.91 19.75
CA GLY A 57 -4.76 -41.05 18.70
C GLY A 57 -3.58 -41.69 17.96
N ASN A 58 -2.82 -40.86 17.22
CA ASN A 58 -1.76 -41.31 16.33
C ASN A 58 -0.48 -41.58 17.11
N PRO A 59 0.48 -42.35 16.54
CA PRO A 59 1.79 -42.58 17.15
C PRO A 59 2.71 -41.35 17.16
N GLU A 60 3.76 -41.41 17.98
CA GLU A 60 4.69 -40.30 18.23
C GLU A 60 5.90 -40.28 17.30
N PRO A 61 6.52 -39.11 17.02
CA PRO A 61 6.00 -37.80 17.42
C PRO A 61 4.84 -37.32 16.55
N ARG A 62 3.85 -36.65 17.16
CA ARG A 62 2.63 -36.24 16.47
C ARG A 62 2.35 -34.75 16.69
N TYR A 63 3.27 -34.06 17.38
CA TYR A 63 3.22 -32.62 17.58
C TYR A 63 4.65 -32.08 17.46
N PHE A 64 4.82 -30.95 16.75
CA PHE A 64 6.12 -30.29 16.65
C PHE A 64 5.95 -28.78 16.69
N GLY A 65 6.60 -28.14 17.68
CA GLY A 65 6.62 -26.70 17.82
C GLY A 65 7.57 -26.08 16.80
N LEU A 66 7.12 -24.99 16.16
CA LEU A 66 7.89 -24.31 15.13
C LEU A 66 8.09 -22.85 15.52
N PRO A 67 9.13 -22.18 14.98
CA PRO A 67 9.29 -20.74 15.14
C PRO A 67 8.01 -19.94 14.87
N LEU A 68 7.27 -20.34 13.82
CA LEU A 68 6.12 -19.59 13.36
C LEU A 68 4.80 -20.25 13.77
N GLY A 69 4.83 -21.30 14.60
CA GLY A 69 3.60 -21.91 15.09
C GLY A 69 3.77 -23.38 15.45
N SER A 70 2.93 -24.25 14.86
CA SER A 70 2.90 -25.66 15.19
C SER A 70 2.45 -26.49 13.99
N ILE A 71 2.83 -27.78 13.99
CA ILE A 71 2.23 -28.79 13.12
C ILE A 71 1.82 -29.96 14.02
N ASN A 72 0.61 -30.48 13.82
CA ASN A 72 0.11 -31.56 14.65
C ASN A 72 -0.62 -32.58 13.78
N SER A 73 -0.50 -33.86 14.17
CA SER A 73 -1.40 -34.90 13.72
C SER A 73 -1.83 -35.73 14.93
N MET A 74 -2.55 -35.11 15.88
CA MET A 74 -2.85 -35.77 17.14
C MET A 74 -3.69 -37.04 16.93
N GLY A 75 -4.69 -36.97 16.04
CA GLY A 75 -5.53 -38.11 15.67
C GLY A 75 -6.71 -38.30 16.62
N LEU A 76 -7.20 -37.19 17.18
CA LEU A 76 -8.36 -37.12 18.06
C LEU A 76 -8.21 -38.03 19.27
N PRO A 77 -7.10 -37.93 20.05
CA PRO A 77 -7.03 -38.59 21.35
C PRO A 77 -8.12 -38.02 22.26
N ASN A 78 -9.00 -38.88 22.80
CA ASN A 78 -10.05 -38.39 23.68
C ASN A 78 -10.56 -39.54 24.57
N LEU A 79 -11.15 -39.16 25.72
CA LEU A 79 -11.60 -40.12 26.71
C LEU A 79 -13.00 -40.65 26.42
N GLY A 80 -13.58 -40.26 25.26
CA GLY A 80 -14.88 -40.75 24.86
C GLY A 80 -15.99 -39.83 25.39
N VAL A 81 -17.12 -39.79 24.68
CA VAL A 81 -18.15 -38.79 24.93
C VAL A 81 -18.69 -38.91 26.36
N ASP A 82 -18.75 -40.13 26.89
CA ASP A 82 -19.30 -40.34 28.23
C ASP A 82 -18.50 -39.54 29.26
N PHE A 83 -17.17 -39.47 29.08
CA PHE A 83 -16.33 -38.74 30.01
C PHE A 83 -16.65 -37.24 29.96
N TYR A 84 -16.79 -36.68 28.76
CA TYR A 84 -17.01 -35.25 28.59
C TYR A 84 -18.40 -34.88 29.12
N LEU A 85 -19.38 -35.76 28.92
CA LEU A 85 -20.74 -35.54 29.39
C LEU A 85 -20.78 -35.55 30.92
N SER A 86 -20.07 -36.50 31.55
CA SER A 86 -20.01 -36.57 33.01
C SER A 86 -19.35 -35.31 33.55
N TYR A 87 -18.30 -34.85 32.87
CA TYR A 87 -17.61 -33.63 33.28
C TYR A 87 -18.59 -32.46 33.27
N ALA A 88 -19.31 -32.30 32.16
CA ALA A 88 -20.29 -31.23 31.98
C ALA A 88 -21.43 -31.33 33.00
N ALA A 89 -21.87 -32.56 33.32
CA ALA A 89 -23.07 -32.79 34.12
C ALA A 89 -22.77 -32.64 35.62
N GLN A 90 -21.59 -33.08 36.06
CA GLN A 90 -21.29 -33.26 37.48
C GLN A 90 -20.12 -32.37 37.94
N THR A 91 -19.06 -32.28 37.13
CA THR A 91 -17.78 -31.77 37.60
C THR A 91 -17.62 -30.27 37.35
N HIS A 92 -17.97 -29.79 36.14
CA HIS A 92 -17.66 -28.41 35.76
C HIS A 92 -18.34 -27.42 36.71
N ASP A 93 -17.60 -26.36 37.06
CA ASP A 93 -18.08 -25.27 37.91
C ASP A 93 -18.60 -24.13 37.04
N TYR A 94 -19.91 -24.14 36.80
CA TYR A 94 -20.55 -23.19 35.90
C TYR A 94 -20.61 -21.78 36.49
N SER A 95 -20.38 -21.65 37.80
CA SER A 95 -20.31 -20.34 38.44
C SER A 95 -19.04 -19.60 38.00
N ARG A 96 -17.99 -20.35 37.65
CA ARG A 96 -16.74 -19.78 37.15
C ARG A 96 -16.94 -19.27 35.73
N LYS A 97 -17.45 -20.14 34.84
CA LYS A 97 -17.61 -19.76 33.43
C LYS A 97 -18.45 -20.78 32.69
N PRO A 98 -19.08 -20.41 31.54
CA PRO A 98 -19.82 -21.35 30.71
C PRO A 98 -18.91 -22.42 30.13
N LEU A 99 -19.49 -23.56 29.72
CA LEU A 99 -18.71 -24.66 29.15
C LEU A 99 -19.21 -25.01 27.76
N PHE A 100 -18.26 -25.20 26.83
CA PHE A 100 -18.53 -25.77 25.52
C PHE A 100 -17.96 -27.18 25.44
N LEU A 101 -18.62 -28.06 24.67
CA LEU A 101 -18.04 -29.36 24.30
C LEU A 101 -17.92 -29.42 22.78
N SER A 102 -16.75 -29.86 22.29
CA SER A 102 -16.55 -30.15 20.88
C SER A 102 -16.84 -31.62 20.62
N MET A 103 -17.63 -31.92 19.58
CA MET A 103 -17.90 -33.30 19.19
C MET A 103 -17.48 -33.53 17.74
N SER A 104 -16.77 -34.64 17.53
CA SER A 104 -16.19 -34.99 16.24
C SER A 104 -16.44 -36.46 15.95
N GLY A 105 -17.72 -36.85 15.89
CA GLY A 105 -18.08 -38.18 15.43
C GLY A 105 -17.53 -38.41 14.02
N LEU A 106 -17.00 -39.61 13.76
CA LEU A 106 -16.36 -39.89 12.49
C LEU A 106 -17.38 -40.26 11.40
N SER A 107 -18.67 -40.31 11.76
CA SER A 107 -19.77 -40.53 10.82
C SER A 107 -20.97 -39.72 11.29
N VAL A 108 -21.95 -39.49 10.41
CA VAL A 108 -23.19 -38.83 10.81
C VAL A 108 -23.90 -39.69 11.87
N GLU A 109 -23.83 -41.02 11.72
CA GLU A 109 -24.47 -41.95 12.62
C GLU A 109 -23.90 -41.76 14.04
N GLU A 110 -22.58 -41.70 14.15
CA GLU A 110 -21.89 -41.51 15.42
C GLU A 110 -22.26 -40.16 16.04
N SER A 111 -22.28 -39.10 15.22
CA SER A 111 -22.60 -37.75 15.66
C SER A 111 -24.01 -37.67 16.25
N VAL A 112 -24.99 -38.27 15.55
CA VAL A 112 -26.38 -38.30 16.00
C VAL A 112 -26.46 -38.91 17.41
N GLU A 113 -25.79 -40.04 17.61
CA GLU A 113 -25.86 -40.75 18.89
C GLU A 113 -25.26 -39.88 20.00
N MET A 114 -24.13 -39.23 19.70
CA MET A 114 -23.44 -38.39 20.67
C MET A 114 -24.29 -37.19 21.09
N VAL A 115 -24.84 -36.45 20.10
CA VAL A 115 -25.55 -35.21 20.38
C VAL A 115 -26.86 -35.50 21.13
N LYS A 116 -27.53 -36.63 20.84
CA LYS A 116 -28.72 -37.05 21.58
C LYS A 116 -28.44 -37.10 23.09
N LYS A 117 -27.27 -37.62 23.47
CA LYS A 117 -26.88 -37.71 24.87
C LYS A 117 -26.62 -36.33 25.49
N LEU A 118 -26.21 -35.34 24.68
CA LEU A 118 -25.92 -34.01 25.22
C LEU A 118 -27.21 -33.29 25.63
N VAL A 119 -28.33 -33.59 24.97
CA VAL A 119 -29.57 -32.81 25.07
C VAL A 119 -29.93 -32.59 26.54
N PRO A 120 -30.11 -33.66 27.37
CA PRO A 120 -30.48 -33.48 28.78
C PRO A 120 -29.55 -32.54 29.54
N ILE A 121 -28.25 -32.65 29.25
CA ILE A 121 -27.25 -31.88 29.97
C ILE A 121 -27.26 -30.43 29.51
N THR A 122 -27.50 -30.16 28.22
CA THR A 122 -27.64 -28.77 27.79
C THR A 122 -28.82 -28.15 28.53
N LYS A 123 -29.97 -28.83 28.53
CA LYS A 123 -31.16 -28.35 29.21
C LYS A 123 -30.86 -28.10 30.69
N GLU A 124 -30.22 -29.06 31.37
CA GLU A 124 -29.96 -28.97 32.80
C GLU A 124 -28.92 -27.88 33.11
N LYS A 125 -27.78 -27.88 32.40
CA LYS A 125 -26.62 -27.09 32.81
C LYS A 125 -26.28 -25.92 31.87
N GLY A 126 -26.75 -25.93 30.63
CA GLY A 126 -26.41 -24.87 29.68
C GLY A 126 -25.17 -25.17 28.83
N THR A 127 -24.70 -26.42 28.85
CA THR A 127 -23.51 -26.82 28.11
C THR A 127 -23.72 -26.56 26.61
N ILE A 128 -22.75 -25.88 25.96
CA ILE A 128 -22.90 -25.48 24.55
C ILE A 128 -22.11 -26.43 23.65
N LEU A 129 -22.71 -26.78 22.49
CA LEU A 129 -22.13 -27.71 21.53
C LEU A 129 -21.38 -26.96 20.42
N GLU A 130 -20.15 -27.40 20.13
CA GLU A 130 -19.41 -27.03 18.93
C GLU A 130 -19.20 -28.31 18.13
N LEU A 131 -19.87 -28.40 16.97
CA LEU A 131 -19.77 -29.54 16.09
C LEU A 131 -18.52 -29.39 15.24
N ASN A 132 -17.58 -30.36 15.31
CA ASN A 132 -16.32 -30.24 14.60
C ASN A 132 -16.48 -30.82 13.19
N LEU A 133 -16.44 -29.95 12.16
CA LEU A 133 -16.55 -30.41 10.77
C LEU A 133 -15.23 -30.22 10.03
N SER A 134 -14.08 -30.27 10.73
CA SER A 134 -12.82 -29.88 10.10
C SER A 134 -11.57 -30.60 10.63
N ALA A 135 -11.72 -31.76 11.28
CA ALA A 135 -10.59 -32.54 11.75
C ALA A 135 -9.77 -33.03 10.57
N PRO A 136 -8.49 -32.60 10.38
CA PRO A 136 -7.71 -32.97 9.20
C PRO A 136 -6.71 -34.13 9.36
N ASN A 137 -6.70 -34.81 10.52
CA ASN A 137 -5.62 -35.74 10.87
C ASN A 137 -6.15 -37.14 11.14
N VAL A 138 -7.31 -37.48 10.59
CA VAL A 138 -7.85 -38.83 10.69
C VAL A 138 -7.58 -39.51 9.35
N PRO A 139 -6.61 -40.44 9.28
CA PRO A 139 -6.34 -41.14 8.03
C PRO A 139 -7.63 -41.67 7.40
N GLY A 140 -7.92 -41.27 6.15
CA GLY A 140 -9.04 -41.80 5.40
C GLY A 140 -10.36 -41.02 5.57
N LYS A 141 -10.38 -39.99 6.42
CA LYS A 141 -11.59 -39.18 6.61
C LYS A 141 -11.31 -37.73 6.21
N PRO A 142 -11.75 -37.28 5.00
CA PRO A 142 -11.59 -35.89 4.59
C PRO A 142 -12.28 -34.89 5.52
N GLN A 143 -11.81 -33.64 5.53
CA GLN A 143 -12.47 -32.60 6.31
C GLN A 143 -13.91 -32.51 5.78
N VAL A 144 -14.90 -32.75 6.64
CA VAL A 144 -16.30 -32.76 6.22
C VAL A 144 -16.67 -31.44 5.55
N GLY A 145 -16.19 -30.32 6.11
CA GLY A 145 -16.52 -28.98 5.67
C GLY A 145 -16.04 -28.65 4.25
N TYR A 146 -15.22 -29.51 3.64
CA TYR A 146 -14.83 -29.32 2.25
C TYR A 146 -15.79 -30.05 1.29
N ASP A 147 -16.82 -30.72 1.83
CA ASP A 147 -17.87 -31.34 1.03
C ASP A 147 -19.23 -30.81 1.49
N PHE A 148 -19.85 -29.94 0.69
CA PHE A 148 -21.05 -29.22 1.12
C PHE A 148 -22.25 -30.15 1.20
N ASP A 149 -22.29 -31.24 0.41
CA ASP A 149 -23.35 -32.22 0.53
C ASP A 149 -23.26 -32.92 1.88
N THR A 150 -22.06 -33.41 2.24
CA THR A 150 -21.88 -34.09 3.51
C THR A 150 -22.14 -33.13 4.67
N THR A 151 -21.65 -31.89 4.55
CA THR A 151 -21.85 -30.88 5.58
C THR A 151 -23.35 -30.69 5.82
N ARG A 152 -24.14 -30.57 4.74
CA ARG A 152 -25.58 -30.36 4.84
C ARG A 152 -26.22 -31.53 5.59
N THR A 153 -25.75 -32.76 5.34
CA THR A 153 -26.26 -33.96 6.00
C THR A 153 -26.00 -33.89 7.51
N TYR A 154 -24.75 -33.60 7.93
CA TYR A 154 -24.42 -33.50 9.34
C TYR A 154 -25.31 -32.47 10.02
N LEU A 155 -25.47 -31.30 9.37
CA LEU A 155 -26.20 -30.20 9.97
C LEU A 155 -27.69 -30.53 10.08
N GLN A 156 -28.24 -31.23 9.08
CA GLN A 156 -29.63 -31.67 9.09
C GLN A 156 -29.86 -32.63 10.25
N LYS A 157 -29.04 -33.68 10.32
CA LYS A 157 -29.27 -34.78 11.25
C LYS A 157 -29.03 -34.32 12.68
N VAL A 158 -28.01 -33.47 12.89
CA VAL A 158 -27.70 -32.95 14.21
C VAL A 158 -28.80 -31.97 14.63
N SER A 159 -29.31 -31.13 13.71
CA SER A 159 -30.43 -30.25 14.01
C SER A 159 -31.65 -31.06 14.46
N GLU A 160 -31.94 -32.17 13.77
CA GLU A 160 -33.08 -33.01 14.09
C GLU A 160 -32.88 -33.70 15.45
N ALA A 161 -31.69 -34.26 15.69
CA ALA A 161 -31.41 -35.04 16.88
C ALA A 161 -31.21 -34.16 18.11
N TYR A 162 -30.45 -33.08 17.96
CA TYR A 162 -30.06 -32.23 19.07
C TYR A 162 -31.19 -31.24 19.37
N GLY A 163 -31.60 -30.48 18.34
CA GLY A 163 -32.77 -29.63 18.43
C GLY A 163 -32.58 -28.33 19.24
N LEU A 164 -31.34 -28.02 19.65
CA LEU A 164 -31.03 -26.82 20.41
C LEU A 164 -29.97 -26.01 19.68
N PRO A 165 -29.84 -24.69 19.94
CA PRO A 165 -28.77 -23.89 19.34
C PRO A 165 -27.40 -24.54 19.52
N PHE A 166 -26.60 -24.57 18.45
CA PHE A 166 -25.25 -25.12 18.50
C PHE A 166 -24.37 -24.33 17.52
N GLY A 167 -23.06 -24.64 17.52
CA GLY A 167 -22.11 -24.00 16.64
C GLY A 167 -21.32 -25.04 15.84
N VAL A 168 -20.54 -24.56 14.87
CA VAL A 168 -19.76 -25.40 13.98
C VAL A 168 -18.32 -24.89 13.91
N LYS A 169 -17.35 -25.82 13.96
CA LYS A 169 -15.94 -25.53 13.73
C LYS A 169 -15.61 -25.81 12.27
N MET A 170 -15.31 -24.75 11.51
CA MET A 170 -15.14 -24.83 10.07
C MET A 170 -13.66 -24.96 9.69
N PRO A 171 -13.35 -25.65 8.56
CA PRO A 171 -12.01 -25.63 8.00
C PRO A 171 -11.78 -24.26 7.39
N PRO A 172 -10.52 -23.79 7.18
CA PRO A 172 -10.31 -22.57 6.43
C PRO A 172 -10.68 -22.74 4.96
N TYR A 173 -11.33 -21.73 4.37
CA TYR A 173 -11.59 -21.69 2.93
C TYR A 173 -10.69 -20.62 2.31
N PHE A 174 -10.42 -20.77 0.99
CA PHE A 174 -9.42 -19.96 0.30
C PHE A 174 -9.95 -19.42 -1.02
N ASP A 175 -11.27 -19.50 -1.23
CA ASP A 175 -11.91 -19.20 -2.51
C ASP A 175 -13.26 -18.55 -2.21
N ILE A 176 -13.55 -17.43 -2.90
CA ILE A 176 -14.78 -16.66 -2.64
C ILE A 176 -16.00 -17.54 -2.90
N ALA A 177 -15.95 -18.39 -3.93
CA ALA A 177 -17.07 -19.28 -4.23
C ALA A 177 -17.33 -20.20 -3.04
N HIS A 178 -16.27 -20.62 -2.36
CA HIS A 178 -16.39 -21.51 -1.21
C HIS A 178 -17.03 -20.80 -0.02
N PHE A 179 -16.66 -19.53 0.21
CA PHE A 179 -17.33 -18.72 1.24
C PHE A 179 -18.83 -18.67 0.97
N ASP A 180 -19.21 -18.40 -0.29
CA ASP A 180 -20.60 -18.27 -0.69
C ASP A 180 -21.35 -19.57 -0.43
N MET A 181 -20.78 -20.71 -0.86
CA MET A 181 -21.44 -22.01 -0.72
C MET A 181 -21.53 -22.41 0.74
N ALA A 182 -20.47 -22.20 1.53
CA ALA A 182 -20.49 -22.57 2.94
C ALA A 182 -21.57 -21.77 3.68
N ALA A 183 -21.62 -20.45 3.42
CA ALA A 183 -22.60 -19.59 4.06
C ALA A 183 -24.02 -20.01 3.68
N ALA A 184 -24.23 -20.36 2.40
CA ALA A 184 -25.53 -20.77 1.91
C ALA A 184 -26.03 -22.00 2.66
N VAL A 185 -25.12 -22.95 2.94
CA VAL A 185 -25.47 -24.15 3.69
C VAL A 185 -25.81 -23.76 5.13
N LEU A 186 -24.93 -23.00 5.78
CA LEU A 186 -25.07 -22.65 7.19
C LEU A 186 -26.35 -21.84 7.39
N ASN A 187 -26.63 -20.91 6.47
CA ASN A 187 -27.83 -20.08 6.52
C ASN A 187 -29.12 -20.91 6.38
N ASP A 188 -29.04 -22.18 5.98
CA ASP A 188 -30.22 -23.04 5.92
C ASP A 188 -30.53 -23.70 7.26
N PHE A 189 -29.68 -23.49 8.28
CA PHE A 189 -29.86 -24.13 9.57
C PHE A 189 -29.95 -23.08 10.66
N PRO A 190 -31.18 -22.68 11.05
CA PRO A 190 -31.40 -21.69 12.11
C PRO A 190 -30.80 -22.06 13.46
N LEU A 191 -30.63 -23.36 13.73
CA LEU A 191 -30.07 -23.79 15.01
C LEU A 191 -28.57 -23.50 15.06
N VAL A 192 -27.90 -23.32 13.92
CA VAL A 192 -26.48 -22.94 13.95
C VAL A 192 -26.37 -21.46 14.30
N LYS A 193 -25.97 -21.16 15.55
CA LYS A 193 -25.95 -19.78 16.03
C LYS A 193 -24.53 -19.23 16.16
N PHE A 194 -23.49 -20.07 16.00
CA PHE A 194 -22.13 -19.55 15.92
C PHE A 194 -21.28 -20.41 14.96
N ILE A 195 -20.27 -19.75 14.37
CA ILE A 195 -19.34 -20.34 13.42
C ILE A 195 -17.92 -20.05 13.94
N THR A 196 -17.15 -21.12 14.21
CA THR A 196 -15.77 -20.95 14.63
C THR A 196 -14.84 -21.10 13.43
N CYS A 197 -14.13 -19.99 13.13
CA CYS A 197 -13.19 -19.85 12.03
C CYS A 197 -11.81 -19.53 12.60
N VAL A 198 -10.82 -20.42 12.48
CA VAL A 198 -10.79 -21.63 11.66
C VAL A 198 -10.10 -22.76 12.42
N ASN A 199 -10.29 -23.99 11.92
CA ASN A 199 -9.45 -25.13 12.32
CA ASN A 199 -9.46 -25.12 12.32
C ASN A 199 -8.08 -24.94 11.69
N SER A 200 -7.14 -25.84 11.98
CA SER A 200 -5.79 -25.77 11.44
C SER A 200 -5.80 -25.82 9.92
N ILE A 201 -4.78 -25.21 9.29
CA ILE A 201 -4.57 -25.30 7.86
C ILE A 201 -4.06 -26.71 7.55
N GLY A 202 -4.90 -27.52 6.88
CA GLY A 202 -4.72 -28.96 6.83
C GLY A 202 -3.54 -29.39 5.96
N ASN A 203 -2.90 -30.51 6.37
CA ASN A 203 -1.99 -31.26 5.52
C ASN A 203 -0.82 -30.41 5.00
N GLY A 204 -0.21 -29.63 5.90
CA GLY A 204 1.13 -29.08 5.68
C GLY A 204 2.21 -30.14 5.91
N LEU A 205 3.43 -29.84 5.45
CA LEU A 205 4.56 -30.74 5.58
C LEU A 205 5.78 -29.94 6.05
N VAL A 206 6.37 -30.37 7.19
CA VAL A 206 7.60 -29.81 7.72
C VAL A 206 8.71 -30.86 7.63
N ILE A 207 9.86 -30.45 7.07
CA ILE A 207 11.02 -31.30 6.87
C ILE A 207 12.22 -30.66 7.57
N ASP A 208 13.02 -31.47 8.27
CA ASP A 208 14.25 -31.00 8.90
C ASP A 208 15.39 -31.08 7.89
N PRO A 209 16.02 -29.95 7.50
CA PRO A 209 17.16 -29.99 6.58
C PRO A 209 18.37 -30.76 7.12
N ALA A 210 18.53 -30.79 8.45
CA ALA A 210 19.65 -31.47 9.08
C ALA A 210 19.63 -32.98 8.78
N ASN A 211 18.47 -33.64 8.94
CA ASN A 211 18.41 -35.09 8.77
C ASN A 211 17.55 -35.51 7.58
N GLU A 212 17.05 -34.56 6.79
CA GLU A 212 16.30 -34.86 5.57
C GLU A 212 15.05 -35.68 5.86
N THR A 213 14.46 -35.47 7.05
CA THR A 213 13.37 -36.29 7.56
C THR A 213 12.23 -35.37 8.00
N VAL A 214 10.99 -35.80 7.74
CA VAL A 214 9.80 -35.15 8.28
C VAL A 214 9.89 -35.15 9.80
N VAL A 215 9.14 -34.24 10.47
CA VAL A 215 9.24 -34.04 11.90
C VAL A 215 8.09 -34.70 12.67
N ILE A 216 7.05 -35.17 11.97
CA ILE A 216 5.99 -35.94 12.61
C ILE A 216 5.83 -37.28 11.89
N LYS A 217 5.36 -38.29 12.64
CA LYS A 217 5.36 -39.68 12.20
C LYS A 217 4.10 -40.00 11.37
N PRO A 218 2.87 -39.64 11.79
CA PRO A 218 1.68 -40.02 11.06
C PRO A 218 1.61 -39.40 9.67
N LYS A 219 0.93 -40.09 8.74
CA LYS A 219 0.59 -39.57 7.42
C LYS A 219 1.79 -39.01 6.66
N GLN A 220 2.95 -39.70 6.75
CA GLN A 220 4.13 -39.35 5.98
C GLN A 220 4.57 -37.92 6.27
N GLY A 221 4.27 -37.44 7.48
CA GLY A 221 4.72 -36.13 7.94
C GLY A 221 3.68 -35.02 7.79
N PHE A 222 2.52 -35.32 7.19
CA PHE A 222 1.51 -34.32 6.89
C PHE A 222 0.70 -34.03 8.14
N GLY A 223 0.48 -32.75 8.45
CA GLY A 223 -0.22 -32.38 9.66
C GLY A 223 -0.82 -30.99 9.56
N GLY A 224 -1.69 -30.66 10.51
CA GLY A 224 -2.35 -29.36 10.54
C GLY A 224 -1.44 -28.28 11.13
N LEU A 225 -1.46 -27.09 10.51
CA LEU A 225 -0.66 -25.94 10.88
C LEU A 225 -1.49 -25.00 11.75
N GLY A 226 -0.89 -24.59 12.87
CA GLY A 226 -1.43 -23.54 13.74
C GLY A 226 -0.40 -22.44 13.97
N GLY A 227 -0.85 -21.34 14.58
CA GLY A 227 0.01 -20.25 15.02
C GLY A 227 0.10 -19.14 13.96
N LYS A 228 1.29 -18.54 13.83
CA LYS A 228 1.48 -17.34 13.03
C LYS A 228 1.15 -17.61 11.56
N TYR A 229 1.33 -18.86 11.11
CA TYR A 229 1.00 -19.26 9.75
C TYR A 229 -0.44 -18.93 9.36
N VAL A 230 -1.38 -18.94 10.33
CA VAL A 230 -2.78 -18.98 9.98
C VAL A 230 -3.50 -17.65 10.21
N LEU A 231 -2.82 -16.60 10.69
CA LEU A 231 -3.53 -15.39 11.13
C LEU A 231 -4.30 -14.77 9.96
N PRO A 232 -3.69 -14.38 8.82
CA PRO A 232 -4.44 -13.78 7.72
C PRO A 232 -5.59 -14.66 7.22
N THR A 233 -5.36 -15.98 7.14
CA THR A 233 -6.38 -16.92 6.73
C THR A 233 -7.56 -16.86 7.70
N ALA A 234 -7.26 -16.84 9.01
CA ALA A 234 -8.28 -16.86 10.03
C ALA A 234 -9.12 -15.58 9.96
N LEU A 235 -8.46 -14.42 9.84
CA LEU A 235 -9.15 -13.15 9.81
C LEU A 235 -10.11 -13.08 8.62
N ALA A 236 -9.66 -13.58 7.46
CA ALA A 236 -10.46 -13.59 6.24
C ALA A 236 -11.71 -14.44 6.44
N ASN A 237 -11.55 -15.63 7.05
CA ASN A 237 -12.67 -16.52 7.27
C ASN A 237 -13.66 -15.88 8.25
N VAL A 238 -13.15 -15.31 9.35
CA VAL A 238 -13.97 -14.62 10.32
C VAL A 238 -14.79 -13.53 9.62
N ASN A 239 -14.12 -12.68 8.82
CA ASN A 239 -14.78 -11.54 8.18
C ASN A 239 -15.78 -12.00 7.12
N ALA A 240 -15.39 -13.01 6.33
CA ALA A 240 -16.24 -13.54 5.28
C ALA A 240 -17.57 -14.07 5.86
N PHE A 241 -17.50 -14.82 6.97
CA PHE A 241 -18.70 -15.39 7.57
C PHE A 241 -19.48 -14.34 8.37
N PHE A 242 -18.78 -13.37 8.97
CA PHE A 242 -19.43 -12.28 9.70
C PHE A 242 -20.41 -11.56 8.78
N ARG A 243 -19.97 -11.27 7.55
CA ARG A 243 -20.79 -10.53 6.59
C ARG A 243 -21.89 -11.42 5.98
N ARG A 244 -21.59 -12.69 5.69
CA ARG A 244 -22.51 -13.58 5.00
C ARG A 244 -23.56 -14.21 5.93
N CYS A 245 -23.30 -14.25 7.24
CA CYS A 245 -24.20 -14.88 8.20
C CYS A 245 -24.55 -13.90 9.32
N PRO A 246 -25.29 -12.80 9.03
CA PRO A 246 -25.54 -11.73 9.99
C PRO A 246 -26.32 -12.11 11.25
N ASP A 247 -27.16 -13.16 11.17
CA ASP A 247 -27.99 -13.62 12.28
C ASP A 247 -27.24 -14.65 13.14
N LYS A 248 -25.97 -14.86 12.84
CA LYS A 248 -25.15 -15.83 13.56
C LYS A 248 -23.93 -15.11 14.13
N LEU A 249 -23.35 -15.70 15.19
CA LEU A 249 -22.10 -15.16 15.75
C LEU A 249 -20.92 -15.85 15.08
N VAL A 250 -19.75 -15.18 15.09
CA VAL A 250 -18.53 -15.80 14.60
C VAL A 250 -17.51 -15.81 15.75
N PHE A 251 -16.89 -16.97 15.98
CA PHE A 251 -15.76 -17.08 16.89
C PHE A 251 -14.48 -17.10 16.05
N GLY A 252 -13.48 -16.34 16.47
CA GLY A 252 -12.20 -16.31 15.79
C GLY A 252 -11.23 -17.31 16.43
N CYS A 253 -10.48 -18.02 15.58
CA CYS A 253 -9.48 -18.96 16.03
C CYS A 253 -8.37 -19.00 14.99
N GLY A 254 -7.14 -18.68 15.43
CA GLY A 254 -5.96 -18.81 14.57
C GLY A 254 -5.01 -17.63 14.76
N GLY A 255 -3.77 -17.92 15.19
CA GLY A 255 -2.68 -16.96 15.18
C GLY A 255 -2.68 -15.98 16.36
N VAL A 256 -3.48 -16.24 17.40
CA VAL A 256 -3.58 -15.31 18.51
C VAL A 256 -2.43 -15.58 19.48
N TYR A 257 -1.49 -14.63 19.59
CA TYR A 257 -0.38 -14.70 20.54
C TYR A 257 -0.41 -13.54 21.51
N SER A 258 -1.26 -12.53 21.26
CA SER A 258 -1.25 -11.30 22.02
C SER A 258 -2.56 -10.55 21.86
N GLY A 259 -2.74 -9.50 22.68
CA GLY A 259 -3.86 -8.58 22.59
C GLY A 259 -4.05 -8.03 21.17
N GLU A 260 -2.94 -7.80 20.47
CA GLU A 260 -3.00 -7.26 19.11
C GLU A 260 -3.80 -8.17 18.17
N GLU A 261 -3.49 -9.47 18.19
CA GLU A 261 -4.17 -10.42 17.30
C GLU A 261 -5.63 -10.59 17.72
N ALA A 262 -5.88 -10.57 19.03
CA ALA A 262 -7.25 -10.66 19.55
C ALA A 262 -8.07 -9.46 19.09
N PHE A 263 -7.45 -8.28 19.13
CA PHE A 263 -8.04 -7.04 18.65
C PHE A 263 -8.44 -7.14 17.17
N LEU A 264 -7.54 -7.66 16.31
CA LEU A 264 -7.80 -7.85 14.89
C LEU A 264 -8.95 -8.82 14.63
N HIS A 265 -8.99 -9.96 15.36
CA HIS A 265 -10.07 -10.92 15.25
C HIS A 265 -11.42 -10.24 15.52
N ILE A 266 -11.48 -9.42 16.57
CA ILE A 266 -12.72 -8.76 16.95
C ILE A 266 -13.10 -7.70 15.92
N LEU A 267 -12.12 -6.92 15.43
CA LEU A 267 -12.32 -5.99 14.32
C LEU A 267 -12.99 -6.70 13.15
N ALA A 268 -12.54 -7.93 12.88
CA ALA A 268 -12.98 -8.70 11.74
C ALA A 268 -14.40 -9.24 11.96
N GLY A 269 -14.84 -9.35 13.23
CA GLY A 269 -16.20 -9.74 13.54
C GLY A 269 -16.35 -10.76 14.69
N ALA A 270 -15.24 -11.23 15.28
CA ALA A 270 -15.27 -12.26 16.30
C ALA A 270 -15.99 -11.80 17.57
N SER A 271 -16.84 -12.69 18.10
CA SER A 271 -17.45 -12.54 19.42
C SER A 271 -16.52 -13.10 20.49
N MET A 272 -16.15 -14.37 20.36
CA MET A 272 -15.15 -15.02 21.19
C MET A 272 -13.87 -15.23 20.38
N VAL A 273 -12.74 -15.33 21.08
CA VAL A 273 -11.41 -15.48 20.51
C VAL A 273 -10.75 -16.70 21.16
N GLN A 274 -10.44 -17.72 20.35
CA GLN A 274 -9.86 -18.96 20.83
C GLN A 274 -8.35 -18.96 20.60
N VAL A 275 -7.63 -19.64 21.50
CA VAL A 275 -6.18 -19.65 21.53
C VAL A 275 -5.71 -21.11 21.59
N GLY A 276 -4.95 -21.53 20.58
CA GLY A 276 -4.44 -22.88 20.48
C GLY A 276 -2.93 -22.94 20.72
N THR A 277 -2.15 -22.75 19.65
CA THR A 277 -0.69 -22.91 19.66
C THR A 277 -0.05 -22.11 20.80
N ALA A 278 -0.40 -20.82 20.92
CA ALA A 278 0.19 -19.93 21.93
C ALA A 278 -0.10 -20.44 23.34
N LEU A 279 -1.29 -21.04 23.53
CA LEU A 279 -1.69 -21.62 24.81
C LEU A 279 -0.90 -22.90 25.08
N HIS A 280 -0.65 -23.69 24.04
CA HIS A 280 0.16 -24.90 24.15
C HIS A 280 1.57 -24.53 24.63
N ASP A 281 2.12 -23.44 24.09
CA ASP A 281 3.44 -22.93 24.41
C ASP A 281 3.50 -22.39 25.84
N GLU A 282 2.55 -21.52 26.21
CA GLU A 282 2.70 -20.64 27.36
C GLU A 282 1.95 -21.16 28.59
N GLY A 283 0.91 -21.98 28.40
CA GLY A 283 0.08 -22.45 29.50
C GLY A 283 -1.01 -21.43 29.85
N PRO A 284 -1.94 -21.79 30.76
CA PRO A 284 -3.12 -20.97 31.03
C PRO A 284 -2.87 -19.56 31.56
N ILE A 285 -1.63 -19.24 31.97
CA ILE A 285 -1.30 -17.87 32.36
C ILE A 285 -1.54 -16.91 31.21
N ILE A 286 -1.56 -17.41 29.96
CA ILE A 286 -1.71 -16.55 28.80
C ILE A 286 -3.01 -15.74 28.87
N PHE A 287 -4.07 -16.31 29.45
CA PHE A 287 -5.38 -15.65 29.47
C PHE A 287 -5.30 -14.37 30.30
N ALA A 288 -4.53 -14.40 31.39
CA ALA A 288 -4.32 -13.22 32.22
C ALA A 288 -3.61 -12.14 31.42
N ARG A 289 -2.58 -12.53 30.64
CA ARG A 289 -1.83 -11.61 29.80
C ARG A 289 -2.71 -11.03 28.70
N LEU A 290 -3.55 -11.86 28.05
CA LEU A 290 -4.36 -11.42 26.93
C LEU A 290 -5.42 -10.40 27.40
N ASN A 291 -6.05 -10.65 28.56
CA ASN A 291 -7.00 -9.73 29.16
C ASN A 291 -6.37 -8.35 29.35
N LYS A 292 -5.16 -8.32 29.94
CA LYS A 292 -4.39 -7.10 30.15
C LYS A 292 -4.07 -6.40 28.83
N GLU A 293 -3.55 -7.15 27.84
CA GLU A 293 -3.08 -6.55 26.59
C GLU A 293 -4.25 -5.97 25.78
N LEU A 294 -5.38 -6.68 25.77
CA LEU A 294 -6.54 -6.22 25.00
C LEU A 294 -7.04 -4.93 25.63
N GLN A 295 -7.12 -4.89 26.97
CA GLN A 295 -7.52 -3.70 27.71
C GLN A 295 -6.59 -2.51 27.41
N GLU A 296 -5.27 -2.78 27.30
CA GLU A 296 -4.30 -1.74 26.97
C GLU A 296 -4.60 -1.11 25.61
N ILE A 297 -4.85 -1.94 24.58
CA ILE A 297 -5.08 -1.44 23.23
C ILE A 297 -6.36 -0.62 23.21
N MET A 298 -7.39 -1.10 23.91
CA MET A 298 -8.70 -0.45 23.94
C MET A 298 -8.54 0.95 24.56
N THR A 299 -7.87 1.02 25.72
CA THR A 299 -7.51 2.27 26.38
C THR A 299 -6.84 3.22 25.39
N ASN A 300 -5.83 2.74 24.65
CA ASN A 300 -5.10 3.58 23.72
C ASN A 300 -6.02 4.11 22.60
N LYS A 301 -7.08 3.37 22.26
CA LYS A 301 -7.93 3.74 21.12
C LYS A 301 -9.22 4.42 21.56
N GLY A 302 -9.46 4.49 22.88
CA GLY A 302 -10.65 5.11 23.43
C GLY A 302 -11.90 4.24 23.28
N TYR A 303 -11.74 2.92 23.39
CA TYR A 303 -12.86 1.99 23.41
C TYR A 303 -13.02 1.45 24.83
N LYS A 304 -14.27 1.34 25.30
CA LYS A 304 -14.56 0.82 26.62
C LYS A 304 -15.10 -0.61 26.55
N THR A 305 -15.80 -0.94 25.46
CA THR A 305 -16.37 -2.27 25.26
C THR A 305 -15.97 -2.81 23.88
N LEU A 306 -16.09 -4.13 23.72
CA LEU A 306 -15.82 -4.79 22.45
C LEU A 306 -16.89 -4.41 21.42
N ASP A 307 -18.09 -4.06 21.91
CA ASP A 307 -19.21 -3.69 21.05
C ASP A 307 -18.89 -2.43 20.24
N GLU A 308 -17.92 -1.64 20.72
CA GLU A 308 -17.53 -0.42 20.01
C GLU A 308 -16.74 -0.72 18.74
N PHE A 309 -16.03 -1.86 18.65
CA PHE A 309 -15.17 -2.11 17.51
C PHE A 309 -15.40 -3.48 16.85
N ARG A 310 -16.22 -4.36 17.43
CA ARG A 310 -16.51 -5.67 16.83
C ARG A 310 -17.07 -5.47 15.42
N GLY A 311 -16.36 -6.03 14.43
CA GLY A 311 -16.83 -6.04 13.06
C GLY A 311 -16.67 -4.69 12.36
N ARG A 312 -15.90 -3.77 12.96
CA ARG A 312 -15.76 -2.41 12.43
C ARG A 312 -14.48 -2.26 11.61
N VAL A 313 -13.89 -3.38 11.14
CA VAL A 313 -12.74 -3.30 10.26
C VAL A 313 -13.10 -2.38 9.07
N LYS A 314 -12.18 -1.48 8.72
CA LYS A 314 -12.39 -0.53 7.63
C LYS A 314 -11.80 -1.05 6.32
N THR A 315 -12.59 -0.96 5.23
CA THR A 315 -12.16 -1.25 3.87
C THR A 315 -11.94 0.06 3.12
N MET A 316 -11.34 0.00 1.92
CA MET A 316 -10.99 1.18 1.13
C MET A 316 -11.87 1.30 -0.14
N MET B 5 30.49 -31.25 -8.41
CA MET B 5 29.34 -30.46 -7.89
C MET B 5 28.58 -29.81 -9.04
N SER B 6 27.25 -29.94 -9.05
CA SER B 6 26.44 -29.46 -10.16
C SER B 6 25.03 -29.12 -9.69
N LEU B 7 24.54 -27.93 -10.05
CA LEU B 7 23.17 -27.50 -9.82
C LEU B 7 22.31 -27.74 -11.06
N LYS B 8 22.85 -28.42 -12.08
CA LYS B 8 22.18 -28.48 -13.37
C LYS B 8 20.92 -29.33 -13.29
N VAL B 9 19.91 -28.94 -14.07
CA VAL B 9 18.66 -29.67 -14.24
C VAL B 9 18.44 -29.86 -15.74
N ASN B 10 18.47 -31.11 -16.18
CA ASN B 10 18.22 -31.48 -17.56
C ASN B 10 16.80 -32.04 -17.65
N ILE B 11 15.86 -31.23 -18.17
CA ILE B 11 14.46 -31.63 -18.31
C ILE B 11 13.89 -31.00 -19.59
N LEU B 12 12.98 -31.74 -20.23
CA LEU B 12 12.24 -31.30 -21.41
C LEU B 12 13.20 -30.95 -22.55
N GLY B 13 14.38 -31.57 -22.55
CA GLY B 13 15.38 -31.34 -23.59
C GLY B 13 16.34 -30.19 -23.26
N HIS B 14 16.01 -29.37 -22.27
CA HIS B 14 16.79 -28.19 -21.95
C HIS B 14 17.80 -28.48 -20.85
N GLU B 15 18.90 -27.70 -20.83
CA GLU B 15 19.88 -27.77 -19.76
C GLU B 15 19.81 -26.49 -18.94
N PHE B 16 19.18 -26.55 -17.77
CA PHE B 16 19.07 -25.43 -16.86
C PHE B 16 20.34 -25.40 -16.00
N SER B 17 21.01 -24.24 -15.93
CA SER B 17 22.24 -24.07 -15.16
C SER B 17 22.02 -24.36 -13.69
N ASN B 18 20.82 -24.04 -13.21
CA ASN B 18 20.46 -24.24 -11.81
C ASN B 18 18.93 -24.36 -11.75
N PRO B 19 18.35 -24.82 -10.63
CA PRO B 19 16.90 -25.00 -10.51
C PRO B 19 16.07 -23.72 -10.37
N PHE B 20 16.71 -22.54 -10.28
CA PHE B 20 15.99 -21.36 -9.82
C PHE B 20 15.40 -20.57 -10.99
N MET B 21 14.19 -20.03 -10.74
CA MET B 21 13.53 -19.11 -11.64
C MET B 21 12.63 -18.20 -10.80
N ASN B 22 12.14 -17.12 -11.43
CA ASN B 22 11.11 -16.28 -10.81
C ASN B 22 9.80 -17.08 -10.76
N ALA B 23 8.97 -16.77 -9.75
CA ALA B 23 7.58 -17.18 -9.72
C ALA B 23 6.81 -16.30 -10.70
N ALA B 24 5.83 -16.88 -11.40
CA ALA B 24 5.07 -16.08 -12.35
C ALA B 24 4.46 -14.89 -11.64
N GLY B 25 4.50 -13.73 -12.31
CA GLY B 25 3.96 -12.49 -11.77
C GLY B 25 5.00 -11.59 -11.11
N VAL B 26 6.18 -12.14 -10.78
CA VAL B 26 7.22 -11.38 -10.10
C VAL B 26 8.38 -11.14 -11.09
N LEU B 27 8.66 -9.84 -11.35
CA LEU B 27 9.72 -9.40 -12.25
C LEU B 27 9.59 -10.04 -13.64
N CYS B 28 8.43 -9.88 -14.28
CA CYS B 28 8.22 -10.54 -15.57
C CYS B 28 7.06 -9.97 -16.37
N THR B 29 6.66 -8.72 -16.10
CA THR B 29 5.48 -8.12 -16.75
C THR B 29 5.90 -7.33 -18.00
N THR B 30 6.98 -6.54 -17.89
CA THR B 30 7.47 -5.65 -18.95
C THR B 30 8.70 -6.25 -19.62
N GLU B 31 9.09 -5.65 -20.76
CA GLU B 31 10.30 -6.05 -21.44
C GLU B 31 11.52 -5.88 -20.52
N GLU B 32 11.57 -4.77 -19.79
CA GLU B 32 12.67 -4.46 -18.88
C GLU B 32 12.76 -5.52 -17.79
N ASP B 33 11.61 -5.92 -17.21
CA ASP B 33 11.53 -7.00 -16.23
C ASP B 33 12.19 -8.27 -16.77
N LEU B 34 11.74 -8.68 -17.96
CA LEU B 34 12.18 -9.93 -18.57
C LEU B 34 13.67 -9.89 -18.90
N ARG B 35 14.17 -8.72 -19.34
CA ARG B 35 15.59 -8.52 -19.59
C ARG B 35 16.38 -8.72 -18.29
N ARG B 36 15.90 -8.12 -17.19
CA ARG B 36 16.60 -8.23 -15.91
C ARG B 36 16.63 -9.67 -15.42
N MET B 37 15.53 -10.42 -15.62
CA MET B 37 15.50 -11.85 -15.27
C MET B 37 16.49 -12.64 -16.14
N THR B 38 16.55 -12.32 -17.44
CA THR B 38 17.46 -12.99 -18.36
C THR B 38 18.91 -12.72 -17.95
N GLU B 39 19.21 -11.49 -17.53
CA GLU B 39 20.57 -11.11 -17.14
C GLU B 39 20.97 -11.69 -15.78
N SER B 40 19.99 -12.06 -14.94
CA SER B 40 20.23 -12.61 -13.61
C SER B 40 20.96 -13.96 -13.68
N GLU B 41 21.34 -14.48 -12.51
CA GLU B 41 21.97 -15.79 -12.40
C GLU B 41 20.93 -16.92 -12.34
N SER B 42 19.64 -16.62 -12.59
CA SER B 42 18.58 -17.64 -12.54
C SER B 42 18.81 -18.68 -13.64
N GLY B 43 18.36 -19.91 -13.39
CA GLY B 43 18.43 -20.98 -14.38
C GLY B 43 17.38 -20.82 -15.48
N SER B 44 16.28 -20.12 -15.16
CA SER B 44 15.25 -19.81 -16.14
C SER B 44 14.44 -18.59 -15.70
N LEU B 45 13.35 -18.32 -16.45
CA LEU B 45 12.42 -17.25 -16.14
C LEU B 45 11.05 -17.62 -16.73
N ILE B 46 10.00 -17.00 -16.18
CA ILE B 46 8.64 -17.16 -16.69
C ILE B 46 7.96 -15.79 -16.82
N GLY B 47 7.21 -15.59 -17.92
CA GLY B 47 6.44 -14.37 -18.13
C GLY B 47 5.23 -14.27 -17.21
N LYS B 48 4.79 -13.03 -16.93
CA LYS B 48 3.56 -12.75 -16.20
C LYS B 48 2.40 -13.53 -16.81
N SER B 49 1.50 -14.06 -15.97
CA SER B 49 0.29 -14.73 -16.45
C SER B 49 -0.50 -13.77 -17.34
N CYS B 50 -0.68 -14.10 -18.63
CA CYS B 50 -1.22 -13.16 -19.61
C CYS B 50 -2.65 -13.52 -20.01
N THR B 51 -3.32 -12.55 -20.67
CA THR B 51 -4.68 -12.69 -21.21
C THR B 51 -4.65 -12.29 -22.69
N LEU B 52 -5.71 -12.64 -23.44
CA LEU B 52 -5.74 -12.41 -24.89
C LEU B 52 -5.50 -10.93 -25.19
N ALA B 53 -6.21 -10.07 -24.45
CA ALA B 53 -6.04 -8.63 -24.52
C ALA B 53 -5.33 -8.10 -23.28
N PRO B 54 -4.69 -6.90 -23.36
CA PRO B 54 -4.05 -6.28 -22.20
C PRO B 54 -5.00 -6.06 -21.03
N ARG B 55 -4.46 -6.06 -19.80
CA ARG B 55 -5.21 -5.70 -18.60
C ARG B 55 -4.35 -4.77 -17.75
N THR B 56 -5.00 -3.82 -17.06
CA THR B 56 -4.31 -2.92 -16.13
C THR B 56 -4.42 -3.44 -14.70
N GLY B 57 -5.37 -4.35 -14.45
CA GLY B 57 -5.48 -5.05 -13.18
C GLY B 57 -6.37 -4.31 -12.19
N ASN B 58 -6.25 -4.68 -10.90
CA ASN B 58 -7.10 -4.17 -9.84
C ASN B 58 -6.64 -2.79 -9.37
N PRO B 59 -7.54 -2.01 -8.73
CA PRO B 59 -7.16 -0.74 -8.14
C PRO B 59 -6.15 -0.87 -7.00
N GLU B 60 -5.41 0.22 -6.75
CA GLU B 60 -4.38 0.30 -5.72
C GLU B 60 -4.94 0.77 -4.38
N PRO B 61 -4.28 0.49 -3.23
CA PRO B 61 -3.13 -0.42 -3.16
C PRO B 61 -3.51 -1.88 -3.36
N ARG B 62 -2.65 -2.66 -4.04
CA ARG B 62 -2.95 -4.04 -4.34
C ARG B 62 -1.79 -4.99 -4.01
N TYR B 63 -0.73 -4.46 -3.39
CA TYR B 63 0.39 -5.27 -2.90
C TYR B 63 0.84 -4.69 -1.55
N PHE B 64 1.14 -5.58 -0.59
CA PHE B 64 1.66 -5.13 0.70
C PHE B 64 2.67 -6.14 1.20
N GLY B 65 3.90 -5.67 1.47
CA GLY B 65 4.97 -6.47 2.05
C GLY B 65 4.73 -6.62 3.54
N LEU B 66 4.92 -7.84 4.05
CA LEU B 66 4.67 -8.17 5.45
C LEU B 66 5.95 -8.74 6.06
N PRO B 67 6.13 -8.69 7.40
CA PRO B 67 7.24 -9.38 8.04
C PRO B 67 7.38 -10.85 7.62
N LEU B 68 6.26 -11.56 7.43
CA LEU B 68 6.31 -13.00 7.13
C LEU B 68 6.03 -13.30 5.67
N GLY B 69 5.91 -12.27 4.81
CA GLY B 69 5.78 -12.48 3.38
C GLY B 69 5.07 -11.33 2.67
N SER B 70 3.95 -11.63 1.99
CA SER B 70 3.26 -10.65 1.16
C SER B 70 1.77 -10.98 1.05
N ILE B 71 0.95 -9.95 0.78
CA ILE B 71 -0.42 -10.12 0.30
C ILE B 71 -0.57 -9.31 -0.99
N ASN B 72 -1.25 -9.88 -2.00
CA ASN B 72 -1.42 -9.19 -3.28
C ASN B 72 -2.83 -9.47 -3.83
N SER B 73 -3.39 -8.46 -4.50
CA SER B 73 -4.54 -8.64 -5.37
C SER B 73 -4.28 -7.92 -6.70
N MET B 74 -3.26 -8.36 -7.43
CA MET B 74 -2.77 -7.61 -8.58
C MET B 74 -3.88 -7.53 -9.64
N GLY B 75 -4.55 -8.65 -9.90
CA GLY B 75 -5.68 -8.74 -10.82
C GLY B 75 -5.25 -8.96 -12.27
N LEU B 76 -4.15 -9.70 -12.45
CA LEU B 76 -3.59 -10.10 -13.73
C LEU B 76 -3.27 -8.90 -14.63
N PRO B 77 -2.57 -7.84 -14.15
CA PRO B 77 -2.04 -6.82 -15.05
C PRO B 77 -1.04 -7.40 -16.03
N ASN B 78 -1.25 -7.19 -17.33
CA ASN B 78 -0.36 -7.76 -18.34
C ASN B 78 -0.52 -7.02 -19.66
N LEU B 79 0.50 -7.13 -20.53
CA LEU B 79 0.54 -6.42 -21.80
C LEU B 79 -0.15 -7.19 -22.92
N GLY B 80 -0.80 -8.31 -22.60
CA GLY B 80 -1.53 -9.11 -23.57
C GLY B 80 -0.62 -10.17 -24.20
N VAL B 81 -1.22 -11.25 -24.71
CA VAL B 81 -0.49 -12.42 -25.19
C VAL B 81 0.45 -12.04 -26.34
N ASP B 82 0.05 -11.10 -27.21
CA ASP B 82 0.86 -10.72 -28.36
C ASP B 82 2.22 -10.17 -27.93
N PHE B 83 2.26 -9.40 -26.84
CA PHE B 83 3.51 -8.85 -26.33
C PHE B 83 4.45 -9.98 -25.89
N TYR B 84 3.93 -10.95 -25.13
CA TYR B 84 4.75 -12.02 -24.56
C TYR B 84 5.18 -12.99 -25.67
N LEU B 85 4.31 -13.27 -26.63
CA LEU B 85 4.66 -14.09 -27.77
C LEU B 85 5.76 -13.41 -28.57
N SER B 86 5.60 -12.10 -28.80
CA SER B 86 6.56 -11.29 -29.51
C SER B 86 7.92 -11.32 -28.79
N TYR B 87 7.92 -11.16 -27.46
CA TYR B 87 9.12 -11.33 -26.65
C TYR B 87 9.75 -12.70 -26.88
N ALA B 88 8.91 -13.76 -26.87
CA ALA B 88 9.39 -15.14 -27.01
C ALA B 88 9.95 -15.42 -28.41
N ALA B 89 9.35 -14.81 -29.44
CA ALA B 89 9.69 -15.06 -30.83
C ALA B 89 10.94 -14.28 -31.28
N GLN B 90 11.13 -13.05 -30.78
CA GLN B 90 12.09 -12.11 -31.35
C GLN B 90 13.13 -11.63 -30.35
N THR B 91 12.76 -11.43 -29.07
CA THR B 91 13.61 -10.69 -28.15
C THR B 91 14.44 -11.64 -27.29
N HIS B 92 13.83 -12.68 -26.71
CA HIS B 92 14.50 -13.46 -25.67
C HIS B 92 15.75 -14.16 -26.23
N ASP B 93 16.82 -14.13 -25.44
CA ASP B 93 18.09 -14.77 -25.74
C ASP B 93 18.08 -16.21 -25.20
N TYR B 94 17.76 -17.19 -26.07
CA TYR B 94 17.62 -18.57 -25.64
C TYR B 94 18.97 -19.19 -25.27
N SER B 95 20.08 -18.63 -25.75
CA SER B 95 21.41 -19.11 -25.38
C SER B 95 21.76 -18.75 -23.93
N ARG B 96 21.08 -17.74 -23.35
CA ARG B 96 21.25 -17.42 -21.93
C ARG B 96 20.51 -18.43 -21.07
N LYS B 97 19.22 -18.68 -21.37
CA LYS B 97 18.44 -19.61 -20.58
C LYS B 97 17.11 -19.89 -21.28
N PRO B 98 16.46 -21.05 -21.01
CA PRO B 98 15.14 -21.34 -21.54
C PRO B 98 14.08 -20.37 -21.00
N LEU B 99 12.93 -20.27 -21.70
CA LEU B 99 11.89 -19.35 -21.30
C LEU B 99 10.54 -20.07 -21.18
N PHE B 100 9.85 -19.81 -20.06
CA PHE B 100 8.45 -20.16 -19.89
C PHE B 100 7.57 -18.92 -20.06
N LEU B 101 6.35 -19.13 -20.56
CA LEU B 101 5.28 -18.14 -20.56
C LEU B 101 4.12 -18.71 -19.75
N SER B 102 3.60 -17.93 -18.79
CA SER B 102 2.37 -18.27 -18.10
C SER B 102 1.17 -17.70 -18.85
N MET B 103 0.11 -18.52 -19.01
CA MET B 103 -1.14 -18.05 -19.60
C MET B 103 -2.32 -18.31 -18.67
N SER B 104 -3.19 -17.30 -18.54
CA SER B 104 -4.28 -17.31 -17.57
C SER B 104 -5.53 -16.67 -18.18
N GLY B 105 -6.04 -17.27 -19.27
CA GLY B 105 -7.34 -16.90 -19.80
C GLY B 105 -8.42 -17.01 -18.72
N LEU B 106 -9.40 -16.11 -18.77
CA LEU B 106 -10.47 -16.05 -17.78
C LEU B 106 -11.63 -16.97 -18.18
N SER B 107 -11.56 -17.52 -19.41
CA SER B 107 -12.46 -18.57 -19.88
C SER B 107 -11.64 -19.65 -20.60
N VAL B 108 -12.22 -20.84 -20.78
CA VAL B 108 -11.54 -21.89 -21.54
C VAL B 108 -11.33 -21.40 -22.97
N GLU B 109 -12.31 -20.65 -23.50
CA GLU B 109 -12.27 -20.13 -24.87
C GLU B 109 -11.08 -19.19 -25.08
N GLU B 110 -10.85 -18.28 -24.13
CA GLU B 110 -9.70 -17.39 -24.17
C GLU B 110 -8.39 -18.19 -24.14
N SER B 111 -8.28 -19.14 -23.21
CA SER B 111 -7.07 -19.95 -23.06
C SER B 111 -6.73 -20.67 -24.37
N VAL B 112 -7.75 -21.25 -25.01
CA VAL B 112 -7.61 -21.96 -26.28
C VAL B 112 -7.02 -21.03 -27.34
N GLU B 113 -7.57 -19.80 -27.43
CA GLU B 113 -7.13 -18.81 -28.41
C GLU B 113 -5.66 -18.42 -28.19
N MET B 114 -5.25 -18.31 -26.93
CA MET B 114 -3.88 -17.88 -26.60
C MET B 114 -2.88 -18.98 -26.92
N VAL B 115 -3.18 -20.23 -26.52
CA VAL B 115 -2.21 -21.32 -26.64
C VAL B 115 -2.01 -21.68 -28.12
N LYS B 116 -3.05 -21.53 -28.94
CA LYS B 116 -2.97 -21.80 -30.37
C LYS B 116 -1.89 -20.92 -31.01
N LYS B 117 -1.80 -19.66 -30.55
CA LYS B 117 -0.80 -18.72 -31.05
C LYS B 117 0.61 -19.12 -30.63
N LEU B 118 0.75 -19.81 -29.48
CA LEU B 118 2.06 -20.18 -28.95
C LEU B 118 2.66 -21.36 -29.74
N VAL B 119 1.79 -22.21 -30.34
CA VAL B 119 2.19 -23.44 -31.02
C VAL B 119 3.41 -23.21 -31.90
N PRO B 120 3.36 -22.32 -32.93
CA PRO B 120 4.51 -22.10 -33.81
C PRO B 120 5.80 -21.67 -33.10
N ILE B 121 5.66 -20.85 -32.06
CA ILE B 121 6.81 -20.30 -31.35
C ILE B 121 7.45 -21.40 -30.49
N THR B 122 6.63 -22.23 -29.82
CA THR B 122 7.18 -23.38 -29.12
C THR B 122 7.98 -24.23 -30.11
N LYS B 123 7.36 -24.52 -31.27
CA LYS B 123 7.97 -25.39 -32.27
C LYS B 123 9.31 -24.83 -32.72
N GLU B 124 9.40 -23.50 -32.91
CA GLU B 124 10.61 -22.91 -33.50
C GLU B 124 11.64 -22.58 -32.42
N LYS B 125 11.21 -22.05 -31.26
CA LYS B 125 12.11 -21.49 -30.26
C LYS B 125 12.21 -22.35 -29.00
N GLY B 126 11.21 -23.22 -28.75
CA GLY B 126 11.19 -24.10 -27.60
C GLY B 126 10.52 -23.50 -26.35
N THR B 127 9.86 -22.35 -26.49
CA THR B 127 9.15 -21.67 -25.39
C THR B 127 8.24 -22.67 -24.68
N ILE B 128 8.22 -22.65 -23.33
CA ILE B 128 7.49 -23.62 -22.52
C ILE B 128 6.25 -22.94 -21.91
N LEU B 129 5.10 -23.63 -21.95
CA LEU B 129 3.84 -23.14 -21.41
C LEU B 129 3.61 -23.65 -19.99
N GLU B 130 3.29 -22.71 -19.08
CA GLU B 130 2.67 -22.98 -17.79
C GLU B 130 1.26 -22.40 -17.83
N LEU B 131 0.24 -23.27 -17.77
CA LEU B 131 -1.17 -22.89 -17.75
C LEU B 131 -1.59 -22.59 -16.32
N ASN B 132 -2.02 -21.34 -16.06
CA ASN B 132 -2.35 -20.89 -14.72
C ASN B 132 -3.81 -21.24 -14.42
N LEU B 133 -4.03 -22.19 -13.51
CA LEU B 133 -5.38 -22.58 -13.10
C LEU B 133 -5.65 -22.16 -11.66
N SER B 134 -5.00 -21.10 -11.16
CA SER B 134 -5.04 -20.83 -9.73
C SER B 134 -5.05 -19.35 -9.38
N ALA B 135 -5.35 -18.46 -10.33
CA ALA B 135 -5.41 -17.03 -10.04
C ALA B 135 -6.51 -16.75 -9.01
N PRO B 136 -6.20 -16.20 -7.81
CA PRO B 136 -7.22 -15.99 -6.80
C PRO B 136 -7.72 -14.56 -6.63
N ASN B 137 -7.34 -13.65 -7.55
CA ASN B 137 -7.54 -12.22 -7.35
C ASN B 137 -8.42 -11.58 -8.44
N VAL B 138 -9.07 -12.38 -9.29
CA VAL B 138 -9.97 -11.84 -10.31
C VAL B 138 -11.40 -11.86 -9.78
N PRO B 139 -12.01 -10.68 -9.49
CA PRO B 139 -13.39 -10.64 -8.99
C PRO B 139 -14.36 -11.44 -9.87
N GLY B 140 -15.10 -12.37 -9.24
CA GLY B 140 -16.08 -13.19 -9.93
C GLY B 140 -15.51 -14.37 -10.72
N LYS B 141 -14.20 -14.68 -10.56
CA LYS B 141 -13.62 -15.88 -11.14
C LYS B 141 -12.98 -16.71 -10.04
N PRO B 142 -13.67 -17.77 -9.53
CA PRO B 142 -13.06 -18.72 -8.61
C PRO B 142 -11.84 -19.39 -9.23
N GLN B 143 -10.87 -19.80 -8.38
CA GLN B 143 -9.72 -20.56 -8.82
C GLN B 143 -10.22 -21.80 -9.56
N VAL B 144 -9.83 -21.95 -10.83
CA VAL B 144 -10.26 -23.06 -11.65
C VAL B 144 -9.93 -24.39 -10.98
N GLY B 145 -8.72 -24.49 -10.40
CA GLY B 145 -8.19 -25.72 -9.82
C GLY B 145 -8.97 -26.25 -8.62
N TYR B 146 -9.89 -25.44 -8.06
CA TYR B 146 -10.76 -25.88 -6.99
C TYR B 146 -12.08 -26.44 -7.54
N ASP B 147 -12.26 -26.42 -8.87
CA ASP B 147 -13.36 -27.09 -9.53
C ASP B 147 -12.80 -28.13 -10.51
N PHE B 148 -12.86 -29.43 -10.13
CA PHE B 148 -12.22 -30.48 -10.91
C PHE B 148 -12.93 -30.71 -12.24
N ASP B 149 -14.24 -30.42 -12.32
CA ASP B 149 -14.98 -30.49 -13.57
C ASP B 149 -14.43 -29.45 -14.54
N THR B 150 -14.29 -28.19 -14.06
CA THR B 150 -13.81 -27.10 -14.88
C THR B 150 -12.34 -27.34 -15.24
N THR B 151 -11.53 -27.86 -14.29
CA THR B 151 -10.12 -28.14 -14.53
C THR B 151 -9.98 -29.13 -15.70
N ARG B 152 -10.74 -30.22 -15.66
CA ARG B 152 -10.75 -31.23 -16.73
C ARG B 152 -11.03 -30.57 -18.08
N THR B 153 -12.04 -29.70 -18.15
CA THR B 153 -12.39 -29.02 -19.39
C THR B 153 -11.20 -28.20 -19.92
N TYR B 154 -10.54 -27.41 -19.06
CA TYR B 154 -9.37 -26.63 -19.48
C TYR B 154 -8.25 -27.53 -20.01
N LEU B 155 -7.99 -28.65 -19.32
CA LEU B 155 -6.89 -29.52 -19.71
C LEU B 155 -7.21 -30.24 -21.02
N GLN B 156 -8.50 -30.56 -21.25
CA GLN B 156 -8.96 -31.19 -22.48
C GLN B 156 -8.73 -30.23 -23.64
N LYS B 157 -9.28 -29.01 -23.51
CA LYS B 157 -9.30 -28.06 -24.61
C LYS B 157 -7.89 -27.60 -24.92
N VAL B 158 -7.08 -27.34 -23.87
CA VAL B 158 -5.72 -26.89 -24.07
C VAL B 158 -4.89 -28.02 -24.67
N SER B 159 -5.07 -29.27 -24.21
CA SER B 159 -4.35 -30.40 -24.79
C SER B 159 -4.62 -30.49 -26.29
N GLU B 160 -5.90 -30.34 -26.68
CA GLU B 160 -6.34 -30.38 -28.06
C GLU B 160 -5.71 -29.24 -28.87
N ALA B 161 -5.80 -28.00 -28.36
CA ALA B 161 -5.41 -26.81 -29.09
C ALA B 161 -3.88 -26.64 -29.16
N TYR B 162 -3.17 -26.97 -28.07
CA TYR B 162 -1.73 -26.76 -28.00
C TYR B 162 -1.00 -27.97 -28.56
N GLY B 163 -1.37 -29.17 -28.08
CA GLY B 163 -0.87 -30.44 -28.59
C GLY B 163 0.64 -30.61 -28.42
N LEU B 164 1.22 -29.90 -27.44
CA LEU B 164 2.63 -30.00 -27.09
C LEU B 164 2.77 -30.15 -25.57
N PRO B 165 3.95 -30.57 -25.07
CA PRO B 165 4.19 -30.64 -23.63
C PRO B 165 3.94 -29.31 -22.92
N PHE B 166 3.19 -29.33 -21.80
CA PHE B 166 2.97 -28.11 -21.02
C PHE B 166 2.84 -28.44 -19.53
N GLY B 167 2.86 -27.39 -18.69
CA GLY B 167 2.70 -27.53 -17.24
C GLY B 167 1.50 -26.75 -16.74
N VAL B 168 1.13 -26.97 -15.48
CA VAL B 168 0.01 -26.31 -14.85
C VAL B 168 0.40 -25.74 -13.50
N LYS B 169 -0.02 -24.49 -13.24
CA LYS B 169 0.15 -23.83 -11.95
C LYS B 169 -1.09 -24.10 -11.10
N MET B 170 -0.91 -24.87 -10.01
CA MET B 170 -2.01 -25.39 -9.23
C MET B 170 -2.21 -24.53 -7.98
N PRO B 171 -3.47 -24.38 -7.49
CA PRO B 171 -3.71 -23.75 -6.21
C PRO B 171 -3.26 -24.69 -5.09
N PRO B 172 -2.99 -24.23 -3.86
CA PRO B 172 -2.66 -25.14 -2.78
C PRO B 172 -3.89 -25.95 -2.37
N TYR B 173 -3.72 -27.27 -2.16
CA TYR B 173 -4.75 -28.11 -1.57
C TYR B 173 -4.41 -28.40 -0.11
N PHE B 174 -5.45 -28.71 0.69
CA PHE B 174 -5.34 -28.85 2.13
C PHE B 174 -6.00 -30.14 2.63
N ASP B 175 -6.35 -31.04 1.71
CA ASP B 175 -7.16 -32.21 2.04
C ASP B 175 -6.71 -33.38 1.18
N ILE B 176 -6.49 -34.55 1.79
CA ILE B 176 -5.98 -35.73 1.10
C ILE B 176 -6.89 -36.08 -0.08
N ALA B 177 -8.21 -36.00 0.11
CA ALA B 177 -9.17 -36.32 -0.94
C ALA B 177 -8.98 -35.40 -2.13
N HIS B 178 -8.59 -34.13 -1.87
CA HIS B 178 -8.33 -33.16 -2.91
C HIS B 178 -7.01 -33.47 -3.62
N PHE B 179 -5.98 -33.93 -2.89
CA PHE B 179 -4.77 -34.38 -3.55
C PHE B 179 -5.11 -35.51 -4.53
N ASP B 180 -5.90 -36.49 -4.06
CA ASP B 180 -6.31 -37.66 -4.84
C ASP B 180 -7.08 -37.23 -6.09
N MET B 181 -8.11 -36.40 -5.92
CA MET B 181 -8.96 -35.98 -7.02
C MET B 181 -8.16 -35.18 -8.04
N ALA B 182 -7.29 -34.26 -7.59
CA ALA B 182 -6.50 -33.43 -8.49
C ALA B 182 -5.55 -34.28 -9.33
N ALA B 183 -4.89 -35.25 -8.67
CA ALA B 183 -3.96 -36.15 -9.33
C ALA B 183 -4.70 -36.98 -10.37
N ALA B 184 -5.90 -37.46 -10.00
CA ALA B 184 -6.74 -38.26 -10.90
C ALA B 184 -7.00 -37.51 -12.20
N VAL B 185 -7.32 -36.20 -12.10
CA VAL B 185 -7.58 -35.36 -13.26
C VAL B 185 -6.29 -35.20 -14.07
N LEU B 186 -5.19 -34.82 -13.41
CA LEU B 186 -3.94 -34.51 -14.07
C LEU B 186 -3.39 -35.74 -14.81
N ASN B 187 -3.55 -36.93 -14.20
CA ASN B 187 -3.02 -38.17 -14.74
C ASN B 187 -3.82 -38.65 -15.95
N ASP B 188 -4.92 -37.96 -16.32
CA ASP B 188 -5.64 -38.27 -17.55
C ASP B 188 -5.15 -37.44 -18.72
N PHE B 189 -4.13 -36.58 -18.52
CA PHE B 189 -3.65 -35.71 -19.59
C PHE B 189 -2.16 -35.92 -19.78
N PRO B 190 -1.73 -36.77 -20.74
CA PRO B 190 -0.32 -37.09 -20.93
C PRO B 190 0.54 -35.88 -21.29
N LEU B 191 -0.06 -34.85 -21.88
CA LEU B 191 0.71 -33.69 -22.31
C LEU B 191 1.10 -32.81 -21.12
N VAL B 192 0.43 -32.96 -19.97
CA VAL B 192 0.81 -32.22 -18.77
C VAL B 192 2.06 -32.87 -18.20
N LYS B 193 3.23 -32.28 -18.46
CA LYS B 193 4.52 -32.86 -18.11
C LYS B 193 5.06 -32.30 -16.80
N PHE B 194 4.57 -31.15 -16.35
CA PHE B 194 4.97 -30.63 -15.04
C PHE B 194 3.79 -29.96 -14.34
N ILE B 195 3.86 -30.04 -13.00
CA ILE B 195 2.91 -29.44 -12.07
C ILE B 195 3.68 -28.46 -11.20
N THR B 196 3.27 -27.18 -11.18
CA THR B 196 3.87 -26.19 -10.30
C THR B 196 2.99 -26.05 -9.05
N CYS B 197 3.57 -26.40 -7.90
CA CYS B 197 2.95 -26.30 -6.58
C CYS B 197 3.79 -25.32 -5.73
N VAL B 198 3.25 -24.15 -5.34
CA VAL B 198 1.85 -23.77 -5.40
C VAL B 198 1.72 -22.28 -5.73
N ASN B 199 0.52 -21.89 -6.16
CA ASN B 199 0.14 -20.48 -6.25
CA ASN B 199 0.14 -20.48 -6.24
C ASN B 199 -0.04 -19.96 -4.83
N SER B 200 -0.37 -18.67 -4.69
CA SER B 200 -0.57 -18.03 -3.39
C SER B 200 -1.73 -18.68 -2.64
N ILE B 201 -1.67 -18.63 -1.30
CA ILE B 201 -2.77 -19.10 -0.48
C ILE B 201 -3.88 -18.05 -0.58
N GLY B 202 -4.97 -18.43 -1.27
CA GLY B 202 -5.98 -17.48 -1.72
C GLY B 202 -6.72 -16.80 -0.57
N ASN B 203 -7.06 -15.52 -0.78
CA ASN B 203 -8.11 -14.85 -0.03
C ASN B 203 -7.82 -14.81 1.48
N GLY B 204 -6.59 -14.44 1.84
CA GLY B 204 -6.27 -14.03 3.20
C GLY B 204 -6.64 -12.56 3.39
N LEU B 205 -6.67 -12.13 4.66
CA LEU B 205 -7.03 -10.76 5.02
C LEU B 205 -5.99 -10.22 6.01
N VAL B 206 -5.37 -9.09 5.66
CA VAL B 206 -4.45 -8.39 6.55
C VAL B 206 -5.08 -7.05 6.96
N ILE B 207 -5.06 -6.78 8.26
CA ILE B 207 -5.58 -5.57 8.88
C ILE B 207 -4.46 -4.91 9.67
N ASP B 208 -4.32 -3.59 9.48
CA ASP B 208 -3.36 -2.77 10.22
C ASP B 208 -4.01 -2.35 11.54
N PRO B 209 -3.50 -2.81 12.71
CA PRO B 209 -4.10 -2.45 13.99
C PRO B 209 -4.06 -0.96 14.30
N ALA B 210 -3.07 -0.26 13.72
CA ALA B 210 -2.86 1.16 13.94
C ALA B 210 -4.04 1.99 13.43
N ASN B 211 -4.51 1.75 12.20
CA ASN B 211 -5.59 2.54 11.62
C ASN B 211 -6.85 1.70 11.44
N GLU B 212 -6.86 0.48 11.97
CA GLU B 212 -7.99 -0.44 11.94
C GLU B 212 -8.51 -0.65 10.52
N THR B 213 -7.60 -0.61 9.54
CA THR B 213 -7.96 -0.65 8.13
C THR B 213 -7.20 -1.80 7.46
N VAL B 214 -7.84 -2.38 6.43
CA VAL B 214 -7.20 -3.39 5.58
C VAL B 214 -6.07 -2.72 4.80
N VAL B 215 -5.12 -3.49 4.25
CA VAL B 215 -3.94 -2.92 3.60
C VAL B 215 -4.10 -2.90 2.08
N ILE B 216 -5.09 -3.60 1.51
CA ILE B 216 -5.30 -3.55 0.07
C ILE B 216 -6.76 -3.22 -0.24
N LYS B 217 -6.99 -2.59 -1.40
CA LYS B 217 -8.29 -2.03 -1.77
C LYS B 217 -9.21 -3.08 -2.39
N PRO B 218 -8.76 -3.91 -3.35
CA PRO B 218 -9.65 -4.86 -4.00
C PRO B 218 -10.30 -5.83 -3.01
N LYS B 219 -11.55 -6.22 -3.29
CA LYS B 219 -12.20 -7.35 -2.65
C LYS B 219 -12.18 -7.22 -1.13
N GLN B 220 -12.48 -6.01 -0.62
CA GLN B 220 -12.60 -5.74 0.81
C GLN B 220 -11.36 -6.15 1.60
N GLY B 221 -10.19 -6.14 0.96
CA GLY B 221 -8.92 -6.39 1.63
C GLY B 221 -8.38 -7.81 1.41
N PHE B 222 -9.13 -8.65 0.69
CA PHE B 222 -8.81 -10.06 0.52
C PHE B 222 -7.82 -10.25 -0.63
N GLY B 223 -6.72 -10.96 -0.36
CA GLY B 223 -5.67 -11.19 -1.34
C GLY B 223 -4.88 -12.47 -1.06
N GLY B 224 -4.12 -12.91 -2.08
CA GLY B 224 -3.30 -14.12 -1.97
C GLY B 224 -2.06 -13.90 -1.11
N LEU B 225 -1.74 -14.90 -0.26
CA LEU B 225 -0.58 -14.87 0.63
C LEU B 225 0.61 -15.56 -0.03
N GLY B 226 1.78 -14.92 0.06
CA GLY B 226 3.06 -15.49 -0.34
C GLY B 226 4.09 -15.35 0.78
N GLY B 227 5.24 -16.03 0.64
CA GLY B 227 6.36 -15.90 1.57
C GLY B 227 6.37 -17.00 2.62
N LYS B 228 6.78 -16.64 3.85
CA LYS B 228 7.01 -17.60 4.93
C LYS B 228 5.71 -18.29 5.34
N TYR B 229 4.56 -17.65 5.08
CA TYR B 229 3.25 -18.22 5.35
C TYR B 229 3.04 -19.56 4.63
N VAL B 230 3.65 -19.74 3.44
CA VAL B 230 3.23 -20.81 2.53
C VAL B 230 4.21 -21.99 2.49
N LEU B 231 5.38 -21.94 3.14
CA LEU B 231 6.41 -22.97 2.95
C LEU B 231 5.86 -24.36 3.27
N PRO B 232 5.27 -24.66 4.47
CA PRO B 232 4.80 -26.01 4.75
C PRO B 232 3.70 -26.49 3.79
N THR B 233 2.81 -25.59 3.39
CA THR B 233 1.76 -25.89 2.43
C THR B 233 2.39 -26.27 1.09
N ALA B 234 3.39 -25.48 0.64
CA ALA B 234 4.04 -25.71 -0.64
C ALA B 234 4.74 -27.07 -0.63
N LEU B 235 5.49 -27.36 0.44
CA LEU B 235 6.21 -28.62 0.54
C LEU B 235 5.25 -29.81 0.49
N ALA B 236 4.13 -29.72 1.19
CA ALA B 236 3.13 -30.79 1.21
C ALA B 236 2.60 -31.05 -0.19
N ASN B 237 2.26 -29.98 -0.93
CA ASN B 237 1.68 -30.10 -2.26
C ASN B 237 2.71 -30.70 -3.23
N VAL B 238 3.96 -30.22 -3.17
CA VAL B 238 5.04 -30.74 -4.00
C VAL B 238 5.13 -32.24 -3.80
N ASN B 239 5.16 -32.68 -2.54
CA ASN B 239 5.40 -34.08 -2.23
C ASN B 239 4.20 -34.94 -2.58
N ALA B 240 2.98 -34.43 -2.35
CA ALA B 240 1.73 -35.14 -2.64
C ALA B 240 1.65 -35.49 -4.13
N PHE B 241 1.98 -34.51 -4.99
CA PHE B 241 1.89 -34.70 -6.44
C PHE B 241 3.11 -35.48 -6.96
N PHE B 242 4.28 -35.31 -6.31
CA PHE B 242 5.47 -36.07 -6.68
C PHE B 242 5.16 -37.57 -6.62
N ARG B 243 4.48 -38.01 -5.55
CA ARG B 243 4.14 -39.41 -5.35
C ARG B 243 2.94 -39.83 -6.21
N ARG B 244 1.93 -38.97 -6.38
CA ARG B 244 0.70 -39.37 -7.08
C ARG B 244 0.84 -39.24 -8.60
N CYS B 245 1.80 -38.45 -9.08
CA CYS B 245 1.96 -38.16 -10.51
C CYS B 245 3.36 -38.55 -10.97
N PRO B 246 3.74 -39.86 -10.92
CA PRO B 246 5.08 -40.32 -11.27
C PRO B 246 5.49 -40.11 -12.72
N ASP B 247 4.51 -39.89 -13.61
CA ASP B 247 4.77 -39.65 -15.02
C ASP B 247 5.01 -38.16 -15.29
N LYS B 248 5.07 -37.36 -14.22
CA LYS B 248 5.17 -35.91 -14.37
C LYS B 248 6.29 -35.36 -13.48
N LEU B 249 6.82 -34.20 -13.87
CA LEU B 249 7.76 -33.46 -13.04
C LEU B 249 6.95 -32.57 -12.11
N VAL B 250 7.56 -32.13 -11.01
CA VAL B 250 6.92 -31.18 -10.11
C VAL B 250 7.88 -30.01 -9.91
N PHE B 251 7.35 -28.80 -10.04
CA PHE B 251 8.10 -27.59 -9.74
C PHE B 251 7.59 -27.06 -8.41
N GLY B 252 8.52 -26.60 -7.55
CA GLY B 252 8.18 -26.09 -6.24
C GLY B 252 8.14 -24.57 -6.26
N CYS B 253 7.12 -23.99 -5.62
CA CYS B 253 6.98 -22.55 -5.49
C CYS B 253 6.32 -22.25 -4.15
N GLY B 254 6.98 -21.45 -3.30
CA GLY B 254 6.36 -21.03 -2.05
C GLY B 254 7.36 -21.01 -0.91
N GLY B 255 7.56 -19.80 -0.33
CA GLY B 255 8.33 -19.60 0.88
C GLY B 255 9.84 -19.82 0.71
N VAL B 256 10.37 -19.75 -0.51
CA VAL B 256 11.82 -19.85 -0.73
C VAL B 256 12.47 -18.48 -0.49
N TYR B 257 13.31 -18.40 0.54
CA TYR B 257 14.12 -17.21 0.83
C TYR B 257 15.61 -17.54 0.80
N SER B 258 15.96 -18.83 0.77
CA SER B 258 17.34 -19.24 0.92
C SER B 258 17.58 -20.64 0.34
N GLY B 259 18.86 -21.03 0.23
CA GLY B 259 19.26 -22.36 -0.22
C GLY B 259 18.58 -23.46 0.57
N GLU B 260 18.39 -23.24 1.88
CA GLU B 260 17.77 -24.21 2.77
C GLU B 260 16.33 -24.55 2.31
N GLU B 261 15.51 -23.53 2.04
CA GLU B 261 14.14 -23.79 1.60
C GLU B 261 14.13 -24.46 0.22
N ALA B 262 15.10 -24.10 -0.64
CA ALA B 262 15.26 -24.70 -1.95
C ALA B 262 15.59 -26.19 -1.80
N PHE B 263 16.51 -26.49 -0.87
CA PHE B 263 16.91 -27.85 -0.57
C PHE B 263 15.69 -28.69 -0.18
N LEU B 264 14.82 -28.13 0.66
CA LEU B 264 13.63 -28.81 1.14
C LEU B 264 12.64 -29.10 0.00
N HIS B 265 12.44 -28.11 -0.88
CA HIS B 265 11.58 -28.27 -2.04
C HIS B 265 12.05 -29.45 -2.90
N ILE B 266 13.36 -29.54 -3.11
CA ILE B 266 13.95 -30.54 -4.00
C ILE B 266 13.84 -31.91 -3.32
N LEU B 267 14.11 -31.96 -2.02
CA LEU B 267 13.94 -33.16 -1.23
C LEU B 267 12.50 -33.68 -1.30
N ALA B 268 11.52 -32.74 -1.30
CA ALA B 268 10.10 -33.03 -1.42
C ALA B 268 9.71 -33.54 -2.82
N GLY B 269 10.49 -33.19 -3.86
CA GLY B 269 10.25 -33.68 -5.21
C GLY B 269 10.45 -32.65 -6.33
N ALA B 270 10.82 -31.40 -6.02
CA ALA B 270 10.89 -30.33 -7.01
C ALA B 270 12.06 -30.52 -7.98
N SER B 271 11.77 -30.32 -9.28
CA SER B 271 12.76 -30.20 -10.34
C SER B 271 13.31 -28.77 -10.44
N MET B 272 12.40 -27.81 -10.61
CA MET B 272 12.71 -26.38 -10.63
C MET B 272 12.16 -25.77 -9.34
N VAL B 273 12.78 -24.67 -8.88
CA VAL B 273 12.38 -23.98 -7.67
C VAL B 273 12.12 -22.51 -8.03
N GLN B 274 10.86 -22.08 -7.88
CA GLN B 274 10.44 -20.72 -8.23
C GLN B 274 10.45 -19.85 -6.98
N VAL B 275 10.73 -18.55 -7.18
CA VAL B 275 10.91 -17.59 -6.10
C VAL B 275 10.05 -16.37 -6.38
N GLY B 276 9.10 -16.06 -5.48
CA GLY B 276 8.17 -14.96 -5.66
C GLY B 276 8.49 -13.82 -4.71
N THR B 277 7.91 -13.90 -3.49
CA THR B 277 7.97 -12.85 -2.48
C THR B 277 9.41 -12.43 -2.20
N ALA B 278 10.34 -13.37 -2.03
CA ALA B 278 11.71 -13.05 -1.67
C ALA B 278 12.38 -12.27 -2.80
N LEU B 279 12.03 -12.56 -4.05
CA LEU B 279 12.57 -11.87 -5.22
C LEU B 279 11.99 -10.46 -5.29
N HIS B 280 10.69 -10.34 -5.00
CA HIS B 280 10.02 -9.05 -4.94
C HIS B 280 10.72 -8.17 -3.90
N ASP B 281 11.18 -8.76 -2.79
CA ASP B 281 11.82 -8.04 -1.70
C ASP B 281 13.25 -7.62 -2.08
N GLU B 282 14.02 -8.51 -2.71
CA GLU B 282 15.47 -8.40 -2.76
C GLU B 282 15.99 -8.00 -4.14
N GLY B 283 15.20 -8.26 -5.19
CA GLY B 283 15.60 -8.08 -6.58
C GLY B 283 16.38 -9.29 -7.12
N PRO B 284 16.68 -9.29 -8.45
CA PRO B 284 17.25 -10.45 -9.12
C PRO B 284 18.63 -10.89 -8.62
N ILE B 285 19.29 -10.07 -7.80
CA ILE B 285 20.57 -10.48 -7.23
C ILE B 285 20.39 -11.64 -6.24
N ILE B 286 19.15 -11.88 -5.75
CA ILE B 286 18.88 -13.04 -4.90
C ILE B 286 19.39 -14.33 -5.54
N PHE B 287 19.32 -14.45 -6.87
CA PHE B 287 19.64 -15.70 -7.56
C PHE B 287 21.11 -16.08 -7.36
N ALA B 288 22.00 -15.08 -7.25
CA ALA B 288 23.41 -15.32 -6.96
C ALA B 288 23.58 -15.97 -5.59
N ARG B 289 22.84 -15.45 -4.61
CA ARG B 289 22.88 -15.93 -3.24
C ARG B 289 22.35 -17.36 -3.14
N LEU B 290 21.25 -17.63 -3.84
CA LEU B 290 20.59 -18.93 -3.80
C LEU B 290 21.50 -20.02 -4.38
N ASN B 291 22.17 -19.76 -5.52
CA ASN B 291 23.08 -20.72 -6.12
C ASN B 291 24.18 -21.09 -5.12
N LYS B 292 24.79 -20.08 -4.47
CA LYS B 292 25.86 -20.30 -3.51
C LYS B 292 25.35 -21.11 -2.31
N GLU B 293 24.20 -20.72 -1.74
CA GLU B 293 23.67 -21.41 -0.57
C GLU B 293 23.33 -22.88 -0.84
N LEU B 294 22.72 -23.18 -2.00
CA LEU B 294 22.35 -24.55 -2.32
C LEU B 294 23.62 -25.40 -2.50
N GLN B 295 24.60 -24.81 -3.19
CA GLN B 295 25.91 -25.41 -3.40
C GLN B 295 26.53 -25.79 -2.06
N GLU B 296 26.54 -24.84 -1.11
CA GLU B 296 27.13 -25.06 0.21
C GLU B 296 26.44 -26.22 0.93
N ILE B 297 25.10 -26.29 0.88
CA ILE B 297 24.39 -27.38 1.54
C ILE B 297 24.78 -28.71 0.88
N MET B 298 24.84 -28.75 -0.45
CA MET B 298 25.16 -29.99 -1.16
C MET B 298 26.56 -30.47 -0.77
N THR B 299 27.53 -29.55 -0.76
CA THR B 299 28.89 -29.81 -0.29
C THR B 299 28.87 -30.42 1.10
N ASN B 300 28.14 -29.81 2.05
CA ASN B 300 28.12 -30.28 3.44
C ASN B 300 27.58 -31.71 3.51
N LYS B 301 26.62 -32.04 2.66
CA LYS B 301 25.94 -33.33 2.72
C LYS B 301 26.60 -34.34 1.79
N GLY B 302 27.51 -33.88 0.92
CA GLY B 302 28.24 -34.75 0.02
C GLY B 302 27.47 -35.14 -1.23
N TYR B 303 26.49 -34.33 -1.66
CA TYR B 303 25.75 -34.58 -2.89
C TYR B 303 26.43 -33.91 -4.07
N LYS B 304 26.58 -34.63 -5.19
CA LYS B 304 27.18 -34.13 -6.41
C LYS B 304 26.14 -33.63 -7.41
N THR B 305 24.90 -34.15 -7.33
CA THR B 305 23.80 -33.71 -8.19
C THR B 305 22.52 -33.61 -7.39
N LEU B 306 21.57 -32.85 -7.92
CA LEU B 306 20.24 -32.73 -7.35
C LEU B 306 19.50 -34.06 -7.46
N ASP B 307 19.78 -34.83 -8.53
CA ASP B 307 19.16 -36.13 -8.76
C ASP B 307 19.36 -37.08 -7.56
N GLU B 308 20.45 -36.90 -6.82
CA GLU B 308 20.80 -37.81 -5.73
C GLU B 308 19.83 -37.69 -4.55
N PHE B 309 19.11 -36.55 -4.41
CA PHE B 309 18.22 -36.40 -3.27
C PHE B 309 16.83 -35.88 -3.66
N ARG B 310 16.56 -35.63 -4.96
CA ARG B 310 15.26 -35.13 -5.36
C ARG B 310 14.21 -36.16 -4.96
N GLY B 311 13.19 -35.73 -4.21
CA GLY B 311 12.09 -36.61 -3.84
C GLY B 311 12.49 -37.71 -2.85
N ARG B 312 13.67 -37.60 -2.21
CA ARG B 312 14.16 -38.61 -1.28
C ARG B 312 13.97 -38.18 0.19
N VAL B 313 13.01 -37.28 0.48
CA VAL B 313 12.64 -36.97 1.86
C VAL B 313 12.34 -38.27 2.60
N LYS B 314 12.80 -38.38 3.86
CA LYS B 314 12.57 -39.57 4.65
C LYS B 314 11.36 -39.38 5.57
N THR B 315 10.52 -40.42 5.71
CA THR B 315 9.42 -40.42 6.67
C THR B 315 9.79 -41.34 7.84
N MET B 316 9.00 -41.36 8.92
CA MET B 316 9.29 -42.16 10.11
C MET B 316 8.41 -43.44 10.16
N MET C 5 22.74 7.84 25.21
CA MET C 5 21.76 8.63 24.39
C MET C 5 22.29 10.04 24.17
N SER C 6 22.27 10.53 22.90
CA SER C 6 22.74 11.86 22.58
C SER C 6 22.09 12.44 21.32
N LEU C 7 21.74 13.74 21.39
CA LEU C 7 21.16 14.50 20.28
C LEU C 7 22.21 15.43 19.66
N LYS C 8 23.50 15.23 19.97
CA LYS C 8 24.53 16.17 19.55
C LYS C 8 24.77 16.08 18.04
N VAL C 9 25.06 17.24 17.43
CA VAL C 9 25.38 17.37 16.02
C VAL C 9 26.70 18.12 15.90
N ASN C 10 27.72 17.49 15.30
CA ASN C 10 29.02 18.10 15.08
C ASN C 10 29.20 18.49 13.61
N ILE C 11 28.94 19.77 13.30
CA ILE C 11 29.06 20.28 11.95
C ILE C 11 29.61 21.71 12.03
N LEU C 12 30.22 22.15 10.92
CA LEU C 12 30.70 23.51 10.73
C LEU C 12 31.63 23.93 11.87
N GLY C 13 32.30 22.96 12.50
CA GLY C 13 33.26 23.24 13.54
C GLY C 13 32.62 23.46 14.91
N HIS C 14 31.30 23.29 15.03
CA HIS C 14 30.60 23.53 16.30
C HIS C 14 30.01 22.21 16.80
N GLU C 15 29.67 22.15 18.10
CA GLU C 15 29.00 20.99 18.66
C GLU C 15 27.62 21.41 19.16
N PHE C 16 26.59 21.19 18.33
CA PHE C 16 25.24 21.63 18.65
C PHE C 16 24.62 20.65 19.66
N SER C 17 23.95 21.18 20.68
CA SER C 17 23.39 20.35 21.74
C SER C 17 22.33 19.40 21.19
N ASN C 18 21.63 19.83 20.13
CA ASN C 18 20.59 19.05 19.48
C ASN C 18 20.36 19.61 18.07
N PRO C 19 19.61 18.90 17.19
CA PRO C 19 19.43 19.30 15.80
C PRO C 19 18.54 20.53 15.58
N PHE C 20 17.78 20.94 16.61
CA PHE C 20 16.65 21.84 16.42
C PHE C 20 17.08 23.30 16.41
N MET C 21 16.36 24.07 15.58
CA MET C 21 16.44 25.52 15.54
C MET C 21 15.14 26.06 14.97
N ASN C 22 14.95 27.38 15.03
CA ASN C 22 13.79 28.03 14.42
C ASN C 22 14.03 28.09 12.91
N ALA C 23 12.94 27.97 12.14
CA ALA C 23 12.98 28.35 10.74
C ALA C 23 13.14 29.86 10.65
N ALA C 24 13.95 30.35 9.69
CA ALA C 24 14.10 31.79 9.51
C ALA C 24 12.74 32.44 9.35
N GLY C 25 12.58 33.64 9.95
CA GLY C 25 11.33 34.39 9.87
C GLY C 25 10.43 34.17 11.08
N VAL C 26 10.62 33.08 11.83
CA VAL C 26 9.73 32.74 12.94
C VAL C 26 10.50 32.94 14.25
N LEU C 27 10.03 33.87 15.09
CA LEU C 27 10.60 34.19 16.39
C LEU C 27 12.07 34.59 16.26
N CYS C 28 12.37 35.58 15.42
CA CYS C 28 13.76 35.93 15.16
C CYS C 28 13.93 37.32 14.57
N THR C 29 12.92 38.20 14.70
CA THR C 29 12.96 39.52 14.10
C THR C 29 13.47 40.57 15.09
N THR C 30 13.03 40.49 16.35
CA THR C 30 13.36 41.49 17.36
C THR C 30 14.37 40.94 18.37
N GLU C 31 15.05 41.85 19.09
CA GLU C 31 15.99 41.43 20.11
C GLU C 31 15.30 40.46 21.07
N GLU C 32 14.06 40.77 21.48
CA GLU C 32 13.30 39.89 22.36
C GLU C 32 13.16 38.51 21.73
N ASP C 33 12.73 38.46 20.47
CA ASP C 33 12.54 37.22 19.72
C ASP C 33 13.78 36.32 19.84
N LEU C 34 14.94 36.87 19.49
CA LEU C 34 16.20 36.14 19.48
C LEU C 34 16.60 35.72 20.90
N ARG C 35 16.40 36.62 21.88
CA ARG C 35 16.66 36.33 23.29
C ARG C 35 15.86 35.10 23.70
N ARG C 36 14.58 35.05 23.30
CA ARG C 36 13.71 33.94 23.67
C ARG C 36 14.19 32.64 23.01
N MET C 37 14.75 32.74 21.79
CA MET C 37 15.23 31.56 21.08
C MET C 37 16.45 30.99 21.80
N THR C 38 17.34 31.90 22.24
CA THR C 38 18.55 31.54 22.98
C THR C 38 18.20 30.91 24.34
N GLU C 39 17.11 31.36 24.98
CA GLU C 39 16.69 30.84 26.28
C GLU C 39 16.05 29.46 26.16
N SER C 40 15.60 29.10 24.96
CA SER C 40 14.95 27.81 24.72
C SER C 40 16.00 26.69 24.68
N GLU C 41 15.50 25.44 24.63
CA GLU C 41 16.33 24.25 24.55
C GLU C 41 16.76 23.97 23.10
N SER C 42 16.65 24.97 22.21
CA SER C 42 17.04 24.81 20.81
C SER C 42 18.56 24.67 20.72
N GLY C 43 19.02 23.74 19.87
CA GLY C 43 20.43 23.58 19.57
C GLY C 43 21.03 24.83 18.91
N SER C 44 20.19 25.62 18.23
CA SER C 44 20.63 26.86 17.60
C SER C 44 19.43 27.75 17.28
N LEU C 45 19.72 28.90 16.64
CA LEU C 45 18.71 29.84 16.17
C LEU C 45 19.28 30.57 14.95
N ILE C 46 18.38 31.21 14.17
CA ILE C 46 18.73 31.99 12.99
C ILE C 46 17.90 33.28 12.97
N GLY C 47 18.52 34.37 12.49
CA GLY C 47 17.87 35.68 12.45
C GLY C 47 16.91 35.80 11.27
N LYS C 48 15.90 36.66 11.41
CA LYS C 48 15.00 36.99 10.31
C LYS C 48 15.81 37.35 9.06
N SER C 49 15.36 36.89 7.89
CA SER C 49 15.96 37.29 6.63
C SER C 49 15.92 38.81 6.54
N CYS C 50 17.10 39.43 6.36
CA CYS C 50 17.24 40.87 6.50
C CYS C 50 17.63 41.50 5.16
N THR C 51 17.42 42.82 5.06
CA THR C 51 17.79 43.65 3.93
C THR C 51 18.76 44.73 4.43
N LEU C 52 19.35 45.49 3.49
CA LEU C 52 20.35 46.50 3.83
C LEU C 52 19.72 47.53 4.77
N ALA C 53 18.55 48.06 4.38
CA ALA C 53 17.79 48.97 5.21
C ALA C 53 16.63 48.22 5.88
N PRO C 54 16.07 48.73 7.01
CA PRO C 54 14.87 48.13 7.58
C PRO C 54 13.72 48.11 6.56
N ARG C 55 12.70 47.29 6.83
CA ARG C 55 11.54 47.16 5.96
C ARG C 55 10.31 46.94 6.83
N THR C 56 9.18 47.60 6.52
CA THR C 56 7.95 47.42 7.30
C THR C 56 7.28 46.11 6.92
N GLY C 57 7.55 45.62 5.70
CA GLY C 57 6.92 44.42 5.20
C GLY C 57 5.70 44.73 4.34
N ASN C 58 4.85 43.71 4.14
CA ASN C 58 3.69 43.82 3.28
C ASN C 58 2.49 44.26 4.10
N PRO C 59 1.42 44.83 3.48
CA PRO C 59 0.23 45.24 4.21
C PRO C 59 -0.42 44.08 4.95
N GLU C 60 -0.93 44.34 6.16
CA GLU C 60 -1.57 43.29 6.93
C GLU C 60 -3.10 43.33 6.81
N PRO C 61 -3.83 42.20 6.97
CA PRO C 61 -3.27 40.94 7.49
C PRO C 61 -2.33 40.23 6.51
N ARG C 62 -1.27 39.60 7.05
CA ARG C 62 -0.21 38.98 6.25
C ARG C 62 0.23 37.62 6.79
N TYR C 63 -0.44 37.11 7.84
CA TYR C 63 -0.27 35.75 8.31
C TYR C 63 -1.64 35.17 8.68
N PHE C 64 -1.89 33.90 8.33
CA PHE C 64 -3.10 33.22 8.76
C PHE C 64 -2.80 31.76 9.08
N GLY C 65 -3.11 31.36 10.33
CA GLY C 65 -2.95 30.00 10.80
C GLY C 65 -4.13 29.14 10.37
N LEU C 66 -3.83 27.90 9.93
CA LEU C 66 -4.83 26.97 9.41
C LEU C 66 -4.76 25.68 10.21
N PRO C 67 -5.80 24.82 10.17
CA PRO C 67 -5.73 23.49 10.77
C PRO C 67 -4.49 22.68 10.37
N LEU C 68 -4.06 22.80 9.10
CA LEU C 68 -2.97 22.00 8.57
C LEU C 68 -1.67 22.81 8.41
N GLY C 69 -1.64 24.07 8.86
CA GLY C 69 -0.39 24.82 8.84
C GLY C 69 -0.62 26.33 8.78
N SER C 70 -0.02 26.99 7.78
CA SER C 70 -0.07 28.45 7.70
C SER C 70 0.05 28.93 6.25
N ILE C 71 -0.44 30.16 6.02
CA ILE C 71 -0.15 30.93 4.84
C ILE C 71 0.40 32.28 5.30
N ASN C 72 1.41 32.82 4.60
CA ASN C 72 1.97 34.11 4.93
C ASN C 72 2.43 34.85 3.67
N SER C 73 2.31 36.19 3.70
CA SER C 73 2.98 37.09 2.77
C SER C 73 3.61 38.25 3.54
N MET C 74 4.49 37.92 4.50
CA MET C 74 5.08 38.89 5.41
C MET C 74 5.73 40.04 4.62
N GLY C 75 6.55 39.69 3.62
CA GLY C 75 7.23 40.67 2.77
C GLY C 75 8.55 41.20 3.37
N LEU C 76 9.25 40.34 4.13
CA LEU C 76 10.57 40.62 4.69
C LEU C 76 10.54 41.84 5.62
N PRO C 77 9.60 41.88 6.58
CA PRO C 77 9.67 42.86 7.67
C PRO C 77 10.85 42.53 8.57
N ASN C 78 11.81 43.46 8.65
CA ASN C 78 13.06 43.22 9.36
C ASN C 78 13.71 44.54 9.77
N LEU C 79 14.56 44.49 10.80
CA LEU C 79 15.15 45.67 11.40
C LEU C 79 16.39 46.15 10.64
N GLY C 80 16.69 45.57 9.48
CA GLY C 80 17.85 45.98 8.70
C GLY C 80 19.11 45.32 9.22
N VAL C 81 20.12 45.18 8.34
CA VAL C 81 21.25 44.28 8.56
C VAL C 81 22.04 44.75 9.79
N ASP C 82 22.14 46.07 9.96
CA ASP C 82 22.90 46.67 11.06
C ASP C 82 22.41 46.17 12.40
N PHE C 83 21.09 45.94 12.56
CA PHE C 83 20.56 45.43 13.80
C PHE C 83 21.04 43.99 14.02
N TYR C 84 21.00 43.17 12.96
CA TYR C 84 21.29 41.75 13.07
C TYR C 84 22.79 41.58 13.36
N LEU C 85 23.62 42.37 12.67
CA LEU C 85 25.07 42.37 12.90
C LEU C 85 25.36 42.76 14.35
N SER C 86 24.71 43.83 14.83
CA SER C 86 24.90 44.32 16.20
C SER C 86 24.49 43.26 17.23
N TYR C 87 23.39 42.55 16.99
CA TYR C 87 22.99 41.46 17.86
C TYR C 87 24.07 40.38 17.87
N ALA C 88 24.55 40.02 16.67
CA ALA C 88 25.52 38.95 16.49
C ALA C 88 26.85 39.29 17.15
N ALA C 89 27.31 40.54 16.97
CA ALA C 89 28.57 41.02 17.51
C ALA C 89 28.50 41.22 19.03
N GLN C 90 27.55 42.04 19.51
CA GLN C 90 27.63 42.58 20.86
C GLN C 90 26.65 41.88 21.82
N THR C 91 25.56 41.27 21.31
CA THR C 91 24.47 40.84 22.18
C THR C 91 24.42 39.32 22.38
N HIS C 92 24.60 38.52 21.32
CA HIS C 92 24.28 37.10 21.38
C HIS C 92 25.18 36.35 22.37
N ASP C 93 24.58 35.45 23.17
CA ASP C 93 25.29 34.60 24.10
C ASP C 93 25.69 33.28 23.42
N TYR C 94 26.91 33.28 22.85
CA TYR C 94 27.47 32.15 22.13
C TYR C 94 27.71 30.93 23.03
N SER C 95 27.72 31.09 24.36
CA SER C 95 27.97 29.97 25.25
C SER C 95 26.72 29.11 25.40
N ARG C 96 25.54 29.68 25.10
CA ARG C 96 24.29 28.91 25.05
C ARG C 96 24.27 28.04 23.79
N LYS C 97 24.54 28.65 22.63
CA LYS C 97 24.39 28.00 21.32
C LYS C 97 24.94 28.90 20.20
N PRO C 98 25.44 28.34 19.07
CA PRO C 98 25.82 29.12 17.88
C PRO C 98 24.66 29.91 17.26
N LEU C 99 24.99 30.90 16.41
CA LEU C 99 24.00 31.79 15.79
C LEU C 99 24.16 31.78 14.27
N PHE C 100 23.03 31.63 13.54
CA PHE C 100 22.93 31.87 12.11
C PHE C 100 22.27 33.24 11.86
N LEU C 101 22.71 33.95 10.80
CA LEU C 101 22.00 35.08 10.24
C LEU C 101 21.54 34.74 8.82
N SER C 102 20.24 34.95 8.54
CA SER C 102 19.70 34.85 7.19
C SER C 102 19.73 36.21 6.49
N MET C 103 20.27 36.25 5.26
CA MET C 103 20.30 37.47 4.47
C MET C 103 19.53 37.28 3.16
N SER C 104 18.64 38.24 2.86
CA SER C 104 17.81 38.23 1.66
C SER C 104 17.79 39.60 1.00
N GLY C 105 18.93 40.01 0.44
CA GLY C 105 18.97 41.14 -0.48
C GLY C 105 18.01 40.92 -1.65
N LEU C 106 17.36 42.01 -2.10
CA LEU C 106 16.40 41.94 -3.18
C LEU C 106 17.09 42.06 -4.54
N SER C 107 18.43 42.17 -4.51
CA SER C 107 19.28 42.20 -5.68
C SER C 107 20.66 41.64 -5.32
N VAL C 108 21.46 41.32 -6.34
CA VAL C 108 22.80 40.77 -6.14
C VAL C 108 23.68 41.81 -5.43
N GLU C 109 23.58 43.08 -5.86
CA GLU C 109 24.32 44.20 -5.29
C GLU C 109 24.07 44.33 -3.79
N GLU C 110 22.80 44.25 -3.37
CA GLU C 110 22.44 44.40 -1.97
C GLU C 110 22.99 43.24 -1.14
N SER C 111 22.89 42.01 -1.68
CA SER C 111 23.37 40.83 -1.01
C SER C 111 24.89 40.95 -0.78
N VAL C 112 25.62 41.32 -1.84
CA VAL C 112 27.06 41.55 -1.77
C VAL C 112 27.38 42.51 -0.61
N GLU C 113 26.69 43.67 -0.58
CA GLU C 113 26.96 44.71 0.39
C GLU C 113 26.78 44.15 1.80
N MET C 114 25.73 43.36 2.01
CA MET C 114 25.41 42.81 3.32
C MET C 114 26.45 41.78 3.77
N VAL C 115 26.84 40.86 2.87
CA VAL C 115 27.72 39.76 3.24
C VAL C 115 29.10 40.31 3.62
N LYS C 116 29.56 41.35 2.91
CA LYS C 116 30.81 42.03 3.21
C LYS C 116 30.85 42.52 4.66
N LYS C 117 29.70 43.03 5.16
CA LYS C 117 29.62 43.53 6.54
C LYS C 117 29.70 42.39 7.56
N LEU C 118 29.28 41.17 7.18
CA LEU C 118 29.26 40.03 8.11
C LEU C 118 30.66 39.44 8.31
N VAL C 119 31.56 39.61 7.32
CA VAL C 119 32.86 38.94 7.31
C VAL C 119 33.59 39.11 8.65
N PRO C 120 33.94 40.34 9.10
CA PRO C 120 34.60 40.54 10.38
C PRO C 120 33.88 39.87 11.55
N ILE C 121 32.55 39.90 11.54
CA ILE C 121 31.77 39.36 12.66
C ILE C 121 31.86 37.83 12.64
N THR C 122 31.83 37.21 11.45
CA THR C 122 31.99 35.76 11.35
C THR C 122 33.37 35.39 11.91
N LYS C 123 34.41 36.12 11.48
CA LYS C 123 35.79 35.84 11.88
C LYS C 123 35.95 36.01 13.40
N GLU C 124 35.30 37.03 13.98
CA GLU C 124 35.41 37.35 15.40
C GLU C 124 34.54 36.40 16.23
N LYS C 125 33.30 36.14 15.78
CA LYS C 125 32.27 35.50 16.62
C LYS C 125 31.85 34.12 16.13
N GLY C 126 32.14 33.79 14.87
CA GLY C 126 31.69 32.54 14.26
C GLY C 126 30.21 32.57 13.86
N THR C 127 29.68 33.75 13.54
CA THR C 127 28.31 33.89 13.06
C THR C 127 28.22 33.28 11.66
N ILE C 128 27.22 32.42 11.44
CA ILE C 128 27.09 31.63 10.21
C ILE C 128 26.03 32.27 9.29
N LEU C 129 26.34 32.35 7.99
CA LEU C 129 25.47 32.93 6.98
C LEU C 129 24.57 31.86 6.35
N GLU C 130 23.25 32.13 6.29
CA GLU C 130 22.32 31.46 5.40
C GLU C 130 21.80 32.49 4.39
N LEU C 131 22.14 32.30 3.11
CA LEU C 131 21.71 33.17 2.02
C LEU C 131 20.34 32.72 1.51
N ASN C 132 19.35 33.65 1.56
CA ASN C 132 17.98 33.35 1.20
C ASN C 132 17.79 33.53 -0.31
N LEU C 133 17.53 32.44 -1.04
CA LEU C 133 17.28 32.50 -2.47
C LEU C 133 15.87 32.01 -2.80
N SER C 134 14.94 32.14 -1.84
CA SER C 134 13.62 31.52 -2.01
C SER C 134 12.46 32.33 -1.41
N ALA C 135 12.64 33.65 -1.21
CA ALA C 135 11.56 34.52 -0.75
C ALA C 135 10.45 34.54 -1.79
N PRO C 136 9.23 34.00 -1.52
CA PRO C 136 8.14 34.02 -2.49
C PRO C 136 7.17 35.21 -2.42
N ASN C 137 7.39 36.14 -1.49
CA ASN C 137 6.35 37.08 -1.06
C ASN C 137 6.73 38.53 -1.31
N VAL C 138 7.77 38.76 -2.12
CA VAL C 138 8.18 40.12 -2.47
C VAL C 138 7.54 40.47 -3.81
N PRO C 139 6.52 41.36 -3.85
CA PRO C 139 5.88 41.76 -5.10
C PRO C 139 6.87 42.10 -6.20
N GLY C 140 6.71 41.48 -7.38
CA GLY C 140 7.56 41.73 -8.54
C GLY C 140 8.97 41.14 -8.45
N LYS C 141 9.24 40.27 -7.46
CA LYS C 141 10.53 39.60 -7.35
C LYS C 141 10.32 38.08 -7.31
N PRO C 142 10.53 37.35 -8.44
CA PRO C 142 10.40 35.90 -8.45
C PRO C 142 11.42 35.20 -7.56
N GLN C 143 11.12 33.98 -7.09
CA GLN C 143 12.08 33.22 -6.31
C GLN C 143 13.35 33.05 -7.16
N VAL C 144 14.49 33.51 -6.66
CA VAL C 144 15.76 33.46 -7.39
C VAL C 144 16.09 32.02 -7.76
N GLY C 145 15.86 31.09 -6.81
CA GLY C 145 16.17 29.67 -6.95
C GLY C 145 15.43 28.94 -8.08
N TYR C 146 14.37 29.54 -8.64
CA TYR C 146 13.71 28.96 -9.80
C TYR C 146 14.36 29.47 -11.10
N ASP C 147 15.37 30.35 -11.00
CA ASP C 147 16.13 30.80 -12.17
C ASP C 147 17.62 30.48 -11.97
N PHE C 148 18.11 29.43 -12.64
CA PHE C 148 19.45 28.92 -12.37
C PHE C 148 20.54 29.86 -12.88
N ASP C 149 20.28 30.68 -13.91
CA ASP C 149 21.24 31.70 -14.31
C ASP C 149 21.42 32.71 -13.18
N THR C 150 20.31 33.25 -12.67
CA THR C 150 20.33 34.22 -11.59
C THR C 150 20.94 33.61 -10.31
N THR C 151 20.63 32.34 -10.02
CA THR C 151 21.13 31.69 -8.81
C THR C 151 22.66 31.62 -8.84
N ARG C 152 23.20 31.24 -10.01
CA ARG C 152 24.62 31.15 -10.25
C ARG C 152 25.32 32.49 -9.99
N THR C 153 24.70 33.60 -10.43
CA THR C 153 25.28 34.93 -10.26
C THR C 153 25.36 35.26 -8.76
N TYR C 154 24.26 35.05 -8.02
CA TYR C 154 24.25 35.26 -6.57
C TYR C 154 25.35 34.46 -5.89
N LEU C 155 25.51 33.18 -6.27
CA LEU C 155 26.49 32.30 -5.64
C LEU C 155 27.92 32.74 -5.99
N GLN C 156 28.17 33.13 -7.26
CA GLN C 156 29.45 33.67 -7.69
C GLN C 156 29.82 34.86 -6.80
N LYS C 157 28.98 35.90 -6.80
CA LYS C 157 29.33 37.17 -6.18
C LYS C 157 29.44 37.06 -4.67
N VAL C 158 28.61 36.22 -4.04
CA VAL C 158 28.66 36.07 -2.58
C VAL C 158 29.89 35.24 -2.21
N SER C 159 30.30 34.31 -3.09
CA SER C 159 31.50 33.52 -2.87
C SER C 159 32.73 34.41 -2.89
N GLU C 160 32.82 35.32 -3.86
CA GLU C 160 33.90 36.30 -3.91
C GLU C 160 33.87 37.19 -2.68
N ALA C 161 32.72 37.81 -2.41
CA ALA C 161 32.59 38.88 -1.42
C ALA C 161 32.72 38.34 0.00
N TYR C 162 32.16 37.16 0.28
CA TYR C 162 32.15 36.62 1.63
C TYR C 162 33.37 35.75 1.86
N GLY C 163 33.61 34.78 0.97
CA GLY C 163 34.84 33.99 0.95
C GLY C 163 34.99 33.03 2.14
N LEU C 164 33.88 32.77 2.85
CA LEU C 164 33.87 31.84 3.97
C LEU C 164 32.72 30.86 3.74
N PRO C 165 32.78 29.63 4.32
CA PRO C 165 31.67 28.68 4.23
C PRO C 165 30.32 29.29 4.61
N PHE C 166 29.32 29.11 3.73
CA PHE C 166 27.97 29.62 3.98
C PHE C 166 26.94 28.58 3.51
N GLY C 167 25.66 28.87 3.81
CA GLY C 167 24.54 28.02 3.40
C GLY C 167 23.56 28.80 2.51
N VAL C 168 22.59 28.07 1.93
CA VAL C 168 21.58 28.65 1.04
C VAL C 168 20.22 28.07 1.42
N LYS C 169 19.21 28.95 1.51
CA LYS C 169 17.82 28.55 1.71
C LYS C 169 17.17 28.42 0.34
N MET C 170 16.80 27.19 -0.04
CA MET C 170 16.34 26.88 -1.39
C MET C 170 14.81 26.82 -1.44
N PRO C 171 14.20 27.17 -2.60
CA PRO C 171 12.78 26.94 -2.82
C PRO C 171 12.52 25.45 -2.98
N PRO C 172 11.30 24.93 -2.72
CA PRO C 172 11.00 23.55 -3.06
C PRO C 172 10.98 23.34 -4.57
N TYR C 173 11.58 22.23 -5.03
CA TYR C 173 11.49 21.79 -6.42
C TYR C 173 10.57 20.57 -6.48
N PHE C 174 9.96 20.35 -7.66
CA PHE C 174 8.90 19.36 -7.83
C PHE C 174 9.16 18.47 -9.04
N ASP C 175 10.38 18.54 -9.59
CA ASP C 175 10.72 17.89 -10.84
C ASP C 175 12.16 17.39 -10.77
N ILE C 176 12.41 16.14 -11.21
CA ILE C 176 13.72 15.50 -11.09
C ILE C 176 14.75 16.33 -11.84
N ALA C 177 14.38 16.80 -13.04
CA ALA C 177 15.25 17.63 -13.86
C ALA C 177 15.72 18.86 -13.08
N HIS C 178 14.84 19.42 -12.24
CA HIS C 178 15.15 20.61 -11.44
C HIS C 178 16.09 20.27 -10.28
N PHE C 179 15.91 19.11 -9.66
CA PHE C 179 16.84 18.62 -8.64
C PHE C 179 18.23 18.55 -9.25
N ASP C 180 18.32 17.95 -10.44
CA ASP C 180 19.58 17.79 -11.16
C ASP C 180 20.19 19.15 -11.48
N MET C 181 19.41 20.07 -12.07
CA MET C 181 19.94 21.38 -12.45
C MET C 181 20.33 22.19 -11.21
N ALA C 182 19.52 22.16 -10.15
CA ALA C 182 19.83 22.89 -8.92
C ALA C 182 21.15 22.39 -8.31
N ALA C 183 21.31 21.07 -8.23
CA ALA C 183 22.51 20.45 -7.65
C ALA C 183 23.75 20.76 -8.49
N ALA C 184 23.62 20.71 -9.82
CA ALA C 184 24.69 21.07 -10.74
C ALA C 184 25.21 22.48 -10.42
N VAL C 185 24.29 23.42 -10.14
CA VAL C 185 24.68 24.78 -9.80
C VAL C 185 25.39 24.79 -8.44
N LEU C 186 24.77 24.19 -7.41
CA LEU C 186 25.30 24.24 -6.04
C LEU C 186 26.69 23.59 -5.96
N ASN C 187 26.89 22.51 -6.72
CA ASN C 187 28.12 21.72 -6.67
C ASN C 187 29.27 22.48 -7.36
N ASP C 188 28.96 23.57 -8.06
CA ASP C 188 29.98 24.44 -8.64
C ASP C 188 30.55 25.43 -7.62
N PHE C 189 29.99 25.49 -6.41
CA PHE C 189 30.40 26.47 -5.41
C PHE C 189 30.74 25.75 -4.11
N PRO C 190 32.03 25.37 -3.91
CA PRO C 190 32.45 24.66 -2.69
C PRO C 190 32.20 25.42 -1.39
N LEU C 191 32.14 26.75 -1.46
CA LEU C 191 31.89 27.55 -0.27
C LEU C 191 30.46 27.35 0.25
N VAL C 192 29.56 26.82 -0.59
CA VAL C 192 28.23 26.45 -0.12
C VAL C 192 28.36 25.13 0.64
N LYS C 193 28.35 25.21 1.97
CA LYS C 193 28.57 24.04 2.82
C LYS C 193 27.25 23.44 3.29
N PHE C 194 26.16 24.21 3.25
CA PHE C 194 24.86 23.67 3.64
C PHE C 194 23.75 24.20 2.75
N ILE C 195 22.71 23.35 2.63
CA ILE C 195 21.50 23.61 1.86
C ILE C 195 20.34 23.44 2.83
N THR C 196 19.50 24.47 2.99
CA THR C 196 18.27 24.35 3.76
C THR C 196 17.12 24.08 2.79
N CYS C 197 16.46 22.94 3.01
CA CYS C 197 15.34 22.44 2.23
C CYS C 197 14.19 22.21 3.20
N VAL C 198 13.13 23.06 3.16
CA VAL C 198 12.85 24.01 2.09
C VAL C 198 12.19 25.28 2.64
N ASN C 199 12.13 26.31 1.79
CA ASN C 199 11.30 27.49 2.04
CA ASN C 199 11.31 27.49 2.04
C ASN C 199 9.84 27.12 1.83
N SER C 200 8.93 28.06 2.09
CA SER C 200 7.50 27.81 1.98
C SER C 200 7.16 27.43 0.54
N ILE C 201 6.09 26.65 0.36
CA ILE C 201 5.56 26.37 -0.96
C ILE C 201 4.88 27.64 -1.46
N GLY C 202 5.50 28.31 -2.45
CA GLY C 202 5.12 29.64 -2.89
C GLY C 202 3.70 29.70 -3.45
N ASN C 203 3.03 30.83 -3.19
CA ASN C 203 1.91 31.31 -3.97
C ASN C 203 0.74 30.33 -3.93
N GLY C 204 0.43 29.84 -2.72
CA GLY C 204 -0.84 29.21 -2.43
C GLY C 204 -1.91 30.28 -2.19
N LEU C 205 -3.17 29.85 -2.08
CA LEU C 205 -4.29 30.78 -1.93
C LEU C 205 -5.30 30.13 -0.98
N VAL C 206 -5.65 30.86 0.08
CA VAL C 206 -6.66 30.41 1.03
C VAL C 206 -7.83 31.40 1.01
N ILE C 207 -9.04 30.84 0.95
CA ILE C 207 -10.28 31.59 0.86
C ILE C 207 -11.19 31.12 1.98
N ASP C 208 -11.81 32.07 2.68
CA ASP C 208 -12.80 31.80 3.72
C ASP C 208 -14.17 31.57 3.07
N PRO C 209 -14.75 30.35 3.16
CA PRO C 209 -16.06 30.07 2.59
C PRO C 209 -17.19 30.96 3.11
N ALA C 210 -17.02 31.45 4.34
CA ALA C 210 -18.03 32.22 5.06
C ALA C 210 -18.30 33.55 4.35
N ASN C 211 -17.24 34.36 4.14
CA ASN C 211 -17.36 35.69 3.58
C ASN C 211 -16.85 35.74 2.14
N GLU C 212 -16.50 34.58 1.56
CA GLU C 212 -16.05 34.49 0.17
C GLU C 212 -14.85 35.40 -0.10
N THR C 213 -13.99 35.57 0.91
CA THR C 213 -12.87 36.50 0.86
C THR C 213 -11.58 35.74 1.20
N VAL C 214 -10.47 36.13 0.54
CA VAL C 214 -9.13 35.64 0.86
C VAL C 214 -8.79 36.08 2.28
N VAL C 215 -7.82 35.41 2.91
CA VAL C 215 -7.53 35.58 4.34
C VAL C 215 -6.31 36.48 4.56
N ILE C 216 -5.53 36.80 3.51
CA ILE C 216 -4.42 37.75 3.65
C ILE C 216 -4.53 38.80 2.55
N LYS C 217 -3.94 39.99 2.80
CA LYS C 217 -4.16 41.18 1.96
C LYS C 217 -3.19 41.27 0.77
N PRO C 218 -1.86 41.04 0.93
CA PRO C 218 -0.93 41.22 -0.18
C PRO C 218 -1.21 40.28 -1.36
N LYS C 219 -0.87 40.72 -2.58
CA LYS C 219 -0.84 39.88 -3.76
C LYS C 219 -2.16 39.09 -3.93
N GLN C 220 -3.31 39.75 -3.71
CA GLN C 220 -4.62 39.17 -3.96
C GLN C 220 -4.80 37.87 -3.18
N GLY C 221 -4.15 37.77 -2.02
CA GLY C 221 -4.33 36.66 -1.11
C GLY C 221 -3.32 35.53 -1.29
N PHE C 222 -2.38 35.68 -2.25
CA PHE C 222 -1.39 34.65 -2.53
C PHE C 222 -0.27 34.75 -1.49
N GLY C 223 0.08 33.62 -0.85
CA GLY C 223 1.19 33.56 0.11
C GLY C 223 1.86 32.18 0.15
N GLY C 224 3.01 32.12 0.85
CA GLY C 224 3.74 30.88 1.04
C GLY C 224 3.07 29.97 2.07
N LEU C 225 3.05 28.66 1.78
CA LEU C 225 2.43 27.64 2.63
C LEU C 225 3.49 27.02 3.53
N GLY C 226 3.13 26.84 4.81
CA GLY C 226 3.99 26.18 5.79
C GLY C 226 3.18 25.17 6.59
N GLY C 227 3.88 24.28 7.31
CA GLY C 227 3.25 23.31 8.19
C GLY C 227 3.01 21.96 7.51
N LYS C 228 1.90 21.32 7.89
CA LYS C 228 1.61 19.94 7.52
C LYS C 228 1.53 19.79 6.00
N TYR C 229 1.19 20.89 5.30
CA TYR C 229 1.12 20.90 3.84
C TYR C 229 2.44 20.46 3.18
N VAL C 230 3.58 20.77 3.81
CA VAL C 230 4.86 20.82 3.11
C VAL C 230 5.78 19.64 3.48
N LEU C 231 5.35 18.72 4.34
CA LEU C 231 6.26 17.72 4.89
C LEU C 231 6.78 16.81 3.77
N PRO C 232 5.92 16.12 2.97
CA PRO C 232 6.44 15.28 1.89
C PRO C 232 7.34 16.01 0.89
N THR C 233 7.04 17.27 0.59
CA THR C 233 7.87 18.09 -0.30
C THR C 233 9.23 18.34 0.35
N ALA C 234 9.22 18.68 1.65
CA ALA C 234 10.43 19.00 2.39
C ALA C 234 11.34 17.77 2.43
N LEU C 235 10.76 16.60 2.76
CA LEU C 235 11.52 15.37 2.86
C LEU C 235 12.18 15.02 1.52
N ALA C 236 11.42 15.17 0.42
CA ALA C 236 11.89 14.87 -0.92
C ALA C 236 13.11 15.74 -1.27
N ASN C 237 12.99 17.03 -0.95
CA ASN C 237 14.03 18.00 -1.26
C ASN C 237 15.28 17.69 -0.43
N VAL C 238 15.10 17.43 0.88
CA VAL C 238 16.20 17.05 1.76
C VAL C 238 16.95 15.86 1.15
N ASN C 239 16.23 14.78 0.83
CA ASN C 239 16.84 13.55 0.38
C ASN C 239 17.50 13.71 -0.99
N ALA C 240 16.87 14.51 -1.88
CA ALA C 240 17.36 14.72 -3.23
C ALA C 240 18.73 15.38 -3.21
N PHE C 241 18.89 16.37 -2.32
CA PHE C 241 20.12 17.13 -2.24
C PHE C 241 21.17 16.38 -1.41
N PHE C 242 20.73 15.63 -0.39
CA PHE C 242 21.63 14.78 0.39
C PHE C 242 22.41 13.87 -0.55
N ARG C 243 21.71 13.20 -1.48
CA ARG C 243 22.32 12.27 -2.43
C ARG C 243 23.14 12.98 -3.50
N ARG C 244 22.70 14.15 -4.00
CA ARG C 244 23.38 14.79 -5.12
C ARG C 244 24.50 15.74 -4.70
N CYS C 245 24.57 16.08 -3.39
CA CYS C 245 25.56 17.01 -2.86
C CYS C 245 26.31 16.32 -1.71
N PRO C 246 27.18 15.32 -2.00
CA PRO C 246 27.81 14.51 -0.95
C PRO C 246 28.73 15.26 0.00
N ASP C 247 29.33 16.39 -0.43
CA ASP C 247 30.24 17.14 0.43
C ASP C 247 29.51 18.27 1.17
N LYS C 248 28.20 18.42 0.94
CA LYS C 248 27.46 19.49 1.59
C LYS C 248 26.60 18.90 2.71
N LEU C 249 26.28 19.73 3.71
CA LEU C 249 25.30 19.37 4.71
C LEU C 249 23.92 19.82 4.22
N VAL C 250 22.87 19.17 4.73
CA VAL C 250 21.50 19.54 4.39
C VAL C 250 20.73 19.78 5.68
N PHE C 251 20.08 20.96 5.77
CA PHE C 251 19.19 21.26 6.88
C PHE C 251 17.75 21.05 6.41
N GLY C 252 17.00 20.24 7.17
CA GLY C 252 15.58 20.02 6.95
C GLY C 252 14.76 21.17 7.51
N CYS C 253 13.73 21.56 6.75
CA CYS C 253 12.76 22.57 7.15
C CYS C 253 11.43 22.30 6.48
N GLY C 254 10.38 22.08 7.27
CA GLY C 254 9.03 21.97 6.75
C GLY C 254 8.26 20.82 7.40
N GLY C 255 7.12 21.15 8.02
CA GLY C 255 6.17 20.16 8.50
C GLY C 255 6.54 19.56 9.85
N VAL C 256 7.54 20.12 10.54
CA VAL C 256 7.96 19.60 11.85
C VAL C 256 6.99 20.08 12.94
N TYR C 257 6.24 19.13 13.54
CA TYR C 257 5.37 19.37 14.69
C TYR C 257 5.74 18.46 15.88
N SER C 258 6.64 17.49 15.67
CA SER C 258 6.87 16.43 16.64
C SER C 258 8.21 15.74 16.37
N GLY C 259 8.64 14.88 17.31
CA GLY C 259 9.87 14.12 17.16
C GLY C 259 9.81 13.19 15.94
N GLU C 260 8.60 12.68 15.66
CA GLU C 260 8.35 11.82 14.51
C GLU C 260 8.81 12.46 13.21
N GLU C 261 8.45 13.73 12.98
CA GLU C 261 8.84 14.46 11.77
C GLU C 261 10.32 14.82 11.81
N ALA C 262 10.85 15.07 13.00
CA ALA C 262 12.27 15.37 13.16
C ALA C 262 13.09 14.16 12.74
N PHE C 263 12.63 12.98 13.17
CA PHE C 263 13.22 11.69 12.86
C PHE C 263 13.19 11.46 11.35
N LEU C 264 12.05 11.73 10.70
CA LEU C 264 11.90 11.53 9.27
C LEU C 264 12.88 12.42 8.52
N HIS C 265 13.00 13.70 8.91
CA HIS C 265 13.93 14.62 8.27
C HIS C 265 15.38 14.13 8.37
N ILE C 266 15.76 13.58 9.53
CA ILE C 266 17.14 13.15 9.77
C ILE C 266 17.41 11.89 8.95
N LEU C 267 16.47 10.92 8.98
CA LEU C 267 16.46 9.74 8.11
C LEU C 267 16.73 10.12 6.65
N ALA C 268 16.04 11.16 6.18
CA ALA C 268 16.13 11.65 4.81
C ALA C 268 17.49 12.30 4.52
N GLY C 269 18.21 12.75 5.56
CA GLY C 269 19.56 13.26 5.38
C GLY C 269 19.84 14.59 6.11
N ALA C 270 18.90 15.08 6.93
CA ALA C 270 19.07 16.37 7.61
C ALA C 270 20.13 16.29 8.71
N SER C 271 21.03 17.28 8.73
CA SER C 271 21.97 17.53 9.83
C SER C 271 21.30 18.31 10.95
N MET C 272 20.69 19.46 10.61
CA MET C 272 19.87 20.28 11.50
C MET C 272 18.42 20.26 11.01
N VAL C 273 17.46 20.45 11.93
CA VAL C 273 16.02 20.45 11.65
C VAL C 273 15.42 21.78 12.12
N GLN C 274 14.84 22.57 11.19
CA GLN C 274 14.27 23.88 11.48
C GLN C 274 12.75 23.78 11.69
N VAL C 275 12.20 24.64 12.55
CA VAL C 275 10.79 24.59 12.95
C VAL C 275 10.17 25.98 12.75
N GLY C 276 9.16 26.04 11.86
CA GLY C 276 8.51 27.28 11.48
C GLY C 276 7.10 27.38 12.08
N THR C 277 6.09 26.94 11.31
CA THR C 277 4.69 27.11 11.68
C THR C 277 4.40 26.57 13.08
N ALA C 278 4.91 25.38 13.44
CA ALA C 278 4.61 24.80 14.74
C ALA C 278 5.18 25.65 15.88
N LEU C 279 6.31 26.33 15.61
CA LEU C 279 6.96 27.25 16.55
C LEU C 279 6.12 28.51 16.71
N HIS C 280 5.62 29.02 15.58
CA HIS C 280 4.77 30.19 15.53
C HIS C 280 3.52 29.97 16.40
N ASP C 281 2.98 28.74 16.33
CA ASP C 281 1.80 28.32 17.08
C ASP C 281 2.13 28.18 18.57
N GLU C 282 3.09 27.30 18.90
CA GLU C 282 3.29 26.77 20.24
C GLU C 282 4.27 27.61 21.08
N GLY C 283 5.19 28.31 20.43
CA GLY C 283 6.18 29.13 21.14
C GLY C 283 7.44 28.34 21.47
N PRO C 284 8.55 29.03 21.87
CA PRO C 284 9.86 28.39 22.09
C PRO C 284 9.87 27.18 23.03
N ILE C 285 8.77 26.94 23.74
CA ILE C 285 8.64 25.75 24.58
C ILE C 285 8.64 24.47 23.74
N ILE C 286 8.36 24.59 22.43
CA ILE C 286 8.25 23.42 21.56
C ILE C 286 9.57 22.63 21.56
N PHE C 287 10.71 23.33 21.65
CA PHE C 287 12.03 22.71 21.53
C PHE C 287 12.29 21.70 22.65
N ALA C 288 11.79 21.98 23.86
CA ALA C 288 11.87 21.03 24.97
C ALA C 288 11.10 19.75 24.63
N ARG C 289 9.91 19.92 24.04
CA ARG C 289 9.05 18.79 23.68
C ARG C 289 9.73 17.95 22.60
N LEU C 290 10.33 18.64 21.62
CA LEU C 290 10.95 18.00 20.47
C LEU C 290 12.14 17.14 20.91
N ASN C 291 12.99 17.69 21.79
CA ASN C 291 14.14 16.97 22.34
C ASN C 291 13.70 15.66 22.98
N LYS C 292 12.67 15.76 23.83
CA LYS C 292 12.10 14.61 24.53
C LYS C 292 11.57 13.58 23.53
N GLU C 293 10.78 14.02 22.55
CA GLU C 293 10.09 13.12 21.62
C GLU C 293 11.07 12.40 20.70
N LEU C 294 12.08 13.10 20.19
CA LEU C 294 13.12 12.51 19.34
C LEU C 294 13.85 11.43 20.12
N GLN C 295 14.24 11.74 21.37
CA GLN C 295 14.90 10.79 22.26
C GLN C 295 14.03 9.56 22.47
N GLU C 296 12.72 9.76 22.74
CA GLU C 296 11.78 8.65 22.91
C GLU C 296 11.87 7.70 21.72
N ILE C 297 11.80 8.26 20.51
CA ILE C 297 11.79 7.46 19.28
C ILE C 297 13.13 6.75 19.14
N MET C 298 14.23 7.47 19.38
CA MET C 298 15.57 6.90 19.33
C MET C 298 15.70 5.74 20.32
N THR C 299 15.16 5.91 21.54
CA THR C 299 15.20 4.87 22.56
C THR C 299 14.51 3.61 22.05
N ASN C 300 13.30 3.76 21.46
CA ASN C 300 12.53 2.61 20.99
C ASN C 300 13.23 1.86 19.85
N LYS C 301 14.14 2.54 19.15
CA LYS C 301 14.76 1.99 17.94
C LYS C 301 16.18 1.50 18.22
N GLY C 302 16.71 1.80 19.41
CA GLY C 302 18.04 1.35 19.80
C GLY C 302 19.13 2.23 19.20
N TYR C 303 18.77 3.47 18.84
CA TYR C 303 19.72 4.45 18.36
C TYR C 303 20.21 5.29 19.54
N LYS C 304 21.53 5.54 19.59
CA LYS C 304 22.16 6.28 20.69
C LYS C 304 22.68 7.64 20.18
N THR C 305 22.90 7.76 18.87
CA THR C 305 23.25 9.03 18.23
C THR C 305 22.48 9.16 16.91
N LEU C 306 22.49 10.39 16.36
CA LEU C 306 21.81 10.72 15.12
C LEU C 306 22.57 10.15 13.92
N ASP C 307 23.90 10.12 14.04
CA ASP C 307 24.81 9.61 13.02
C ASP C 307 24.45 8.17 12.67
N GLU C 308 23.78 7.46 13.59
CA GLU C 308 23.39 6.08 13.36
C GLU C 308 22.32 5.95 12.26
N PHE C 309 21.42 6.94 12.10
CA PHE C 309 20.33 6.80 11.13
C PHE C 309 20.23 8.00 10.17
N ARG C 310 21.12 9.00 10.28
CA ARG C 310 21.09 10.13 9.37
C ARG C 310 21.30 9.64 7.94
N GLY C 311 20.35 9.94 7.05
CA GLY C 311 20.46 9.64 5.64
C GLY C 311 20.34 8.14 5.34
N ARG C 312 19.81 7.38 6.31
CA ARG C 312 19.67 5.93 6.18
C ARG C 312 18.23 5.52 5.85
N VAL C 313 17.40 6.43 5.31
CA VAL C 313 16.10 6.03 4.79
C VAL C 313 16.29 4.85 3.83
N LYS C 314 15.46 3.81 3.94
CA LYS C 314 15.60 2.62 3.10
C LYS C 314 14.69 2.72 1.88
N THR C 315 15.21 2.32 0.71
CA THR C 315 14.41 2.24 -0.51
C THR C 315 14.10 0.79 -0.80
N MET C 316 13.13 0.54 -1.68
CA MET C 316 12.71 -0.81 -2.02
C MET C 316 13.47 -1.31 -3.25
N ASP C 317 13.76 -2.62 -3.26
CA ASP C 317 14.44 -3.28 -4.37
C ASP C 317 13.40 -3.85 -5.34
N MET D 5 -33.32 26.58 -8.02
CA MET D 5 -31.88 26.28 -7.78
C MET D 5 -31.38 25.20 -8.74
N SER D 6 -30.15 25.38 -9.26
CA SER D 6 -29.56 24.48 -10.25
C SER D 6 -28.04 24.43 -10.14
N LEU D 7 -27.46 23.24 -10.34
CA LEU D 7 -26.01 23.03 -10.35
C LEU D 7 -25.48 23.00 -11.79
N LYS D 8 -26.31 23.33 -12.78
CA LYS D 8 -25.97 23.14 -14.18
C LYS D 8 -24.78 24.00 -14.60
N VAL D 9 -23.98 23.47 -15.52
CA VAL D 9 -22.87 24.16 -16.17
C VAL D 9 -23.08 24.00 -17.66
N ASN D 10 -23.04 25.13 -18.38
CA ASN D 10 -23.33 25.17 -19.80
C ASN D 10 -22.10 25.72 -20.54
N ILE D 11 -21.20 24.80 -20.96
CA ILE D 11 -19.91 25.15 -21.53
C ILE D 11 -19.59 24.17 -22.67
N LEU D 12 -18.77 24.63 -23.62
CA LEU D 12 -18.18 23.79 -24.66
C LEU D 12 -19.26 23.11 -25.51
N GLY D 13 -20.48 23.66 -25.51
CA GLY D 13 -21.57 23.12 -26.32
C GLY D 13 -22.34 22.02 -25.61
N HIS D 14 -22.14 21.87 -24.30
CA HIS D 14 -22.76 20.78 -23.54
C HIS D 14 -23.48 21.35 -22.32
N GLU D 15 -24.55 20.66 -21.91
CA GLU D 15 -25.25 20.99 -20.67
C GLU D 15 -24.85 19.95 -19.62
N PHE D 16 -24.07 20.36 -18.63
CA PHE D 16 -23.65 19.44 -17.57
C PHE D 16 -24.63 19.57 -16.39
N SER D 17 -25.10 18.42 -15.87
CA SER D 17 -26.06 18.38 -14.77
C SER D 17 -25.47 19.01 -13.51
N ASN D 18 -24.15 18.90 -13.31
CA ASN D 18 -23.46 19.50 -12.18
C ASN D 18 -21.98 19.67 -12.56
N PRO D 19 -21.16 20.40 -11.77
CA PRO D 19 -19.77 20.67 -12.15
C PRO D 19 -18.77 19.53 -11.89
N PHE D 20 -19.24 18.40 -11.35
CA PHE D 20 -18.35 17.38 -10.80
C PHE D 20 -17.99 16.32 -11.82
N MET D 21 -16.72 15.89 -11.76
CA MET D 21 -16.23 14.75 -12.53
C MET D 21 -15.06 14.13 -11.77
N ASN D 22 -14.61 12.97 -12.24
CA ASN D 22 -13.40 12.37 -11.68
C ASN D 22 -12.19 13.16 -12.19
N ALA D 23 -11.12 13.19 -11.39
CA ALA D 23 -9.82 13.58 -11.89
C ALA D 23 -9.29 12.45 -12.77
N ALA D 24 -8.60 12.79 -13.86
CA ALA D 24 -7.98 11.78 -14.70
C ALA D 24 -7.11 10.87 -13.85
N GLY D 25 -7.19 9.55 -14.09
CA GLY D 25 -6.40 8.59 -13.35
C GLY D 25 -7.21 7.81 -12.32
N VAL D 26 -8.32 8.40 -11.83
CA VAL D 26 -9.10 7.78 -10.77
C VAL D 26 -10.45 7.31 -11.34
N LEU D 27 -10.76 6.02 -11.12
CA LEU D 27 -11.96 5.35 -11.58
C LEU D 27 -12.23 5.61 -13.07
N CYS D 28 -11.23 5.35 -13.93
CA CYS D 28 -11.36 5.67 -15.34
C CYS D 28 -10.41 4.89 -16.25
N THR D 29 -9.83 3.79 -15.75
CA THR D 29 -8.84 3.03 -16.53
C THR D 29 -9.52 1.92 -17.32
N THR D 30 -10.46 1.17 -16.70
CA THR D 30 -11.10 0.01 -17.32
C THR D 30 -12.52 0.37 -17.76
N GLU D 31 -13.11 -0.47 -18.64
CA GLU D 31 -14.50 -0.32 -19.05
C GLU D 31 -15.42 -0.29 -17.82
N GLU D 32 -15.14 -1.14 -16.82
CA GLU D 32 -15.94 -1.18 -15.60
C GLU D 32 -15.84 0.13 -14.83
N ASP D 33 -14.63 0.69 -14.72
CA ASP D 33 -14.42 1.97 -14.06
C ASP D 33 -15.29 3.05 -14.71
N LEU D 34 -15.25 3.12 -16.05
CA LEU D 34 -15.95 4.14 -16.81
C LEU D 34 -17.47 3.96 -16.70
N ARG D 35 -17.92 2.70 -16.69
CA ARG D 35 -19.33 2.38 -16.51
C ARG D 35 -19.80 2.93 -15.17
N ARG D 36 -19.01 2.69 -14.10
CA ARG D 36 -19.37 3.12 -12.77
C ARG D 36 -19.44 4.65 -12.68
N MET D 37 -18.49 5.33 -13.33
CA MET D 37 -18.49 6.79 -13.41
C MET D 37 -19.76 7.29 -14.10
N THR D 38 -20.10 6.68 -15.25
CA THR D 38 -21.26 7.04 -16.06
C THR D 38 -22.56 6.82 -15.27
N GLU D 39 -22.60 5.77 -14.45
CA GLU D 39 -23.77 5.42 -13.65
C GLU D 39 -23.91 6.33 -12.44
N SER D 40 -22.80 6.96 -12.00
CA SER D 40 -22.80 7.83 -10.84
C SER D 40 -23.58 9.10 -11.12
N GLU D 41 -23.70 9.95 -10.09
CA GLU D 41 -24.35 11.26 -10.19
C GLU D 41 -23.39 12.35 -10.69
N SER D 42 -22.16 11.99 -11.09
CA SER D 42 -21.21 12.98 -11.62
C SER D 42 -21.78 13.68 -12.86
N GLY D 43 -21.48 14.97 -13.01
CA GLY D 43 -21.84 15.75 -14.19
C GLY D 43 -21.12 15.28 -15.45
N SER D 44 -19.92 14.71 -15.30
CA SER D 44 -19.15 14.21 -16.43
C SER D 44 -18.13 13.18 -15.94
N LEU D 45 -17.25 12.71 -16.85
CA LEU D 45 -16.17 11.80 -16.52
C LEU D 45 -15.04 11.99 -17.53
N ILE D 46 -13.83 11.53 -17.16
CA ILE D 46 -12.67 11.58 -18.04
C ILE D 46 -11.91 10.26 -17.95
N GLY D 47 -11.40 9.80 -19.10
CA GLY D 47 -10.64 8.57 -19.21
C GLY D 47 -9.23 8.74 -18.68
N LYS D 48 -8.60 7.63 -18.29
CA LYS D 48 -7.21 7.62 -17.85
C LYS D 48 -6.31 8.19 -18.94
N SER D 49 -5.31 9.00 -18.56
CA SER D 49 -4.28 9.45 -19.49
C SER D 49 -3.71 8.23 -20.21
N CYS D 50 -3.88 8.21 -21.55
CA CYS D 50 -3.50 7.05 -22.33
C CYS D 50 -2.26 7.32 -23.18
N THR D 51 -1.63 6.23 -23.61
CA THR D 51 -0.51 6.22 -24.53
C THR D 51 -0.93 5.42 -25.76
N LEU D 52 -0.11 5.44 -26.82
CA LEU D 52 -0.43 4.80 -28.08
C LEU D 52 -0.61 3.31 -27.86
N ALA D 53 0.35 2.73 -27.13
CA ALA D 53 0.37 1.32 -26.77
C ALA D 53 -0.08 1.13 -25.31
N PRO D 54 -0.65 -0.04 -24.97
CA PRO D 54 -0.97 -0.37 -23.59
C PRO D 54 0.23 -0.28 -22.65
N ARG D 55 0.02 0.13 -21.40
CA ARG D 55 1.05 0.11 -20.36
C ARG D 55 0.49 -0.56 -19.09
N THR D 56 1.34 -1.35 -18.40
CA THR D 56 1.03 -1.88 -17.08
C THR D 56 1.50 -0.95 -15.96
N GLY D 57 2.40 -0.01 -16.29
CA GLY D 57 2.86 1.01 -15.36
C GLY D 57 3.98 0.51 -14.44
N ASN D 58 4.22 1.27 -13.36
CA ASN D 58 5.37 1.10 -12.48
C ASN D 58 5.17 -0.11 -11.55
N PRO D 59 6.27 -0.68 -10.99
CA PRO D 59 6.19 -1.75 -10.00
C PRO D 59 5.60 -1.32 -8.66
N GLU D 60 5.26 -2.31 -7.82
CA GLU D 60 4.56 -2.09 -6.56
C GLU D 60 5.45 -2.10 -5.32
N PRO D 61 5.07 -1.44 -4.21
CA PRO D 61 3.89 -0.57 -4.14
C PRO D 61 4.08 0.74 -4.89
N ARG D 62 2.98 1.29 -5.43
CA ARG D 62 3.05 2.52 -6.24
C ARG D 62 2.01 3.54 -5.82
N TYR D 63 1.19 3.23 -4.79
CA TYR D 63 0.18 4.13 -4.24
C TYR D 63 0.18 3.98 -2.72
N PHE D 64 0.09 5.10 -1.98
CA PHE D 64 -0.05 5.03 -0.54
C PHE D 64 -1.03 6.10 -0.07
N GLY D 65 -2.06 5.67 0.67
CA GLY D 65 -3.05 6.55 1.26
C GLY D 65 -2.56 7.07 2.61
N LEU D 66 -2.78 8.37 2.87
CA LEU D 66 -2.37 9.04 4.09
C LEU D 66 -3.57 9.75 4.70
N PRO D 67 -3.52 10.16 5.99
CA PRO D 67 -4.55 11.02 6.57
C PRO D 67 -4.86 12.27 5.74
N LEU D 68 -3.82 12.89 5.16
CA LEU D 68 -3.93 14.17 4.47
C LEU D 68 -4.02 14.00 2.94
N GLY D 69 -4.06 12.76 2.42
CA GLY D 69 -4.26 12.55 1.00
C GLY D 69 -3.55 11.30 0.47
N SER D 70 -2.71 11.46 -0.57
CA SER D 70 -2.13 10.33 -1.29
C SER D 70 -0.77 10.66 -1.87
N ILE D 71 0.06 9.62 -2.05
CA ILE D 71 1.24 9.65 -2.91
C ILE D 71 1.12 8.51 -3.93
N ASN D 72 1.42 8.80 -5.21
CA ASN D 72 1.34 7.78 -6.25
C ASN D 72 2.49 7.95 -7.24
N SER D 73 2.97 6.82 -7.72
CA SER D 73 3.79 6.75 -8.92
C SER D 73 3.25 5.63 -9.81
N MET D 74 2.04 5.84 -10.34
CA MET D 74 1.32 4.81 -11.09
C MET D 74 2.12 4.45 -12.35
N GLY D 75 2.65 5.46 -13.05
CA GLY D 75 3.45 5.26 -14.26
C GLY D 75 2.59 5.03 -15.49
N LEU D 76 1.40 5.67 -15.53
CA LEU D 76 0.49 5.69 -16.67
C LEU D 76 0.07 4.28 -17.08
N PRO D 77 -0.44 3.44 -16.15
CA PRO D 77 -1.09 2.19 -16.53
C PRO D 77 -2.33 2.49 -17.35
N ASN D 78 -2.44 1.94 -18.56
CA ASN D 78 -3.60 2.23 -19.41
C ASN D 78 -3.75 1.16 -20.48
N LEU D 79 -4.96 1.03 -21.02
CA LEU D 79 -5.29 -0.02 -21.99
C LEU D 79 -4.97 0.40 -23.44
N GLY D 80 -4.30 1.55 -23.62
CA GLY D 80 -3.90 1.99 -24.95
C GLY D 80 -4.98 2.86 -25.60
N VAL D 81 -4.56 3.79 -26.48
CA VAL D 81 -5.47 4.76 -27.06
C VAL D 81 -6.67 4.06 -27.74
N ASP D 82 -6.43 2.97 -28.49
CA ASP D 82 -7.48 2.29 -29.24
C ASP D 82 -8.67 1.95 -28.33
N PHE D 83 -8.38 1.53 -27.09
CA PHE D 83 -9.41 1.14 -26.15
C PHE D 83 -10.29 2.33 -25.76
N TYR D 84 -9.67 3.47 -25.40
CA TYR D 84 -10.43 4.65 -24.95
C TYR D 84 -11.23 5.22 -26.12
N LEU D 85 -10.71 5.14 -27.35
CA LEU D 85 -11.41 5.66 -28.51
C LEU D 85 -12.65 4.82 -28.79
N SER D 86 -12.46 3.49 -28.74
CA SER D 86 -13.53 2.53 -28.94
C SER D 86 -14.61 2.73 -27.88
N TYR D 87 -14.21 2.93 -26.62
CA TYR D 87 -15.16 3.25 -25.56
C TYR D 87 -15.96 4.50 -25.95
N ALA D 88 -15.29 5.54 -26.45
CA ALA D 88 -15.91 6.83 -26.76
C ALA D 88 -16.87 6.73 -27.95
N ALA D 89 -16.49 5.88 -28.92
CA ALA D 89 -17.19 5.72 -30.18
C ALA D 89 -18.42 4.80 -30.06
N GLN D 90 -18.36 3.73 -29.23
CA GLN D 90 -19.39 2.69 -29.28
C GLN D 90 -19.98 2.32 -27.91
N THR D 91 -19.29 2.58 -26.78
CA THR D 91 -19.77 2.11 -25.49
C THR D 91 -20.45 3.22 -24.70
N HIS D 92 -19.79 4.38 -24.53
CA HIS D 92 -20.26 5.40 -23.61
C HIS D 92 -21.68 5.85 -23.96
N ASP D 93 -22.49 6.10 -22.91
CA ASP D 93 -23.85 6.62 -23.06
C ASP D 93 -23.83 8.13 -22.91
N TYR D 94 -23.77 8.84 -24.05
CA TYR D 94 -23.73 10.30 -24.06
C TYR D 94 -25.04 10.90 -23.53
N SER D 95 -26.13 10.12 -23.55
CA SER D 95 -27.40 10.59 -23.03
C SER D 95 -27.28 10.81 -21.52
N ARG D 96 -26.37 10.06 -20.87
CA ARG D 96 -26.14 10.19 -19.44
C ARG D 96 -25.33 11.45 -19.15
N LYS D 97 -24.16 11.59 -19.80
CA LYS D 97 -23.28 12.73 -19.55
C LYS D 97 -22.23 12.87 -20.65
N PRO D 98 -21.66 14.08 -20.86
CA PRO D 98 -20.54 14.26 -21.77
C PRO D 98 -19.29 13.49 -21.34
N LEU D 99 -18.40 13.19 -22.29
CA LEU D 99 -17.20 12.41 -22.01
C LEU D 99 -15.94 13.15 -22.45
N PHE D 100 -14.94 13.20 -21.53
CA PHE D 100 -13.60 13.66 -21.80
C PHE D 100 -12.65 12.46 -21.91
N LEU D 101 -11.67 12.52 -22.82
CA LEU D 101 -10.52 11.62 -22.79
C LEU D 101 -9.26 12.39 -22.47
N SER D 102 -8.40 11.83 -21.59
CA SER D 102 -7.08 12.39 -21.35
C SER D 102 -6.03 11.65 -22.19
N MET D 103 -5.14 12.39 -22.84
CA MET D 103 -4.08 11.81 -23.65
C MET D 103 -2.73 12.32 -23.18
N SER D 104 -1.81 11.37 -22.95
CA SER D 104 -0.49 11.64 -22.40
C SER D 104 0.57 10.83 -23.14
N GLY D 105 0.74 11.11 -24.43
CA GLY D 105 1.91 10.62 -25.17
C GLY D 105 3.20 11.09 -24.50
N LEU D 106 4.23 10.23 -24.54
CA LEU D 106 5.52 10.53 -23.95
C LEU D 106 6.39 11.37 -24.89
N SER D 107 5.85 11.75 -26.06
CA SER D 107 6.52 12.61 -27.03
C SER D 107 5.47 13.35 -27.85
N VAL D 108 5.86 14.44 -28.52
CA VAL D 108 4.92 15.21 -29.33
C VAL D 108 4.38 14.34 -30.49
N GLU D 109 5.22 13.48 -31.08
CA GLU D 109 4.83 12.60 -32.18
C GLU D 109 3.70 11.66 -31.79
N GLU D 110 3.90 10.93 -30.67
CA GLU D 110 2.88 10.06 -30.09
C GLU D 110 1.61 10.83 -29.82
N SER D 111 1.73 12.01 -29.21
CA SER D 111 0.56 12.85 -28.92
C SER D 111 -0.18 13.24 -30.19
N VAL D 112 0.55 13.63 -31.25
CA VAL D 112 -0.04 14.01 -32.52
C VAL D 112 -0.82 12.83 -33.10
N GLU D 113 -0.18 11.65 -33.15
CA GLU D 113 -0.81 10.43 -33.65
C GLU D 113 -2.15 10.18 -32.96
N MET D 114 -2.16 10.28 -31.64
CA MET D 114 -3.32 9.96 -30.83
C MET D 114 -4.47 10.94 -31.11
N VAL D 115 -4.20 12.25 -31.18
CA VAL D 115 -5.27 13.23 -31.28
C VAL D 115 -5.88 13.17 -32.68
N LYS D 116 -5.07 12.80 -33.69
CA LYS D 116 -5.57 12.61 -35.04
C LYS D 116 -6.65 11.54 -35.04
N LYS D 117 -6.44 10.43 -34.30
CA LYS D 117 -7.41 9.36 -34.22
C LYS D 117 -8.70 9.84 -33.56
N LEU D 118 -8.62 10.84 -32.68
CA LEU D 118 -9.77 11.30 -31.93
C LEU D 118 -10.67 12.23 -32.76
N VAL D 119 -10.11 12.90 -33.78
CA VAL D 119 -10.84 13.91 -34.53
C VAL D 119 -12.21 13.37 -34.98
N PRO D 120 -12.28 12.26 -35.75
CA PRO D 120 -13.57 11.74 -36.21
C PRO D 120 -14.59 11.48 -35.12
N ILE D 121 -14.13 10.97 -33.97
CA ILE D 121 -14.98 10.61 -32.85
C ILE D 121 -15.49 11.87 -32.15
N THR D 122 -14.65 12.90 -32.02
CA THR D 122 -15.10 14.18 -31.48
C THR D 122 -16.25 14.72 -32.34
N LYS D 123 -16.06 14.69 -33.67
CA LYS D 123 -17.03 15.26 -34.60
C LYS D 123 -18.37 14.51 -34.48
N GLU D 124 -18.30 13.18 -34.47
CA GLU D 124 -19.47 12.31 -34.39
C GLU D 124 -20.14 12.40 -33.02
N LYS D 125 -19.38 12.20 -31.93
CA LYS D 125 -19.96 11.96 -30.61
C LYS D 125 -19.87 13.19 -29.69
N GLY D 126 -18.91 14.07 -29.94
CA GLY D 126 -18.71 15.26 -29.09
C GLY D 126 -17.71 15.05 -27.96
N THR D 127 -16.92 13.96 -28.03
CA THR D 127 -15.87 13.65 -27.06
C THR D 127 -14.86 14.80 -26.97
N ILE D 128 -14.51 15.22 -25.74
CA ILE D 128 -13.65 16.37 -25.48
C ILE D 128 -12.24 15.90 -25.08
N LEU D 129 -11.18 16.50 -25.66
CA LEU D 129 -9.80 16.20 -25.34
C LEU D 129 -9.28 17.04 -24.16
N GLU D 130 -8.61 16.37 -23.20
CA GLU D 130 -7.75 16.97 -22.19
C GLU D 130 -6.34 16.45 -22.46
N LEU D 131 -5.45 17.32 -22.94
CA LEU D 131 -4.06 16.96 -23.21
C LEU D 131 -3.27 17.08 -21.91
N ASN D 132 -2.62 15.99 -21.49
CA ASN D 132 -1.88 15.95 -20.23
C ASN D 132 -0.44 16.41 -20.44
N LEU D 133 -0.08 17.56 -19.86
CA LEU D 133 1.29 18.08 -19.95
C LEU D 133 1.98 18.10 -18.59
N SER D 134 1.57 17.20 -17.67
CA SER D 134 1.96 17.30 -16.27
C SER D 134 2.17 15.96 -15.56
N ALA D 135 2.38 14.87 -16.30
CA ALA D 135 2.62 13.56 -15.69
C ALA D 135 3.96 13.60 -14.96
N PRO D 136 4.03 13.43 -13.62
CA PRO D 136 5.30 13.54 -12.90
C PRO D 136 5.99 12.23 -12.52
N ASN D 137 5.47 11.07 -13.00
CA ASN D 137 5.87 9.76 -12.50
C ASN D 137 6.38 8.83 -13.60
N VAL D 138 6.74 9.37 -14.77
CA VAL D 138 7.37 8.60 -15.83
C VAL D 138 8.89 8.75 -15.65
N PRO D 139 9.57 7.69 -15.14
CA PRO D 139 11.02 7.73 -14.96
C PRO D 139 11.73 8.25 -16.20
N GLY D 140 12.51 9.33 -16.06
CA GLY D 140 13.29 9.86 -17.17
C GLY D 140 12.62 11.01 -17.93
N LYS D 141 11.30 11.23 -17.76
CA LYS D 141 10.62 12.29 -18.50
C LYS D 141 10.06 13.34 -17.53
N PRO D 142 10.62 14.57 -17.50
CA PRO D 142 10.08 15.67 -16.69
C PRO D 142 8.71 16.17 -17.14
N GLN D 143 7.99 16.82 -16.23
CA GLN D 143 6.68 17.39 -16.51
C GLN D 143 6.86 18.38 -17.66
N VAL D 144 6.15 18.19 -18.79
CA VAL D 144 6.30 19.04 -19.97
C VAL D 144 6.02 20.50 -19.60
N GLY D 145 5.00 20.72 -18.77
CA GLY D 145 4.53 22.03 -18.36
C GLY D 145 5.56 22.88 -17.61
N TYR D 146 6.69 22.30 -17.18
CA TYR D 146 7.77 23.07 -16.56
C TYR D 146 8.80 23.52 -17.58
N ASP D 147 8.65 23.09 -18.85
CA ASP D 147 9.48 23.59 -19.94
C ASP D 147 8.58 24.27 -20.98
N PHE D 148 8.62 25.61 -21.06
CA PHE D 148 7.70 26.40 -21.85
C PHE D 148 7.98 26.28 -23.36
N ASP D 149 9.24 26.03 -23.74
CA ASP D 149 9.60 25.77 -25.13
C ASP D 149 8.93 24.46 -25.59
N THR D 150 9.09 23.41 -24.78
CA THR D 150 8.49 22.12 -25.09
C THR D 150 6.97 22.23 -25.08
N THR D 151 6.41 22.96 -24.09
CA THR D 151 4.97 23.13 -23.98
C THR D 151 4.43 23.76 -25.26
N ARG D 152 5.09 24.82 -25.73
CA ARG D 152 4.72 25.52 -26.96
C ARG D 152 4.65 24.56 -28.15
N THR D 153 5.68 23.71 -28.31
CA THR D 153 5.73 22.73 -29.39
C THR D 153 4.51 21.80 -29.32
N TYR D 154 4.20 21.23 -28.14
CA TYR D 154 3.06 20.35 -27.98
C TYR D 154 1.77 21.04 -28.42
N LEU D 155 1.57 22.28 -27.96
CA LEU D 155 0.33 23.00 -28.23
C LEU D 155 0.21 23.37 -29.71
N GLN D 156 1.32 23.77 -30.34
CA GLN D 156 1.30 24.08 -31.77
C GLN D 156 0.93 22.83 -32.57
N LYS D 157 1.65 21.72 -32.35
CA LYS D 157 1.46 20.49 -33.11
C LYS D 157 0.08 19.87 -32.90
N VAL D 158 -0.41 19.90 -31.65
CA VAL D 158 -1.74 19.37 -31.34
C VAL D 158 -2.81 20.30 -31.89
N SER D 159 -2.57 21.61 -31.84
CA SER D 159 -3.51 22.59 -32.40
C SER D 159 -3.72 22.34 -33.89
N GLU D 160 -2.63 22.09 -34.62
CA GLU D 160 -2.65 21.85 -36.05
C GLU D 160 -3.37 20.54 -36.36
N ALA D 161 -3.00 19.46 -35.64
CA ALA D 161 -3.48 18.12 -35.91
C ALA D 161 -4.92 17.92 -35.45
N TYR D 162 -5.31 18.44 -34.27
CA TYR D 162 -6.65 18.20 -33.75
C TYR D 162 -7.65 19.19 -34.37
N GLY D 163 -7.36 20.50 -34.25
CA GLY D 163 -8.08 21.53 -34.98
C GLY D 163 -9.44 21.89 -34.39
N LEU D 164 -9.71 21.43 -33.16
CA LEU D 164 -10.98 21.71 -32.49
C LEU D 164 -10.69 22.16 -31.06
N PRO D 165 -11.61 22.89 -30.38
CA PRO D 165 -11.41 23.26 -28.99
C PRO D 165 -10.97 22.07 -28.13
N PHE D 166 -9.91 22.25 -27.33
CA PHE D 166 -9.45 21.22 -26.41
C PHE D 166 -8.91 21.89 -25.14
N GLY D 167 -8.55 21.07 -24.14
CA GLY D 167 -7.99 21.57 -22.90
C GLY D 167 -6.66 20.91 -22.56
N VAL D 168 -6.00 21.43 -21.50
CA VAL D 168 -4.69 20.99 -21.06
C VAL D 168 -4.73 20.80 -19.54
N LYS D 169 -4.09 19.72 -19.08
CA LYS D 169 -3.88 19.45 -17.65
C LYS D 169 -2.51 19.98 -17.27
N MET D 170 -2.49 21.01 -16.42
CA MET D 170 -1.27 21.75 -16.11
C MET D 170 -0.67 21.26 -14.80
N PRO D 171 0.67 21.32 -14.65
CA PRO D 171 1.32 21.08 -13.37
C PRO D 171 1.09 22.27 -12.45
N PRO D 172 1.15 22.12 -11.12
CA PRO D 172 1.07 23.28 -10.25
C PRO D 172 2.29 24.19 -10.41
N TYR D 173 2.07 25.50 -10.50
CA TYR D 173 3.13 26.49 -10.47
C TYR D 173 3.13 27.16 -9.10
N PHE D 174 4.30 27.67 -8.66
CA PHE D 174 4.51 28.19 -7.32
C PHE D 174 5.20 29.55 -7.34
N ASP D 175 5.27 30.17 -8.52
CA ASP D 175 6.01 31.41 -8.73
C ASP D 175 5.23 32.31 -9.70
N ILE D 176 5.12 33.61 -9.39
CA ILE D 176 4.33 34.56 -10.18
C ILE D 176 4.89 34.65 -11.60
N ALA D 177 6.22 34.61 -11.78
CA ALA D 177 6.84 34.65 -13.09
C ALA D 177 6.45 33.41 -13.93
N HIS D 178 6.25 32.26 -13.26
CA HIS D 178 5.84 31.04 -13.92
C HIS D 178 4.38 31.14 -14.38
N PHE D 179 3.52 31.73 -13.54
CA PHE D 179 2.13 32.00 -13.92
C PHE D 179 2.10 32.81 -15.22
N ASP D 180 2.89 33.89 -15.25
CA ASP D 180 2.94 34.82 -16.38
C ASP D 180 3.43 34.12 -17.65
N MET D 181 4.50 33.31 -17.52
CA MET D 181 5.10 32.63 -18.67
C MET D 181 4.16 31.56 -19.22
N ALA D 182 3.56 30.75 -18.33
CA ALA D 182 2.58 29.74 -18.69
C ALA D 182 1.41 30.36 -19.44
N ALA D 183 0.86 31.45 -18.90
CA ALA D 183 -0.29 32.14 -19.49
C ALA D 183 0.05 32.69 -20.87
N ALA D 184 1.27 33.24 -21.02
CA ALA D 184 1.75 33.80 -22.27
C ALA D 184 1.77 32.72 -23.35
N VAL D 185 2.19 31.50 -22.98
CA VAL D 185 2.22 30.38 -23.91
C VAL D 185 0.79 29.96 -24.23
N LEU D 186 -0.03 29.73 -23.20
CA LEU D 186 -1.38 29.24 -23.37
C LEU D 186 -2.20 30.19 -24.23
N ASN D 187 -2.03 31.50 -24.00
CA ASN D 187 -2.83 32.51 -24.68
C ASN D 187 -2.48 32.58 -26.17
N ASP D 188 -1.32 32.05 -26.59
CA ASP D 188 -0.96 32.01 -28.00
C ASP D 188 -1.73 30.93 -28.78
N PHE D 189 -2.58 30.13 -28.11
CA PHE D 189 -3.30 29.04 -28.75
C PHE D 189 -4.80 29.16 -28.46
N PRO D 190 -5.56 29.82 -29.36
CA PRO D 190 -6.98 30.04 -29.16
C PRO D 190 -7.80 28.77 -29.03
N LEU D 191 -7.33 27.67 -29.65
CA LEU D 191 -8.03 26.39 -29.59
C LEU D 191 -7.95 25.75 -28.20
N VAL D 192 -6.97 26.14 -27.37
CA VAL D 192 -6.95 25.69 -25.98
C VAL D 192 -8.04 26.46 -25.26
N LYS D 193 -9.19 25.82 -25.03
CA LYS D 193 -10.38 26.50 -24.53
C LYS D 193 -10.57 26.26 -23.02
N PHE D 194 -9.88 25.27 -22.43
CA PHE D 194 -9.88 25.12 -20.98
C PHE D 194 -8.51 24.67 -20.47
N ILE D 195 -8.26 25.01 -19.20
CA ILE D 195 -7.06 24.67 -18.45
C ILE D 195 -7.50 23.95 -17.18
N THR D 196 -7.00 22.73 -16.94
CA THR D 196 -7.24 22.03 -15.68
C THR D 196 -6.05 22.24 -14.74
N CYS D 197 -6.32 22.91 -13.61
CA CYS D 197 -5.39 23.20 -12.53
C CYS D 197 -5.89 22.48 -11.27
N VAL D 198 -5.19 21.47 -10.76
CA VAL D 198 -3.81 21.13 -11.08
C VAL D 198 -3.61 19.62 -11.05
N ASN D 199 -2.53 19.16 -11.69
CA ASN D 199 -2.05 17.78 -11.55
CA ASN D 199 -2.07 17.79 -11.55
C ASN D 199 -1.45 17.66 -10.15
N SER D 200 -0.98 16.45 -9.79
CA SER D 200 -0.40 16.22 -8.47
C SER D 200 0.84 17.10 -8.27
N ILE D 201 1.12 17.45 -7.01
CA ILE D 201 2.36 18.13 -6.64
C ILE D 201 3.48 17.10 -6.73
N GLY D 202 4.38 17.28 -7.70
CA GLY D 202 5.29 16.23 -8.11
C GLY D 202 6.40 15.97 -7.09
N ASN D 203 6.83 14.70 -7.04
CA ASN D 203 8.12 14.32 -6.47
C ASN D 203 8.20 14.71 -5.00
N GLY D 204 7.13 14.42 -4.25
CA GLY D 204 7.18 14.37 -2.80
C GLY D 204 7.71 13.02 -2.33
N LEU D 205 8.04 12.93 -1.04
CA LEU D 205 8.58 11.72 -0.45
C LEU D 205 7.90 11.44 0.88
N VAL D 206 7.34 10.22 1.02
CA VAL D 206 6.74 9.75 2.25
C VAL D 206 7.55 8.57 2.80
N ILE D 207 7.89 8.68 4.10
CA ILE D 207 8.67 7.68 4.83
C ILE D 207 7.84 7.20 6.02
N ASP D 208 7.84 5.87 6.24
CA ASP D 208 7.18 5.26 7.39
C ASP D 208 8.15 5.23 8.56
N PRO D 209 7.88 5.97 9.67
CA PRO D 209 8.80 6.03 10.80
C PRO D 209 9.00 4.66 11.43
N ALA D 210 7.94 3.84 11.40
CA ALA D 210 7.95 2.51 11.99
C ALA D 210 9.09 1.65 11.42
N ASN D 211 9.22 1.59 10.08
CA ASN D 211 10.17 0.69 9.45
C ASN D 211 11.28 1.45 8.73
N GLU D 212 11.28 2.79 8.81
CA GLU D 212 12.33 3.63 8.26
C GLU D 212 12.45 3.49 6.74
N THR D 213 11.36 3.05 6.07
CA THR D 213 11.39 2.78 4.63
C THR D 213 10.35 3.66 3.92
N VAL D 214 10.67 4.06 2.68
CA VAL D 214 9.76 4.78 1.82
C VAL D 214 8.52 3.89 1.58
N VAL D 215 7.39 4.49 1.18
CA VAL D 215 6.13 3.77 1.09
C VAL D 215 5.84 3.31 -0.35
N ILE D 216 6.58 3.84 -1.34
CA ILE D 216 6.42 3.41 -2.72
C ILE D 216 7.78 3.04 -3.30
N LYS D 217 7.78 2.07 -4.24
CA LYS D 217 8.99 1.49 -4.80
C LYS D 217 9.62 2.37 -5.90
N PRO D 218 8.87 2.90 -6.89
CA PRO D 218 9.48 3.66 -7.97
C PRO D 218 10.21 4.91 -7.49
N LYS D 219 11.28 5.28 -8.22
CA LYS D 219 11.96 6.56 -8.05
C LYS D 219 12.35 6.78 -6.60
N GLN D 220 12.83 5.73 -5.93
CA GLN D 220 13.34 5.83 -4.57
C GLN D 220 12.33 6.45 -3.62
N GLY D 221 11.03 6.25 -3.89
CA GLY D 221 9.98 6.67 -2.99
C GLY D 221 9.30 7.97 -3.42
N PHE D 222 9.78 8.59 -4.50
CA PHE D 222 9.30 9.89 -4.94
C PHE D 222 8.05 9.73 -5.81
N GLY D 223 6.99 10.49 -5.48
CA GLY D 223 5.69 10.35 -6.12
C GLY D 223 4.87 11.62 -6.03
N GLY D 224 3.78 11.66 -6.80
CA GLY D 224 2.88 12.81 -6.83
C GLY D 224 1.98 12.84 -5.61
N LEU D 225 1.84 14.03 -5.02
CA LEU D 225 0.99 14.28 -3.87
C LEU D 225 -0.40 14.72 -4.33
N GLY D 226 -1.43 14.12 -3.72
CA GLY D 226 -2.80 14.54 -3.94
C GLY D 226 -3.54 14.69 -2.62
N GLY D 227 -4.74 15.29 -2.68
CA GLY D 227 -5.65 15.38 -1.55
C GLY D 227 -5.48 16.70 -0.81
N LYS D 228 -5.59 16.65 0.53
CA LYS D 228 -5.64 17.83 1.37
C LYS D 228 -4.35 18.65 1.26
N TYR D 229 -3.25 18.00 0.90
CA TYR D 229 -1.98 18.68 0.68
C TYR D 229 -2.09 19.76 -0.39
N VAL D 230 -2.99 19.61 -1.37
CA VAL D 230 -2.86 20.37 -2.61
C VAL D 230 -3.91 21.49 -2.72
N LEU D 231 -4.84 21.62 -1.76
CA LEU D 231 -5.97 22.55 -1.89
C LEU D 231 -5.49 23.99 -2.09
N PRO D 232 -4.71 24.63 -1.18
CA PRO D 232 -4.28 26.01 -1.40
C PRO D 232 -3.53 26.22 -2.72
N THR D 233 -2.74 25.22 -3.12
CA THR D 233 -1.98 25.26 -4.37
C THR D 233 -2.96 25.30 -5.56
N ALA D 234 -3.95 24.39 -5.52
CA ALA D 234 -4.95 24.25 -6.56
C ALA D 234 -5.76 25.54 -6.71
N LEU D 235 -6.21 26.11 -5.59
CA LEU D 235 -7.01 27.33 -5.64
C LEU D 235 -6.21 28.46 -6.28
N ALA D 236 -4.92 28.57 -5.90
CA ALA D 236 -4.05 29.62 -6.41
C ALA D 236 -3.90 29.51 -7.92
N ASN D 237 -3.70 28.28 -8.42
CA ASN D 237 -3.47 28.06 -9.84
C ASN D 237 -4.74 28.36 -10.61
N VAL D 238 -5.88 27.90 -10.08
CA VAL D 238 -7.19 28.15 -10.67
C VAL D 238 -7.39 29.67 -10.83
N ASN D 239 -7.14 30.44 -9.76
CA ASN D 239 -7.42 31.87 -9.76
C ASN D 239 -6.43 32.61 -10.68
N ALA D 240 -5.16 32.16 -10.68
CA ALA D 240 -4.11 32.82 -11.45
C ALA D 240 -4.42 32.74 -12.95
N PHE D 241 -4.86 31.55 -13.42
CA PHE D 241 -5.14 31.35 -14.83
C PHE D 241 -6.50 31.95 -15.20
N PHE D 242 -7.46 31.91 -14.26
CA PHE D 242 -8.77 32.50 -14.47
C PHE D 242 -8.61 33.97 -14.86
N ARG D 243 -7.72 34.67 -14.15
CA ARG D 243 -7.44 36.07 -14.42
C ARG D 243 -6.57 36.23 -15.69
N ARG D 244 -5.53 35.40 -15.86
CA ARG D 244 -4.56 35.62 -16.94
C ARG D 244 -5.07 35.12 -18.30
N CYS D 245 -6.03 34.19 -18.31
CA CYS D 245 -6.49 33.55 -19.55
C CYS D 245 -8.00 33.76 -19.70
N PRO D 246 -8.46 35.01 -19.91
CA PRO D 246 -9.89 35.33 -19.90
C PRO D 246 -10.74 34.65 -20.98
N ASP D 247 -10.12 34.18 -22.07
CA ASP D 247 -10.88 33.49 -23.11
C ASP D 247 -10.81 31.98 -22.91
N LYS D 248 -10.36 31.53 -21.74
CA LYS D 248 -10.29 30.10 -21.46
C LYS D 248 -11.12 29.81 -20.22
N LEU D 249 -11.72 28.62 -20.17
CA LEU D 249 -12.34 28.14 -18.95
C LEU D 249 -11.25 27.51 -18.09
N VAL D 250 -11.46 27.48 -16.77
CA VAL D 250 -10.57 26.81 -15.84
C VAL D 250 -11.34 25.69 -15.14
N PHE D 251 -10.77 24.48 -15.16
CA PHE D 251 -11.29 23.34 -14.40
C PHE D 251 -10.43 23.18 -13.14
N GLY D 252 -11.09 23.15 -11.98
CA GLY D 252 -10.39 23.02 -10.70
C GLY D 252 -10.18 21.54 -10.35
N CYS D 253 -8.99 21.22 -9.84
CA CYS D 253 -8.65 19.88 -9.42
C CYS D 253 -7.59 19.96 -8.33
N GLY D 254 -7.89 19.41 -7.15
CA GLY D 254 -6.96 19.41 -6.03
C GLY D 254 -7.68 19.61 -4.69
N GLY D 255 -7.69 18.57 -3.86
CA GLY D 255 -8.08 18.66 -2.47
C GLY D 255 -9.59 18.76 -2.25
N VAL D 256 -10.42 18.33 -3.20
CA VAL D 256 -11.87 18.37 -3.03
C VAL D 256 -12.33 17.12 -2.28
N TYR D 257 -12.81 17.31 -1.04
CA TYR D 257 -13.41 16.25 -0.23
C TYR D 257 -14.89 16.53 0.08
N SER D 258 -15.35 17.75 -0.23
CA SER D 258 -16.69 18.17 0.17
C SER D 258 -17.18 19.36 -0.66
N GLY D 259 -18.47 19.64 -0.51
CA GLY D 259 -19.12 20.79 -1.13
C GLY D 259 -18.36 22.09 -0.86
N GLU D 260 -17.85 22.24 0.36
CA GLU D 260 -17.08 23.42 0.74
C GLU D 260 -15.89 23.63 -0.19
N GLU D 261 -15.11 22.58 -0.46
CA GLU D 261 -13.95 22.69 -1.35
C GLU D 261 -14.40 23.01 -2.77
N ALA D 262 -15.47 22.35 -3.24
CA ALA D 262 -16.02 22.61 -4.55
C ALA D 262 -16.43 24.08 -4.68
N PHE D 263 -17.02 24.61 -3.61
CA PHE D 263 -17.46 26.00 -3.54
C PHE D 263 -16.29 26.97 -3.69
N LEU D 264 -15.17 26.67 -3.01
CA LEU D 264 -13.98 27.51 -3.04
C LEU D 264 -13.36 27.52 -4.44
N HIS D 265 -13.27 26.34 -5.08
CA HIS D 265 -12.78 26.21 -6.44
C HIS D 265 -13.59 27.08 -7.39
N ILE D 266 -14.92 26.98 -7.34
CA ILE D 266 -15.79 27.73 -8.24
C ILE D 266 -15.63 29.23 -7.96
N LEU D 267 -15.53 29.58 -6.67
CA LEU D 267 -15.32 30.95 -6.23
C LEU D 267 -14.03 31.51 -6.84
N ALA D 268 -12.97 30.67 -6.89
CA ALA D 268 -11.67 31.04 -7.44
C ALA D 268 -11.69 31.15 -8.96
N GLY D 269 -12.67 30.47 -9.60
CA GLY D 269 -12.94 30.68 -11.02
C GLY D 269 -13.27 29.39 -11.79
N ALA D 270 -13.42 28.24 -11.10
CA ALA D 270 -13.56 26.96 -11.79
C ALA D 270 -14.96 26.81 -12.41
N SER D 271 -15.01 26.29 -13.64
CA SER D 271 -16.25 25.94 -14.33
C SER D 271 -16.69 24.52 -13.96
N MET D 272 -15.74 23.58 -13.98
CA MET D 272 -15.93 22.21 -13.52
C MET D 272 -14.96 21.95 -12.36
N VAL D 273 -15.28 20.95 -11.53
CA VAL D 273 -14.47 20.57 -10.38
C VAL D 273 -14.21 19.07 -10.46
N GLN D 274 -12.92 18.68 -10.48
CA GLN D 274 -12.54 17.27 -10.56
C GLN D 274 -12.13 16.77 -9.18
N VAL D 275 -12.39 15.47 -8.92
CA VAL D 275 -12.14 14.84 -7.63
C VAL D 275 -11.27 13.60 -7.84
N GLY D 276 -10.09 13.56 -7.20
CA GLY D 276 -9.16 12.44 -7.33
C GLY D 276 -9.13 11.59 -6.07
N THR D 277 -8.28 11.97 -5.11
CA THR D 277 -7.98 11.15 -3.94
C THR D 277 -9.26 10.80 -3.18
N ALA D 278 -10.15 11.78 -2.98
CA ALA D 278 -11.36 11.54 -2.19
C ALA D 278 -12.25 10.51 -2.89
N LEU D 279 -12.29 10.53 -4.23
CA LEU D 279 -13.03 9.55 -5.02
C LEU D 279 -12.38 8.17 -4.91
N HIS D 280 -11.04 8.14 -4.96
CA HIS D 280 -10.29 6.91 -4.82
C HIS D 280 -10.66 6.23 -3.50
N ASP D 281 -10.79 7.03 -2.44
CA ASP D 281 -11.09 6.51 -1.11
C ASP D 281 -12.57 6.11 -1.02
N GLU D 282 -13.47 7.01 -1.43
CA GLU D 282 -14.89 6.93 -1.10
C GLU D 282 -15.68 6.17 -2.16
N GLY D 283 -15.20 6.18 -3.41
CA GLY D 283 -15.92 5.54 -4.51
C GLY D 283 -17.00 6.44 -5.10
N PRO D 284 -17.64 6.04 -6.22
CA PRO D 284 -18.52 6.91 -7.00
C PRO D 284 -19.72 7.52 -6.27
N ILE D 285 -20.02 7.06 -5.04
CA ILE D 285 -21.10 7.59 -4.22
C ILE D 285 -20.79 9.01 -3.75
N ILE D 286 -19.50 9.40 -3.78
CA ILE D 286 -19.08 10.74 -3.37
C ILE D 286 -19.79 11.82 -4.18
N PHE D 287 -20.12 11.56 -5.45
CA PHE D 287 -20.72 12.54 -6.34
C PHE D 287 -22.13 12.89 -5.86
N ALA D 288 -22.88 11.90 -5.37
CA ALA D 288 -24.20 12.13 -4.80
C ALA D 288 -24.10 13.07 -3.59
N ARG D 289 -23.09 12.85 -2.74
CA ARG D 289 -22.89 13.65 -1.53
C ARG D 289 -22.44 15.07 -1.86
N LEU D 290 -21.61 15.21 -2.92
CA LEU D 290 -21.06 16.50 -3.30
C LEU D 290 -22.15 17.41 -3.86
N ASN D 291 -23.04 16.86 -4.70
CA ASN D 291 -24.20 17.57 -5.21
C ASN D 291 -25.02 18.14 -4.05
N LYS D 292 -25.28 17.30 -3.04
CA LYS D 292 -26.06 17.65 -1.86
C LYS D 292 -25.39 18.80 -1.09
N GLU D 293 -24.10 18.62 -0.74
CA GLU D 293 -23.39 19.59 0.08
C GLU D 293 -23.24 20.94 -0.64
N LEU D 294 -23.02 20.92 -1.96
CA LEU D 294 -22.90 22.15 -2.73
C LEU D 294 -24.24 22.88 -2.75
N GLN D 295 -25.34 22.13 -2.94
CA GLN D 295 -26.69 22.68 -2.90
C GLN D 295 -26.96 23.36 -1.56
N GLU D 296 -26.59 22.70 -0.46
CA GLU D 296 -26.81 23.21 0.89
C GLU D 296 -26.11 24.57 1.08
N ILE D 297 -24.86 24.69 0.58
CA ILE D 297 -24.08 25.92 0.72
C ILE D 297 -24.73 27.04 -0.10
N MET D 298 -25.18 26.72 -1.32
CA MET D 298 -25.80 27.69 -2.22
C MET D 298 -27.15 28.17 -1.66
N THR D 299 -27.95 27.24 -1.11
CA THR D 299 -29.20 27.58 -0.44
C THR D 299 -28.92 28.59 0.65
N ASN D 300 -27.93 28.29 1.51
CA ASN D 300 -27.58 29.13 2.64
C ASN D 300 -27.17 30.53 2.20
N LYS D 301 -26.51 30.65 1.04
CA LYS D 301 -26.02 31.92 0.56
C LYS D 301 -26.98 32.57 -0.42
N GLY D 302 -28.03 31.84 -0.83
CA GLY D 302 -29.06 32.35 -1.72
C GLY D 302 -28.59 32.45 -3.17
N TYR D 303 -27.75 31.49 -3.59
CA TYR D 303 -27.31 31.40 -4.98
C TYR D 303 -28.20 30.41 -5.72
N LYS D 304 -28.65 30.82 -6.91
CA LYS D 304 -29.54 30.04 -7.76
C LYS D 304 -28.72 29.13 -8.69
N THR D 305 -27.70 29.72 -9.32
CA THR D 305 -26.81 29.01 -10.25
C THR D 305 -25.35 29.23 -9.84
N LEU D 306 -24.45 28.45 -10.43
CA LEU D 306 -23.02 28.55 -10.17
C LEU D 306 -22.46 29.89 -10.63
N ASP D 307 -22.96 30.39 -11.77
CA ASP D 307 -22.43 31.58 -12.42
C ASP D 307 -22.73 32.83 -11.58
N GLU D 308 -23.48 32.66 -10.49
CA GLU D 308 -23.75 33.73 -9.53
C GLU D 308 -22.55 33.95 -8.60
N PHE D 309 -21.63 32.99 -8.49
CA PHE D 309 -20.46 33.19 -7.64
C PHE D 309 -19.16 32.69 -8.28
N ARG D 310 -19.22 32.13 -9.50
CA ARG D 310 -18.02 31.68 -10.19
C ARG D 310 -17.06 32.86 -10.37
N GLY D 311 -15.83 32.72 -9.85
CA GLY D 311 -14.77 33.70 -10.04
C GLY D 311 -15.02 35.00 -9.28
N ARG D 312 -15.88 34.96 -8.26
CA ARG D 312 -16.28 36.14 -7.50
C ARG D 312 -15.53 36.25 -6.17
N VAL D 313 -14.48 35.43 -5.99
CA VAL D 313 -13.64 35.52 -4.80
C VAL D 313 -13.28 36.98 -4.59
N LYS D 314 -13.33 37.45 -3.34
CA LYS D 314 -13.03 38.85 -3.03
C LYS D 314 -11.61 38.97 -2.48
N THR D 315 -10.88 40.00 -2.91
CA THR D 315 -9.61 40.35 -2.28
C THR D 315 -9.86 41.50 -1.30
N MET D 316 -8.87 41.73 -0.43
CA MET D 316 -8.87 42.89 0.46
C MET D 316 -8.08 44.01 -0.23
C9A FNR E . -5.85 -28.62 17.48
N10 FNR E . -7.05 -28.21 16.82
CAA FNR E . -8.24 -28.86 17.08
N1 FNR E . -9.42 -28.32 16.63
C2 FNR E . -10.63 -28.89 16.92
O2 FNR E . -11.65 -28.39 16.49
N3 FNR E . -10.63 -30.02 17.70
C4 FNR E . -9.49 -30.63 18.21
O4 FNR E . -9.61 -31.64 18.90
C4A FNR E . -8.24 -30.04 17.90
N5 FNR E . -7.05 -30.52 18.36
C5A FNR E . -5.87 -29.81 18.26
C6 FNR E . -4.73 -30.19 18.95
C7 FNR E . -3.57 -29.46 18.89
C7M FNR E . -2.36 -29.93 19.65
C8 FNR E . -3.54 -28.26 18.10
C8M FNR E . -2.32 -27.39 18.00
C9 FNR E . -4.68 -27.87 17.44
C1' FNR E . -7.08 -26.94 16.05
C2' FNR E . -7.21 -25.74 16.97
O2' FNR E . -8.46 -25.76 17.66
C3' FNR E . -7.11 -24.43 16.16
O3' FNR E . -8.21 -24.36 15.28
C4' FNR E . -5.82 -24.25 15.36
O4' FNR E . -4.71 -24.78 16.11
C5' FNR E . -5.53 -22.81 14.98
O5' FNR E . -5.41 -21.99 16.18
P FNR E . -3.93 -21.50 16.65
O1P FNR E . -3.16 -22.76 16.99
O2P FNR E . -3.33 -20.74 15.50
O3P FNR E . -4.24 -20.65 17.88
O2 DOR F . -5.55 -29.82 14.00
C2 DOR F . -6.40 -30.57 14.49
N1 DOR F . -6.07 -31.67 15.18
N3 DOR F . -7.73 -30.32 14.37
C4 DOR F . -8.76 -31.18 14.71
O4 DOR F . -9.92 -30.85 14.59
C5 DOR F . -8.37 -32.54 15.20
C6 DOR F . -7.03 -32.51 15.91
C7 DOR F . -6.55 -33.92 16.13
O72 DOR F . -5.86 -34.42 15.29
O71 DOR F . -6.94 -34.45 17.15
C1 MLI G . -14.51 -10.50 -0.17
C2 MLI G . -14.72 -9.92 -1.56
C3 MLI G . -15.64 -11.47 0.19
O6 MLI G . -14.25 -10.55 -2.54
O7 MLI G . -15.38 -8.87 -1.65
O8 MLI G . -16.32 -11.92 -0.75
O9 MLI G . -15.82 -11.75 1.38
C1 MLI H . -7.77 -45.33 17.04
C2 MLI H . -7.33 -44.52 18.25
C3 MLI H . -8.85 -46.37 17.28
O6 MLI H . -6.66 -43.50 18.05
O7 MLI H . -7.67 -44.91 19.38
O8 MLI H . -9.37 -46.91 16.28
O9 MLI H . -9.16 -46.65 18.45
C1 MLI I . -2.54 -31.12 23.67
C2 MLI I . -2.71 -30.30 24.95
C3 MLI I . -1.45 -32.16 23.92
O6 MLI I . -3.06 -30.91 25.99
O7 MLI I . -2.47 -29.09 24.89
O8 MLI I . -1.79 -33.27 24.35
O9 MLI I . -0.27 -31.82 23.72
C9A FNR J . 2.04 -13.71 -7.81
N10 FNR J . 1.70 -15.03 -8.15
CAA FNR J . 1.35 -15.31 -9.46
N1 FNR J . 1.21 -16.61 -9.88
C2 FNR J . 0.93 -16.93 -11.17
O2 FNR J . 0.82 -18.10 -11.51
N3 FNR J . 0.76 -15.90 -12.06
C4 FNR J . 0.88 -14.55 -11.74
O4 FNR J . 0.73 -13.70 -12.62
C4A FNR J . 1.16 -14.25 -10.40
N5 FNR J . 1.34 -12.96 -9.99
C5A FNR J . 1.86 -12.67 -8.74
C6 FNR J . 2.22 -11.38 -8.42
C7 FNR J . 2.77 -11.08 -7.21
C7M FNR J . 3.15 -9.66 -6.90
C8 FNR J . 2.96 -12.12 -6.24
C8M FNR J . 3.54 -11.88 -4.88
C9 FNR J . 2.60 -13.41 -6.57
C1' FNR J . 1.95 -16.11 -7.18
C2' FNR J . 3.41 -16.54 -7.24
O2' FNR J . 3.77 -17.00 -8.56
C3' FNR J . 3.70 -17.65 -6.23
O3' FNR J . 2.99 -18.81 -6.65
C4' FNR J . 3.34 -17.29 -4.77
O4' FNR J . 3.64 -15.93 -4.50
C5' FNR J . 4.05 -18.16 -3.76
O5' FNR J . 5.50 -18.01 -3.85
P FNR J . 6.31 -17.15 -2.75
O1P FNR J . 5.97 -17.73 -1.38
O2P FNR J . 5.78 -15.74 -2.96
O3P FNR J . 7.75 -17.35 -3.15
O2 DOR K . -1.13 -14.35 -6.31
C2 DOR K . -1.42 -14.24 -7.51
N1 DOR K . -1.56 -13.05 -8.10
N3 DOR K . -1.57 -15.33 -8.31
C4 DOR K . -2.02 -15.33 -9.61
O4 DOR K . -2.04 -16.36 -10.26
C5 DOR K . -2.51 -14.03 -10.16
C6 DOR K . -1.79 -12.84 -9.53
C7 DOR K . -2.57 -11.57 -9.84
O72 DOR K . -2.23 -11.01 -10.86
O71 DOR K . -3.47 -11.22 -9.10
C1 MLI L . 0.05 -38.01 2.81
C2 MLI L . -0.51 -38.09 1.39
C3 MLI L . -0.63 -39.05 3.70
O6 MLI L . 0.13 -37.54 0.46
O7 MLI L . -1.58 -38.71 1.24
O8 MLI L . -0.17 -40.20 3.70
O9 MLI L . -1.63 -38.70 4.35
C1 MLI M . -10.02 -5.30 -16.47
C2 MLI M . -10.69 -5.06 -15.12
C3 MLI M . -8.53 -4.96 -16.48
O6 MLI M . -11.91 -4.83 -15.10
O7 MLI M . -9.97 -5.08 -14.08
O8 MLI M . -7.88 -5.15 -15.43
O9 MLI M . -8.03 -4.51 -17.53
C1 MLI N . 5.35 -7.15 -9.88
C2 MLI N . 6.85 -7.11 -10.21
C3 MLI N . 4.87 -5.75 -9.54
O6 MLI N . 7.22 -6.46 -11.21
O7 MLI N . 7.61 -7.75 -9.45
O8 MLI N . 5.01 -5.35 -8.38
O9 MLI N . 4.37 -5.07 -10.46
C9A FNR O . 8.76 32.13 7.00
N10 FNR O . 9.79 31.60 6.19
CAA FNR O . 10.95 32.35 5.96
N1 FNR O . 12.04 31.80 5.32
C2 FNR O . 13.18 32.51 5.12
O2 FNR O . 14.15 32.00 4.56
N3 FNR O . 13.22 33.80 5.58
C4 FNR O . 12.19 34.44 6.24
O4 FNR O . 12.33 35.60 6.60
C4A FNR O . 11.00 33.70 6.43
N5 FNR O . 9.93 34.23 7.06
C5A FNR O . 8.83 33.48 7.41
C6 FNR O . 7.83 34.02 8.22
C7 FNR O . 6.75 33.27 8.60
C7M FNR O . 5.68 33.90 9.46
C8 FNR O . 6.66 31.89 8.18
C8M FNR O . 5.50 31.03 8.57
C9 FNR O . 7.66 31.37 7.41
C1' FNR O . 9.70 30.18 5.75
C2' FNR O . 10.18 29.24 6.84
O2' FNR O . 11.55 29.51 7.14
C3' FNR O . 10.05 27.78 6.40
O3' FNR O . 10.92 27.58 5.28
C4' FNR O . 8.62 27.36 6.04
O4' FNR O . 7.68 27.96 6.92
C5' FNR O . 8.43 25.86 6.09
O5' FNR O . 8.61 25.39 7.46
P FNR O . 7.33 25.05 8.38
O1P FNR O . 6.56 26.35 8.53
O2P FNR O . 6.52 23.96 7.68
O3P FNR O . 7.94 24.57 9.69
O2 DOR P . 7.61 32.22 3.46
C2 DOR P . 8.44 33.14 3.50
N1 DOR P . 8.13 34.35 4.00
N3 DOR P . 9.70 32.98 3.07
C4 DOR P . 10.65 33.97 2.94
O4 DOR P . 11.81 33.71 2.64
C5 DOR P . 10.18 35.37 3.13
C6 DOR P . 9.07 35.46 4.17
C7 DOR P . 8.46 36.84 4.10
O72 DOR P . 7.53 37.03 3.35
O71 DOR P . 8.99 37.70 4.79
C1 MLI Q . 14.59 10.39 -7.08
C2 MLI Q . 14.47 9.46 -8.29
C3 MLI Q . 15.72 11.40 -7.27
O6 MLI Q . 13.72 9.82 -9.24
O7 MLI Q . 15.13 8.42 -8.30
O8 MLI Q . 16.17 11.54 -8.41
O9 MLI Q . 16.13 12.04 -6.27
C1 MLI R . 8.56 48.08 1.50
C2 MLI R . 8.71 47.88 3.00
C3 MLI R . 9.31 49.27 0.90
O6 MLI R . 8.15 46.90 3.51
O7 MLI R . 9.39 48.70 3.65
O8 MLI R . 8.93 49.71 -0.20
O9 MLI R . 10.28 49.73 1.54
C9A FNR S . -3.66 10.83 -10.64
N10 FNR S . -3.54 12.01 -11.42
CAA FNR S . -3.55 11.93 -12.81
N1 FNR S . -3.63 13.07 -13.58
C2 FNR S . -3.70 13.00 -14.95
O2 FNR S . -3.78 14.02 -15.61
N3 FNR S . -3.68 11.77 -15.53
C4 FNR S . -3.59 10.58 -14.83
O4 FNR S . -3.58 9.52 -15.46
C4A FNR S . -3.51 10.66 -13.43
N5 FNR S . -3.46 9.54 -12.66
C5A FNR S . -3.60 9.59 -11.29
C6 FNR S . -3.74 8.42 -10.55
C7 FNR S . -3.92 8.46 -9.20
C7M FNR S . -4.05 7.16 -8.44
C8 FNR S . -3.98 9.73 -8.53
C8M FNR S . -4.18 9.82 -7.04
C9 FNR S . -3.85 10.88 -9.26
C1' FNR S . -3.60 13.33 -10.73
C2' FNR S . -5.05 13.74 -10.47
O2' FNR S . -5.78 13.81 -11.70
C3' FNR S . -5.15 15.09 -9.75
O3' FNR S . -4.64 16.10 -10.61
C4' FNR S . -4.43 15.13 -8.39
O4' FNR S . -4.57 13.87 -7.73
C5' FNR S . -4.95 16.23 -7.49
O5' FNR S . -6.37 16.05 -7.23
P FNR S . -6.84 15.44 -5.79
O1P FNR S . -6.29 16.39 -4.75
O2P FNR S . -6.22 14.05 -5.70
O3P FNR S . -8.36 15.41 -5.83
O2 DOR T . -0.25 11.89 -10.36
C2 DOR T . -0.27 11.46 -11.53
N1 DOR T . -0.13 10.17 -11.84
N3 DOR T . -0.47 12.29 -12.57
C4 DOR T . -0.33 11.97 -13.90
O4 DOR T . -0.64 12.77 -14.78
C5 DOR T . 0.27 10.64 -14.20
C6 DOR T . -0.23 9.62 -13.18
C7 DOR T . 0.50 8.30 -13.33
O72 DOR T . -0.03 7.43 -13.97
O71 DOR T . 1.57 8.21 -12.79
C1 MLI U . -1.09 37.00 -7.52
C2 MLI U . -1.02 36.69 -9.02
C3 MLI U . -0.48 38.36 -7.22
O6 MLI U . -1.93 36.02 -9.52
O7 MLI U . -0.05 37.14 -9.66
O8 MLI U . -1.19 39.36 -7.38
O9 MLI U . 0.72 38.39 -6.88
C1 MLI V . 6.10 -0.01 -19.82
C2 MLI V . 7.24 -0.16 -18.81
C3 MLI V . 4.74 -0.30 -19.19
O6 MLI V . 8.31 -0.67 -19.21
O7 MLI V . 7.05 0.21 -17.64
O8 MLI V . 4.37 0.40 -18.23
O9 MLI V . 4.08 -1.23 -19.66
C1 MLI W . -6.73 4.29 -9.51
C2 MLI W . -6.08 2.96 -9.19
C3 MLI W . -8.25 4.16 -9.57
O6 MLI W . -5.87 2.68 -8.00
O7 MLI W . -5.84 2.18 -10.13
O8 MLI W . -8.94 4.90 -8.87
O9 MLI W . -8.72 3.28 -10.32
#